data_8QJK
# 
_entry.id   8QJK 
# 
_audit_conform.dict_name       mmcif_pdbx.dic 
_audit_conform.dict_version    5.402 
_audit_conform.dict_location   http://mmcif.pdb.org/dictionaries/ascii/mmcif_pdbx.dic 
# 
loop_
_database_2.database_id 
_database_2.database_code 
_database_2.pdbx_database_accession 
_database_2.pdbx_DOI 
PDB   8QJK         pdb_00008qjk 10.2210/pdb8qjk/pdb 
WWPDB D_1292131361 ?            ?                   
# 
loop_
_pdbx_audit_revision_history.ordinal 
_pdbx_audit_revision_history.data_content_type 
_pdbx_audit_revision_history.major_revision 
_pdbx_audit_revision_history.minor_revision 
_pdbx_audit_revision_history.revision_date 
1 'Structure model' 1 0 2024-08-07 
2 'Structure model' 1 1 2025-02-26 
# 
_pdbx_audit_revision_details.ordinal             1 
_pdbx_audit_revision_details.revision_ordinal    1 
_pdbx_audit_revision_details.data_content_type   'Structure model' 
_pdbx_audit_revision_details.provider            repository 
_pdbx_audit_revision_details.type                'Initial release' 
_pdbx_audit_revision_details.description         ? 
_pdbx_audit_revision_details.details             ? 
# 
loop_
_pdbx_audit_revision_group.ordinal 
_pdbx_audit_revision_group.revision_ordinal 
_pdbx_audit_revision_group.data_content_type 
_pdbx_audit_revision_group.group 
1 2 'Structure model' 'Database references' 
2 2 'Structure model' 'Structure summary'   
# 
loop_
_pdbx_audit_revision_category.ordinal 
_pdbx_audit_revision_category.revision_ordinal 
_pdbx_audit_revision_category.data_content_type 
_pdbx_audit_revision_category.category 
1 2 'Structure model' citation           
2 2 'Structure model' citation_author    
3 2 'Structure model' pdbx_entry_details 
# 
loop_
_pdbx_audit_revision_item.ordinal 
_pdbx_audit_revision_item.revision_ordinal 
_pdbx_audit_revision_item.data_content_type 
_pdbx_audit_revision_item.item 
1  2 'Structure model' '_citation.country'                            
2  2 'Structure model' '_citation.journal_abbrev'                     
3  2 'Structure model' '_citation.journal_id_ASTM'                    
4  2 'Structure model' '_citation.journal_id_CSD'                     
5  2 'Structure model' '_citation.journal_id_ISSN'                    
6  2 'Structure model' '_citation.journal_volume'                     
7  2 'Structure model' '_citation.page_first'                         
8  2 'Structure model' '_citation.page_last'                          
9  2 'Structure model' '_citation.pdbx_database_id_DOI'               
10 2 'Structure model' '_citation.pdbx_database_id_PubMed'            
11 2 'Structure model' '_citation.title'                              
12 2 'Structure model' '_citation.year'                               
13 2 'Structure model' '_citation_author.identifier_ORCID'            
14 2 'Structure model' '_citation_author.name'                        
15 2 'Structure model' '_pdbx_entry_details.has_protein_modification' 
# 
_pdbx_database_status.status_code                     REL 
_pdbx_database_status.status_code_sf                  REL 
_pdbx_database_status.status_code_mr                  ? 
_pdbx_database_status.entry_id                        8QJK 
_pdbx_database_status.recvd_initial_deposition_date   2023-09-13 
_pdbx_database_status.SG_entry                        N 
_pdbx_database_status.deposit_site                    PDBE 
_pdbx_database_status.process_site                    PDBE 
_pdbx_database_status.status_code_cs                  ? 
_pdbx_database_status.status_code_nmr_data            ? 
_pdbx_database_status.methods_development_category    ? 
_pdbx_database_status.pdb_format_compatible           Y 
# 
loop_
_pdbx_contact_author.id 
_pdbx_contact_author.email 
_pdbx_contact_author.name_first 
_pdbx_contact_author.name_last 
_pdbx_contact_author.name_mi 
_pdbx_contact_author.role 
_pdbx_contact_author.identifier_ORCID 
2 tmg@st-andrews.ac.uk  Tracey  Gloster ? 'principal investigator/group leader' 0000-0003-4692-2222 
3 mfw2@st-andrews.ac.uk Malcolm White   F 'principal investigator/group leader' 0000-0003-1543-9342 
# 
loop_
_audit_author.name 
_audit_author.pdbx_ordinal 
_audit_author.identifier_ORCID 
'McMahon, S.A.' 1 0000-0003-4273-8364 
'McQuarrie, S.' 2 0000-0003-4828-4842 
'Gloster, T.M.' 3 0000-0003-4692-2222 
'Gruschow, S.'  4 ?                   
'White, M.F.'   5 0000-0003-1543-9342 
# 
_citation.abstract                  ? 
_citation.abstract_id_CAS           ? 
_citation.book_id_ISBN              ? 
_citation.book_publisher            ? 
_citation.book_publisher_city       ? 
_citation.book_title                ? 
_citation.coordinate_linkage        ? 
_citation.country                   UK 
_citation.database_id_Medline       ? 
_citation.details                   ? 
_citation.id                        primary 
_citation.journal_abbrev            'Nucleic Acids Res.' 
_citation.journal_id_ASTM           NARHAD 
_citation.journal_id_CSD            0389 
_citation.journal_id_ISSN           1362-4962 
_citation.journal_full              ? 
_citation.journal_issue             ? 
_citation.journal_volume            52 
_citation.language                  ? 
_citation.page_first                2761 
_citation.page_last                 2775 
_citation.title                     'CRISPR antiphage defence mediated by the cyclic nucleotide-binding membrane protein Csx23.' 
_citation.year                      2024 
_citation.database_id_CSD           ? 
_citation.pdbx_database_id_DOI      10.1093/nar/gkae167 
_citation.pdbx_database_id_PubMed   38471818 
_citation.pdbx_database_id_patent   ? 
_citation.unpublished_flag          ? 
# 
loop_
_citation_author.citation_id 
_citation_author.name 
_citation_author.ordinal 
_citation_author.identifier_ORCID 
primary 'Gruschow, S.'  1 ?                   
primary 'McQuarrie, S.' 2 ?                   
primary 'Ackermann, K.' 3 ?                   
primary 'McMahon, S.'   4 ?                   
primary 'Bode, B.E.'    5 ?                   
primary 'Gloster, T.M.' 6 0000-0003-4692-2222 
primary 'White, M.F.'   7 0000-0003-1543-9342 
# 
loop_
_entity.id 
_entity.type 
_entity.src_method 
_entity.pdbx_description 
_entity.formula_weight 
_entity.pdbx_number_of_molecules 
_entity.pdbx_ec 
_entity.pdbx_mutation 
_entity.pdbx_fragment 
_entity.details 
1 polymer     man csx23                                       10399.886 1  ? ? ? ? 
2 polymer     syn 'Cyclic tetraadenosine monophosphate (cA4)' 1271.866  1  ? ? ? ? 
3 non-polymer syn 'ACETYL GROUP'                              44.053    2  ? ? ? ? 
4 non-polymer nat 'SODIUM ION'                                22.990    1  ? ? ? ? 
5 water       nat water                                       18.015    45 ? ? ? ? 
# 
loop_
_entity_poly.entity_id 
_entity_poly.type 
_entity_poly.nstd_linkage 
_entity_poly.nstd_monomer 
_entity_poly.pdbx_seq_one_letter_code 
_entity_poly.pdbx_seq_one_letter_code_can 
_entity_poly.pdbx_strand_id 
_entity_poly.pdbx_target_identifier 
1 'polypeptide(L)'   no no 
;GANAMDEITVVLKSPNGKNIKCPPMPRKDFSRAEVLGYIGMCSGAQRFEIASLKTPKFGENLLKIIKSKGSQSFIVDCTD
EEIDQFSAETKSGSNA
;
;GANAMDEITVVLKSPNGKNIKCPPMPRKDFSRAEVLGYIGMCSGAQRFEIASLKTPKFGENLLKIIKSKGSQSFIVDCTD
EEIDQFSAETKSGSNA
;
A ? 
2 polyribonucleotide no no AAAA                                                                                                
AAAA                                                                                                C ? 
# 
loop_
_pdbx_entity_nonpoly.entity_id 
_pdbx_entity_nonpoly.name 
_pdbx_entity_nonpoly.comp_id 
3 'ACETYL GROUP' ACE 
4 'SODIUM ION'   NA  
5 water          HOH 
# 
loop_
_entity_poly_seq.entity_id 
_entity_poly_seq.num 
_entity_poly_seq.mon_id 
_entity_poly_seq.hetero 
1 1  GLY n 
1 2  ALA n 
1 3  ASN n 
1 4  ALA n 
1 5  MET n 
1 6  ASP n 
1 7  GLU n 
1 8  ILE n 
1 9  THR n 
1 10 VAL n 
1 11 VAL n 
1 12 LEU n 
1 13 LYS n 
1 14 SER n 
1 15 PRO n 
1 16 ASN n 
1 17 GLY n 
1 18 LYS n 
1 19 ASN n 
1 20 ILE n 
1 21 LYS n 
1 22 CYS n 
1 23 PRO n 
1 24 PRO n 
1 25 MET n 
1 26 PRO n 
1 27 ARG n 
1 28 LYS n 
1 29 ASP n 
1 30 PHE n 
1 31 SER n 
1 32 ARG n 
1 33 ALA n 
1 34 GLU n 
1 35 VAL n 
1 36 LEU n 
1 37 GLY n 
1 38 TYR n 
1 39 ILE n 
1 40 GLY n 
1 41 MET n 
1 42 CYS n 
1 43 SER n 
1 44 GLY n 
1 45 ALA n 
1 46 GLN n 
1 47 ARG n 
1 48 PHE n 
1 49 GLU n 
1 50 ILE n 
1 51 ALA n 
1 52 SER n 
1 53 LEU n 
1 54 LYS n 
1 55 THR n 
1 56 PRO n 
1 57 LYS n 
1 58 PHE n 
1 59 GLY n 
1 60 GLU n 
1 61 ASN n 
1 62 LEU n 
1 63 LEU n 
1 64 LYS n 
1 65 ILE n 
1 66 ILE n 
1 67 LYS n 
1 68 SER n 
1 69 LYS n 
1 70 GLY n 
1 71 SER n 
1 72 GLN n 
1 73 SER n 
1 74 PHE n 
1 75 ILE n 
1 76 VAL n 
1 77 ASP n 
1 78 CYS n 
1 79 THR n 
1 80 ASP n 
1 81 GLU n 
1 82 GLU n 
1 83 ILE n 
1 84 ASP n 
1 85 GLN n 
1 86 PHE n 
1 87 SER n 
1 88 ALA n 
1 89 GLU n 
1 90 THR n 
1 91 LYS n 
1 92 SER n 
1 93 GLY n 
1 94 SER n 
1 95 ASN n 
1 96 ALA n 
2 1  A   n 
2 2  A   n 
2 3  A   n 
2 4  A   n 
# 
_entity_src_gen.entity_id                          1 
_entity_src_gen.pdbx_src_id                        1 
_entity_src_gen.pdbx_alt_source_flag               sample 
_entity_src_gen.pdbx_seq_type                      'Biological sequence' 
_entity_src_gen.pdbx_beg_seq_num                   1 
_entity_src_gen.pdbx_end_seq_num                   96 
_entity_src_gen.gene_src_common_name               ? 
_entity_src_gen.gene_src_genus                     ? 
_entity_src_gen.pdbx_gene_src_gene                 ? 
_entity_src_gen.gene_src_species                   ? 
_entity_src_gen.gene_src_strain                    ? 
_entity_src_gen.gene_src_tissue                    ? 
_entity_src_gen.gene_src_tissue_fraction           ? 
_entity_src_gen.gene_src_details                   ? 
_entity_src_gen.pdbx_gene_src_fragment             ? 
_entity_src_gen.pdbx_gene_src_scientific_name      'Vibrio cholerae' 
_entity_src_gen.pdbx_gene_src_ncbi_taxonomy_id     666 
_entity_src_gen.pdbx_gene_src_variant              ? 
_entity_src_gen.pdbx_gene_src_cell_line            ? 
_entity_src_gen.pdbx_gene_src_atcc                 ? 
_entity_src_gen.pdbx_gene_src_organ                ? 
_entity_src_gen.pdbx_gene_src_organelle            ? 
_entity_src_gen.pdbx_gene_src_cell                 ? 
_entity_src_gen.pdbx_gene_src_cellular_location    ? 
_entity_src_gen.host_org_common_name               ? 
_entity_src_gen.pdbx_host_org_scientific_name      'Escherichia coli' 
_entity_src_gen.pdbx_host_org_ncbi_taxonomy_id     562 
_entity_src_gen.host_org_genus                     ? 
_entity_src_gen.pdbx_host_org_gene                 ? 
_entity_src_gen.pdbx_host_org_organ                ? 
_entity_src_gen.host_org_species                   ? 
_entity_src_gen.pdbx_host_org_tissue               ? 
_entity_src_gen.pdbx_host_org_tissue_fraction      ? 
_entity_src_gen.pdbx_host_org_strain               ? 
_entity_src_gen.pdbx_host_org_variant              ? 
_entity_src_gen.pdbx_host_org_cell_line            ? 
_entity_src_gen.pdbx_host_org_atcc                 ? 
_entity_src_gen.pdbx_host_org_culture_collection   ? 
_entity_src_gen.pdbx_host_org_cell                 ? 
_entity_src_gen.pdbx_host_org_organelle            ? 
_entity_src_gen.pdbx_host_org_cellular_location    ? 
_entity_src_gen.pdbx_host_org_vector_type          ? 
_entity_src_gen.pdbx_host_org_vector               ? 
_entity_src_gen.host_org_details                   ? 
_entity_src_gen.expression_system_id               ? 
_entity_src_gen.plasmid_name                       ? 
_entity_src_gen.plasmid_details                    ? 
_entity_src_gen.pdbx_description                   ? 
# 
_pdbx_entity_src_syn.entity_id              2 
_pdbx_entity_src_syn.pdbx_src_id            1 
_pdbx_entity_src_syn.pdbx_alt_source_flag   sample 
_pdbx_entity_src_syn.pdbx_beg_seq_num       1 
_pdbx_entity_src_syn.pdbx_end_seq_num       4 
_pdbx_entity_src_syn.organism_scientific    'synthetic construct' 
_pdbx_entity_src_syn.organism_common_name   ? 
_pdbx_entity_src_syn.ncbi_taxonomy_id       32630 
_pdbx_entity_src_syn.details                ? 
# 
loop_
_chem_comp.id 
_chem_comp.type 
_chem_comp.mon_nstd_flag 
_chem_comp.name 
_chem_comp.pdbx_synonyms 
_chem_comp.formula 
_chem_comp.formula_weight 
A   'RNA linking'       y "ADENOSINE-5'-MONOPHOSPHATE" ? 'C10 H14 N5 O7 P' 347.221 
ACE non-polymer         . 'ACETYL GROUP'               ? 'C2 H4 O'         44.053  
ALA 'L-peptide linking' y ALANINE                      ? 'C3 H7 N O2'      89.093  
ARG 'L-peptide linking' y ARGININE                     ? 'C6 H15 N4 O2 1'  175.209 
ASN 'L-peptide linking' y ASPARAGINE                   ? 'C4 H8 N2 O3'     132.118 
ASP 'L-peptide linking' y 'ASPARTIC ACID'              ? 'C4 H7 N O4'      133.103 
CYS 'L-peptide linking' y CYSTEINE                     ? 'C3 H7 N O2 S'    121.158 
GLN 'L-peptide linking' y GLUTAMINE                    ? 'C5 H10 N2 O3'    146.144 
GLU 'L-peptide linking' y 'GLUTAMIC ACID'              ? 'C5 H9 N O4'      147.129 
GLY 'peptide linking'   y GLYCINE                      ? 'C2 H5 N O2'      75.067  
HOH non-polymer         . WATER                        ? 'H2 O'            18.015  
ILE 'L-peptide linking' y ISOLEUCINE                   ? 'C6 H13 N O2'     131.173 
LEU 'L-peptide linking' y LEUCINE                      ? 'C6 H13 N O2'     131.173 
LYS 'L-peptide linking' y LYSINE                       ? 'C6 H15 N2 O2 1'  147.195 
MET 'L-peptide linking' y METHIONINE                   ? 'C5 H11 N O2 S'   149.211 
NA  non-polymer         . 'SODIUM ION'                 ? 'Na 1'            22.990  
PHE 'L-peptide linking' y PHENYLALANINE                ? 'C9 H11 N O2'     165.189 
PRO 'L-peptide linking' y PROLINE                      ? 'C5 H9 N O2'      115.130 
SER 'L-peptide linking' y SERINE                       ? 'C3 H7 N O3'      105.093 
THR 'L-peptide linking' y THREONINE                    ? 'C4 H9 N O3'      119.119 
TYR 'L-peptide linking' y TYROSINE                     ? 'C9 H11 N O3'     181.189 
VAL 'L-peptide linking' y VALINE                       ? 'C5 H11 N O2'     117.146 
# 
loop_
_pdbx_poly_seq_scheme.asym_id 
_pdbx_poly_seq_scheme.entity_id 
_pdbx_poly_seq_scheme.seq_id 
_pdbx_poly_seq_scheme.mon_id 
_pdbx_poly_seq_scheme.ndb_seq_num 
_pdbx_poly_seq_scheme.pdb_seq_num 
_pdbx_poly_seq_scheme.auth_seq_num 
_pdbx_poly_seq_scheme.pdb_mon_id 
_pdbx_poly_seq_scheme.auth_mon_id 
_pdbx_poly_seq_scheme.pdb_strand_id 
_pdbx_poly_seq_scheme.pdb_ins_code 
_pdbx_poly_seq_scheme.hetero 
A 1 1  GLY 1  64  ?   ?   ?   A . n 
A 1 2  ALA 2  65  ?   ?   ?   A . n 
A 1 3  ASN 3  66  ?   ?   ?   A . n 
A 1 4  ALA 4  67  ?   ?   ?   A . n 
A 1 5  MET 5  68  ?   ?   ?   A . n 
A 1 6  ASP 6  69  69  ASP ASP A . n 
A 1 7  GLU 7  70  70  GLU GLU A . n 
A 1 8  ILE 8  71  71  ILE ILE A . n 
A 1 9  THR 9  72  72  THR THR A . n 
A 1 10 VAL 10 73  73  VAL VAL A . n 
A 1 11 VAL 11 74  74  VAL VAL A . n 
A 1 12 LEU 12 75  75  LEU LEU A . n 
A 1 13 LYS 13 76  76  LYS LYS A . n 
A 1 14 SER 14 77  77  SER SER A . n 
A 1 15 PRO 15 78  78  PRO PRO A . n 
A 1 16 ASN 16 79  79  ASN ASN A . n 
A 1 17 GLY 17 80  80  GLY GLY A . n 
A 1 18 LYS 18 81  81  LYS LYS A . n 
A 1 19 ASN 19 82  82  ASN ASN A . n 
A 1 20 ILE 20 83  83  ILE ILE A . n 
A 1 21 LYS 21 84  84  LYS LYS A . n 
A 1 22 CYS 22 85  85  CYS CYS A . n 
A 1 23 PRO 23 86  86  PRO PRO A . n 
A 1 24 PRO 24 87  87  PRO PRO A . n 
A 1 25 MET 25 88  88  MET MET A . n 
A 1 26 PRO 26 89  89  PRO PRO A . n 
A 1 27 ARG 27 90  90  ARG ARG A . n 
A 1 28 LYS 28 91  91  LYS LYS A . n 
A 1 29 ASP 29 92  92  ASP ASP A . n 
A 1 30 PHE 30 93  93  PHE PHE A . n 
A 1 31 SER 31 94  94  SER SER A . n 
A 1 32 ARG 32 95  95  ARG ARG A . n 
A 1 33 ALA 33 96  96  ALA ALA A . n 
A 1 34 GLU 34 97  97  GLU GLU A . n 
A 1 35 VAL 35 98  98  VAL VAL A . n 
A 1 36 LEU 36 99  99  LEU LEU A . n 
A 1 37 GLY 37 100 100 GLY GLY A . n 
A 1 38 TYR 38 101 101 TYR TYR A . n 
A 1 39 ILE 39 102 102 ILE ILE A . n 
A 1 40 GLY 40 103 103 GLY GLY A . n 
A 1 41 MET 41 104 104 MET MET A . n 
A 1 42 CYS 42 105 105 CYS CYS A . n 
A 1 43 SER 43 106 106 SER SER A . n 
A 1 44 GLY 44 107 107 GLY GLY A . n 
A 1 45 ALA 45 108 108 ALA ALA A . n 
A 1 46 GLN 46 109 109 GLN GLN A . n 
A 1 47 ARG 47 110 110 ARG ARG A . n 
A 1 48 PHE 48 111 111 PHE PHE A . n 
A 1 49 GLU 49 112 112 GLU GLU A . n 
A 1 50 ILE 50 113 113 ILE ILE A . n 
A 1 51 ALA 51 114 114 ALA ALA A . n 
A 1 52 SER 52 115 115 SER SER A . n 
A 1 53 LEU 53 116 116 LEU LEU A . n 
A 1 54 LYS 54 117 117 LYS LYS A . n 
A 1 55 THR 55 118 118 THR THR A . n 
A 1 56 PRO 56 119 119 PRO PRO A . n 
A 1 57 LYS 57 120 120 LYS LYS A . n 
A 1 58 PHE 58 121 121 PHE PHE A . n 
A 1 59 GLY 59 122 122 GLY GLY A . n 
A 1 60 GLU 60 123 123 GLU GLU A . n 
A 1 61 ASN 61 124 124 ASN ASN A . n 
A 1 62 LEU 62 125 125 LEU LEU A . n 
A 1 63 LEU 63 126 126 LEU LEU A . n 
A 1 64 LYS 64 127 127 LYS LYS A . n 
A 1 65 ILE 65 128 128 ILE ILE A . n 
A 1 66 ILE 66 129 129 ILE ILE A . n 
A 1 67 LYS 67 130 130 LYS LYS A . n 
A 1 68 SER 68 131 131 SER SER A . n 
A 1 69 LYS 69 132 132 LYS LYS A . n 
A 1 70 GLY 70 133 133 GLY GLY A . n 
A 1 71 SER 71 134 134 SER SER A . n 
A 1 72 GLN 72 135 135 GLN GLN A . n 
A 1 73 SER 73 136 136 SER SER A . n 
A 1 74 PHE 74 137 137 PHE PHE A . n 
A 1 75 ILE 75 138 138 ILE ILE A . n 
A 1 76 VAL 76 139 139 VAL VAL A . n 
A 1 77 ASP 77 140 140 ASP ASP A . n 
A 1 78 CYS 78 141 141 CYS CYS A . n 
A 1 79 THR 79 142 142 THR THR A . n 
A 1 80 ASP 80 143 143 ASP ASP A . n 
A 1 81 GLU 81 144 144 GLU GLU A . n 
A 1 82 GLU 82 145 145 GLU GLU A . n 
A 1 83 ILE 83 146 146 ILE ILE A . n 
A 1 84 ASP 84 147 147 ASP ASP A . n 
A 1 85 GLN 85 148 148 GLN GLN A . n 
A 1 86 PHE 86 149 149 PHE PHE A . n 
A 1 87 SER 87 150 150 SER SER A . n 
A 1 88 ALA 88 151 ?   ?   ?   A . n 
A 1 89 GLU 89 152 ?   ?   ?   A . n 
A 1 90 THR 90 153 ?   ?   ?   A . n 
A 1 91 LYS 91 154 ?   ?   ?   A . n 
A 1 92 SER 92 155 ?   ?   ?   A . n 
A 1 93 GLY 93 156 ?   ?   ?   A . n 
A 1 94 SER 94 157 ?   ?   ?   A . n 
A 1 95 ASN 95 158 ?   ?   ?   A . n 
A 1 96 ALA 96 159 ?   ?   ?   A . n 
B 2 1  A   1  1   201 A   ca4 C . n 
B 2 2  A   2  2   201 A   ca4 C . n 
B 2 3  A   3  3   201 A   ca4 C . n 
B 2 4  A   4  4   201 A   ca4 C . n 
# 
loop_
_pdbx_nonpoly_scheme.asym_id 
_pdbx_nonpoly_scheme.entity_id 
_pdbx_nonpoly_scheme.mon_id 
_pdbx_nonpoly_scheme.ndb_seq_num 
_pdbx_nonpoly_scheme.pdb_seq_num 
_pdbx_nonpoly_scheme.auth_seq_num 
_pdbx_nonpoly_scheme.pdb_mon_id 
_pdbx_nonpoly_scheme.auth_mon_id 
_pdbx_nonpoly_scheme.pdb_strand_id 
_pdbx_nonpoly_scheme.pdb_ins_code 
C 3 ACE 1  201 202 ACE ACE A . 
D 3 ACE 1  202 203 ACE ACE A . 
E 4 NA  1  101 1   NA  NA  C . 
F 5 HOH 1  301 44  HOH HOH A . 
F 5 HOH 2  302 37  HOH HOH A . 
F 5 HOH 3  303 5   HOH HOH A . 
F 5 HOH 4  304 74  HOH HOH A . 
F 5 HOH 5  305 2   HOH HOH A . 
F 5 HOH 6  306 68  HOH HOH A . 
F 5 HOH 7  307 19  HOH HOH A . 
F 5 HOH 8  308 99  HOH HOH A . 
F 5 HOH 9  309 49  HOH HOH A . 
F 5 HOH 10 310 57  HOH HOH A . 
F 5 HOH 11 311 55  HOH HOH A . 
F 5 HOH 12 312 50  HOH HOH A . 
F 5 HOH 13 313 14  HOH HOH A . 
F 5 HOH 14 314 6   HOH HOH A . 
F 5 HOH 15 315 54  HOH HOH A . 
F 5 HOH 16 316 38  HOH HOH A . 
F 5 HOH 17 317 87  HOH HOH A . 
F 5 HOH 18 318 31  HOH HOH A . 
F 5 HOH 19 319 56  HOH HOH A . 
F 5 HOH 20 320 22  HOH HOH A . 
F 5 HOH 21 321 58  HOH HOH A . 
F 5 HOH 22 322 34  HOH HOH A . 
F 5 HOH 23 323 65  HOH HOH A . 
F 5 HOH 24 324 61  HOH HOH A . 
F 5 HOH 25 325 33  HOH HOH A . 
F 5 HOH 26 326 82  HOH HOH A . 
F 5 HOH 27 327 66  HOH HOH A . 
F 5 HOH 28 328 69  HOH HOH A . 
F 5 HOH 29 329 3   HOH HOH A . 
F 5 HOH 30 330 4   HOH HOH A . 
F 5 HOH 31 331 81  HOH HOH A . 
F 5 HOH 32 332 59  HOH HOH A . 
F 5 HOH 33 333 75  HOH HOH A . 
F 5 HOH 34 334 97  HOH HOH A . 
F 5 HOH 35 335 35  HOH HOH A . 
F 5 HOH 36 336 89  HOH HOH A . 
F 5 HOH 37 337 93  HOH HOH A . 
F 5 HOH 38 338 98  HOH HOH A . 
F 5 HOH 39 339 94  HOH HOH A . 
G 5 HOH 1  201 42  HOH HOH C . 
G 5 HOH 2  202 51  HOH HOH C . 
G 5 HOH 3  203 52  HOH HOH C . 
G 5 HOH 4  204 40  HOH HOH C . 
G 5 HOH 5  205 43  HOH HOH C . 
G 5 HOH 6  206 83  HOH HOH C . 
# 
loop_
_pdbx_unobs_or_zero_occ_atoms.id 
_pdbx_unobs_or_zero_occ_atoms.PDB_model_num 
_pdbx_unobs_or_zero_occ_atoms.polymer_flag 
_pdbx_unobs_or_zero_occ_atoms.occupancy_flag 
_pdbx_unobs_or_zero_occ_atoms.auth_asym_id 
_pdbx_unobs_or_zero_occ_atoms.auth_comp_id 
_pdbx_unobs_or_zero_occ_atoms.auth_seq_id 
_pdbx_unobs_or_zero_occ_atoms.PDB_ins_code 
_pdbx_unobs_or_zero_occ_atoms.auth_atom_id 
_pdbx_unobs_or_zero_occ_atoms.label_alt_id 
_pdbx_unobs_or_zero_occ_atoms.label_asym_id 
_pdbx_unobs_or_zero_occ_atoms.label_comp_id 
_pdbx_unobs_or_zero_occ_atoms.label_seq_id 
_pdbx_unobs_or_zero_occ_atoms.label_atom_id 
1  1 Y 1 A LYS 91  ? CG  ? A LYS 28 CG  
2  1 Y 1 A LYS 91  ? CD  ? A LYS 28 CD  
3  1 Y 1 A LYS 91  ? CE  ? A LYS 28 CE  
4  1 Y 1 A LYS 91  ? NZ  ? A LYS 28 NZ  
5  1 Y 1 A LYS 117 ? CG  ? A LYS 54 CG  
6  1 Y 1 A LYS 117 ? CD  ? A LYS 54 CD  
7  1 Y 1 A LYS 117 ? CE  ? A LYS 54 CE  
8  1 Y 1 A LYS 117 ? NZ  ? A LYS 54 NZ  
9  1 Y 1 A LYS 132 ? CG  ? A LYS 69 CG  
10 1 Y 1 A LYS 132 ? CD  ? A LYS 69 CD  
11 1 Y 1 A LYS 132 ? CE  ? A LYS 69 CE  
12 1 Y 1 A LYS 132 ? NZ  ? A LYS 69 NZ  
13 1 Y 1 A GLN 135 ? CG  ? A GLN 72 CG  
14 1 Y 1 A GLN 135 ? CD  ? A GLN 72 CD  
15 1 Y 1 A GLN 135 ? OE1 ? A GLN 72 OE1 
16 1 Y 1 A GLN 135 ? NE2 ? A GLN 72 NE2 
# 
loop_
_software.citation_id 
_software.classification 
_software.compiler_name 
_software.compiler_version 
_software.contact_author 
_software.contact_author_email 
_software.date 
_software.description 
_software.dependencies 
_software.hardware 
_software.language 
_software.location 
_software.mods 
_software.name 
_software.os 
_software.os_version 
_software.type 
_software.version 
_software.pdbx_ordinal 
? refinement       ? ? ? ? ? ? ? ? ? ? ? REFMAC    ? ? ? 5.8.0350 1 
? 'data reduction' ? ? ? ? ? ? ? ? ? ? ? autoPROC  ? ? ? .        2 
? 'data scaling'   ? ? ? ? ? ? ? ? ? ? ? STARANISO ? ? ? .        3 
? phasing          ? ? ? ? ? ? ? ? ? ? ? PHASER    ? ? ? .        4 
# 
_cell.angle_alpha                  90.000 
_cell.angle_alpha_esd              ? 
_cell.angle_beta                   90.000 
_cell.angle_beta_esd               ? 
_cell.angle_gamma                  90.000 
_cell.angle_gamma_esd              ? 
_cell.entry_id                     8QJK 
_cell.details                      ? 
_cell.formula_units_Z              ? 
_cell.length_a                     66.425 
_cell.length_a_esd                 ? 
_cell.length_b                     66.425 
_cell.length_b_esd                 ? 
_cell.length_c                     42.479 
_cell.length_c_esd                 ? 
_cell.volume                       ? 
_cell.volume_esd                   ? 
_cell.Z_PDB                        8 
_cell.reciprocal_angle_alpha       ? 
_cell.reciprocal_angle_beta        ? 
_cell.reciprocal_angle_gamma       ? 
_cell.reciprocal_angle_alpha_esd   ? 
_cell.reciprocal_angle_beta_esd    ? 
_cell.reciprocal_angle_gamma_esd   ? 
_cell.reciprocal_length_a          ? 
_cell.reciprocal_length_b          ? 
_cell.reciprocal_length_c          ? 
_cell.reciprocal_length_a_esd      ? 
_cell.reciprocal_length_b_esd      ? 
_cell.reciprocal_length_c_esd      ? 
_cell.pdbx_unique_axis             ? 
_cell.pdbx_esd_method              ? 
# 
_symmetry.entry_id                         8QJK 
_symmetry.cell_setting                     ? 
_symmetry.Int_Tables_number                79 
_symmetry.space_group_name_Hall            ? 
_symmetry.space_group_name_H-M             'I 4' 
_symmetry.pdbx_full_space_group_name_H-M   ? 
# 
_exptl.absorpt_coefficient_mu     ? 
_exptl.absorpt_correction_T_max   ? 
_exptl.absorpt_correction_T_min   ? 
_exptl.absorpt_correction_type    ? 
_exptl.absorpt_process_details    ? 
_exptl.entry_id                   8QJK 
_exptl.crystals_number            1 
_exptl.details                    ? 
_exptl.method                     'X-RAY DIFFRACTION' 
_exptl.method_details             ? 
# 
_exptl_crystal.colour                       ? 
_exptl_crystal.density_diffrn               ? 
_exptl_crystal.density_Matthews             2.26 
_exptl_crystal.density_method               ? 
_exptl_crystal.density_percent_sol          45.6 
_exptl_crystal.description                  ? 
_exptl_crystal.F_000                        ? 
_exptl_crystal.id                           1 
_exptl_crystal.preparation                  ? 
_exptl_crystal.size_max                     ? 
_exptl_crystal.size_mid                     ? 
_exptl_crystal.size_min                     ? 
_exptl_crystal.size_rad                     ? 
_exptl_crystal.colour_lustre                ? 
_exptl_crystal.colour_modifier              ? 
_exptl_crystal.colour_primary               ? 
_exptl_crystal.density_meas                 ? 
_exptl_crystal.density_meas_esd             ? 
_exptl_crystal.density_meas_gt              ? 
_exptl_crystal.density_meas_lt              ? 
_exptl_crystal.density_meas_temp            ? 
_exptl_crystal.density_meas_temp_esd        ? 
_exptl_crystal.density_meas_temp_gt         ? 
_exptl_crystal.density_meas_temp_lt         ? 
_exptl_crystal.pdbx_crystal_image_url       ? 
_exptl_crystal.pdbx_crystal_image_format    ? 
_exptl_crystal.pdbx_mosaicity               ? 
_exptl_crystal.pdbx_mosaicity_esd           ? 
_exptl_crystal.pdbx_mosaic_method           ? 
_exptl_crystal.pdbx_mosaic_block_size       ? 
_exptl_crystal.pdbx_mosaic_block_size_esd   ? 
# 
_exptl_crystal_grow.apparatus       ? 
_exptl_crystal_grow.atmosphere      ? 
_exptl_crystal_grow.crystal_id      1 
_exptl_crystal_grow.details         ? 
_exptl_crystal_grow.method          'VAPOR DIFFUSION, SITTING DROP' 
_exptl_crystal_grow.method_ref      ? 
_exptl_crystal_grow.pH              5 
_exptl_crystal_grow.pressure        ? 
_exptl_crystal_grow.pressure_esd    ? 
_exptl_crystal_grow.seeding         ? 
_exptl_crystal_grow.seeding_ref     ? 
_exptl_crystal_grow.temp_details    ? 
_exptl_crystal_grow.temp_esd        ? 
_exptl_crystal_grow.time            ? 
_exptl_crystal_grow.pdbx_details    '0.2MLiS04, 0.1M NaAcetate, 42.5% peg400' 
_exptl_crystal_grow.pdbx_pH_range   ? 
_exptl_crystal_grow.temp            293 
# 
_diffrn.ambient_environment              ? 
_diffrn.ambient_temp                     100 
_diffrn.ambient_temp_details             ? 
_diffrn.ambient_temp_esd                 ? 
_diffrn.crystal_id                       1 
_diffrn.crystal_support                  ? 
_diffrn.crystal_treatment                ? 
_diffrn.details                          ? 
_diffrn.id                               1 
_diffrn.ambient_pressure                 ? 
_diffrn.ambient_pressure_esd             ? 
_diffrn.ambient_pressure_gt              ? 
_diffrn.ambient_pressure_lt              ? 
_diffrn.ambient_temp_gt                  ? 
_diffrn.ambient_temp_lt                  ? 
_diffrn.pdbx_serial_crystal_experiment   N 
# 
_diffrn_detector.details                      ? 
_diffrn_detector.detector                     PIXEL 
_diffrn_detector.diffrn_id                    1 
_diffrn_detector.type                         'DECTRIS EIGER2 X 16M' 
_diffrn_detector.area_resol_mean              ? 
_diffrn_detector.dtime                        ? 
_diffrn_detector.pdbx_frames_total            ? 
_diffrn_detector.pdbx_collection_time_total   ? 
_diffrn_detector.pdbx_collection_date         2022-10-18 
_diffrn_detector.pdbx_frequency               ? 
_diffrn_detector.id                           ? 
_diffrn_detector.number_of_axes               ? 
# 
_diffrn_radiation.collimation                      ? 
_diffrn_radiation.diffrn_id                        1 
_diffrn_radiation.filter_edge                      ? 
_diffrn_radiation.inhomogeneity                    ? 
_diffrn_radiation.monochromator                    ? 
_diffrn_radiation.polarisn_norm                    ? 
_diffrn_radiation.polarisn_ratio                   ? 
_diffrn_radiation.probe                            ? 
_diffrn_radiation.type                             ? 
_diffrn_radiation.xray_symbol                      ? 
_diffrn_radiation.wavelength_id                    1 
_diffrn_radiation.pdbx_monochromatic_or_laue_m_l   M 
_diffrn_radiation.pdbx_wavelength_list             ? 
_diffrn_radiation.pdbx_wavelength                  ? 
_diffrn_radiation.pdbx_diffrn_protocol             'SINGLE WAVELENGTH' 
_diffrn_radiation.pdbx_analyzer                    ? 
_diffrn_radiation.pdbx_scattering_type             x-ray 
# 
_diffrn_radiation_wavelength.id           1 
_diffrn_radiation_wavelength.wavelength   0.9537 
_diffrn_radiation_wavelength.wt           1.0 
# 
_diffrn_source.current                     ? 
_diffrn_source.details                     ? 
_diffrn_source.diffrn_id                   1 
_diffrn_source.power                       ? 
_diffrn_source.size                        ? 
_diffrn_source.source                      SYNCHROTRON 
_diffrn_source.target                      ? 
_diffrn_source.type                        'DIAMOND BEAMLINE I04' 
_diffrn_source.voltage                     ? 
_diffrn_source.take-off_angle              ? 
_diffrn_source.pdbx_wavelength_list        0.9537 
_diffrn_source.pdbx_wavelength             ? 
_diffrn_source.pdbx_synchrotron_beamline   I04 
_diffrn_source.pdbx_synchrotron_site       Diamond 
# 
_reflns.B_iso_Wilson_estimate                          ? 
_reflns.entry_id                                       8QJK 
_reflns.data_reduction_details                         ? 
_reflns.data_reduction_method                          ? 
_reflns.d_resolution_high                              1.76 
_reflns.d_resolution_low                               46.97 
_reflns.details                                        ? 
_reflns.limit_h_max                                    ? 
_reflns.limit_h_min                                    ? 
_reflns.limit_k_max                                    ? 
_reflns.limit_k_min                                    ? 
_reflns.limit_l_max                                    ? 
_reflns.limit_l_min                                    ? 
_reflns.number_all                                     ? 
_reflns.number_obs                                     5251 
_reflns.observed_criterion                             ? 
_reflns.observed_criterion_F_max                       ? 
_reflns.observed_criterion_F_min                       ? 
_reflns.observed_criterion_I_max                       ? 
_reflns.observed_criterion_I_min                       ? 
_reflns.observed_criterion_sigma_F                     ? 
_reflns.observed_criterion_sigma_I                     ? 
_reflns.percent_possible_obs                           89.1 
_reflns.R_free_details                                 ? 
_reflns.Rmerge_F_all                                   ? 
_reflns.Rmerge_F_obs                                   ? 
_reflns.Friedel_coverage                               ? 
_reflns.number_gt                                      ? 
_reflns.threshold_expression                           ? 
_reflns.pdbx_redundancy                                13.3 
_reflns.pdbx_netI_over_av_sigmaI                       ? 
_reflns.pdbx_netI_over_sigmaI                          14.3 
_reflns.pdbx_res_netI_over_av_sigmaI_2                 ? 
_reflns.pdbx_res_netI_over_sigmaI_2                    ? 
_reflns.pdbx_chi_squared                               ? 
_reflns.pdbx_scaling_rejects                           ? 
_reflns.pdbx_d_res_high_opt                            ? 
_reflns.pdbx_d_res_low_opt                             ? 
_reflns.pdbx_d_res_opt_method                          ? 
_reflns.phase_calculation_details                      ? 
_reflns.pdbx_Rrim_I_all                                ? 
_reflns.pdbx_Rpim_I_all                                ? 
_reflns.pdbx_d_opt                                     ? 
_reflns.pdbx_number_measured_all                       ? 
_reflns.pdbx_diffrn_id                                 1 
_reflns.pdbx_ordinal                                   1 
_reflns.pdbx_CC_half                                   1 
_reflns.pdbx_CC_star                                   ? 
_reflns.pdbx_R_split                                   ? 
_reflns.pdbx_Rmerge_I_obs                              ? 
_reflns.pdbx_Rmerge_I_all                              ? 
_reflns.pdbx_Rsym_value                                ? 
_reflns.pdbx_CC_split_method                           ? 
_reflns.pdbx_aniso_diffraction_limit_axis_1_ortho[1]   ? 
_reflns.pdbx_aniso_diffraction_limit_axis_1_ortho[2]   ? 
_reflns.pdbx_aniso_diffraction_limit_axis_1_ortho[3]   ? 
_reflns.pdbx_aniso_diffraction_limit_axis_2_ortho[1]   ? 
_reflns.pdbx_aniso_diffraction_limit_axis_2_ortho[2]   ? 
_reflns.pdbx_aniso_diffraction_limit_axis_2_ortho[3]   ? 
_reflns.pdbx_aniso_diffraction_limit_axis_3_ortho[1]   ? 
_reflns.pdbx_aniso_diffraction_limit_axis_3_ortho[2]   ? 
_reflns.pdbx_aniso_diffraction_limit_axis_3_ortho[3]   ? 
_reflns.pdbx_aniso_diffraction_limit_1                 ? 
_reflns.pdbx_aniso_diffraction_limit_2                 ? 
_reflns.pdbx_aniso_diffraction_limit_3                 ? 
_reflns.pdbx_aniso_B_tensor_eigenvector_1_ortho[1]     ? 
_reflns.pdbx_aniso_B_tensor_eigenvector_1_ortho[2]     ? 
_reflns.pdbx_aniso_B_tensor_eigenvector_1_ortho[3]     ? 
_reflns.pdbx_aniso_B_tensor_eigenvector_2_ortho[1]     ? 
_reflns.pdbx_aniso_B_tensor_eigenvector_2_ortho[2]     ? 
_reflns.pdbx_aniso_B_tensor_eigenvector_2_ortho[3]     ? 
_reflns.pdbx_aniso_B_tensor_eigenvector_3_ortho[1]     ? 
_reflns.pdbx_aniso_B_tensor_eigenvector_3_ortho[2]     ? 
_reflns.pdbx_aniso_B_tensor_eigenvector_3_ortho[3]     ? 
_reflns.pdbx_aniso_B_tensor_eigenvalue_1               ? 
_reflns.pdbx_aniso_B_tensor_eigenvalue_2               ? 
_reflns.pdbx_aniso_B_tensor_eigenvalue_3               ? 
_reflns.pdbx_orthogonalization_convention              ? 
_reflns.pdbx_percent_possible_ellipsoidal              ? 
_reflns.pdbx_percent_possible_spherical                ? 
_reflns.pdbx_percent_possible_ellipsoidal_anomalous    ? 
_reflns.pdbx_percent_possible_spherical_anomalous      ? 
_reflns.pdbx_redundancy_anomalous                      ? 
_reflns.pdbx_CC_half_anomalous                         ? 
_reflns.pdbx_absDiff_over_sigma_anomalous              ? 
_reflns.pdbx_percent_possible_anomalous                ? 
_reflns.pdbx_observed_signal_threshold                 ? 
_reflns.pdbx_signal_type                               ? 
_reflns.pdbx_signal_details                            ? 
_reflns.pdbx_signal_software_id                        ? 
# 
_reflns_shell.d_res_high                                    1.76 
_reflns_shell.d_res_low                                     1.91 
_reflns_shell.meanI_over_sigI_all                           ? 
_reflns_shell.meanI_over_sigI_obs                           ? 
_reflns_shell.number_measured_all                           ? 
_reflns_shell.number_measured_obs                           ? 
_reflns_shell.number_possible                               ? 
_reflns_shell.number_unique_all                             ? 
_reflns_shell.number_unique_obs                             264 
_reflns_shell.percent_possible_obs                          ? 
_reflns_shell.Rmerge_F_all                                  ? 
_reflns_shell.Rmerge_F_obs                                  ? 
_reflns_shell.meanI_over_sigI_gt                            ? 
_reflns_shell.meanI_over_uI_all                             ? 
_reflns_shell.meanI_over_uI_gt                              ? 
_reflns_shell.number_measured_gt                            ? 
_reflns_shell.number_unique_gt                              ? 
_reflns_shell.percent_possible_gt                           ? 
_reflns_shell.Rmerge_F_gt                                   ? 
_reflns_shell.Rmerge_I_gt                                   ? 
_reflns_shell.pdbx_redundancy                               ? 
_reflns_shell.pdbx_chi_squared                              ? 
_reflns_shell.pdbx_netI_over_sigmaI_all                     ? 
_reflns_shell.pdbx_netI_over_sigmaI_obs                     ? 
_reflns_shell.pdbx_Rrim_I_all                               ? 
_reflns_shell.pdbx_Rpim_I_all                               ? 
_reflns_shell.pdbx_rejects                                  ? 
_reflns_shell.pdbx_ordinal                                  1 
_reflns_shell.pdbx_diffrn_id                                1 
_reflns_shell.pdbx_CC_half                                  0.721 
_reflns_shell.pdbx_CC_star                                  ? 
_reflns_shell.pdbx_R_split                                  ? 
_reflns_shell.percent_possible_all                          ? 
_reflns_shell.Rmerge_I_all                                  ? 
_reflns_shell.Rmerge_I_obs                                  ? 
_reflns_shell.pdbx_Rsym_value                               ? 
_reflns_shell.pdbx_percent_possible_ellipsoidal             ? 
_reflns_shell.pdbx_percent_possible_spherical               ? 
_reflns_shell.pdbx_percent_possible_ellipsoidal_anomalous   ? 
_reflns_shell.pdbx_percent_possible_spherical_anomalous     ? 
_reflns_shell.pdbx_redundancy_anomalous                     ? 
_reflns_shell.pdbx_CC_half_anomalous                        ? 
_reflns_shell.pdbx_absDiff_over_sigma_anomalous             ? 
_reflns_shell.pdbx_percent_possible_anomalous               ? 
# 
_refine.aniso_B[1][1]                            0.049 
_refine.aniso_B[1][2]                            0.000 
_refine.aniso_B[1][3]                            0.000 
_refine.aniso_B[2][2]                            0.049 
_refine.aniso_B[2][3]                            0.000 
_refine.aniso_B[3][3]                            -0.098 
_refine.B_iso_max                                ? 
_refine.B_iso_mean                               41.010 
_refine.B_iso_min                                ? 
_refine.correlation_coeff_Fo_to_Fc               0.941 
_refine.correlation_coeff_Fo_to_Fc_free          0.932 
_refine.details                                  'Hydrogens have been added in their riding positions' 
_refine.diff_density_max                         ? 
_refine.diff_density_max_esd                     ? 
_refine.diff_density_min                         ? 
_refine.diff_density_min_esd                     ? 
_refine.diff_density_rms                         ? 
_refine.diff_density_rms_esd                     ? 
_refine.entry_id                                 8QJK 
_refine.pdbx_refine_id                           'X-RAY DIFFRACTION' 
_refine.ls_abs_structure_details                 ? 
_refine.ls_abs_structure_Flack                   ? 
_refine.ls_abs_structure_Flack_esd               ? 
_refine.ls_abs_structure_Rogers                  ? 
_refine.ls_abs_structure_Rogers_esd              ? 
_refine.ls_d_res_high                            1.761 
_refine.ls_d_res_low                             46.970 
_refine.ls_extinction_coef                       ? 
_refine.ls_extinction_coef_esd                   ? 
_refine.ls_extinction_expression                 ? 
_refine.ls_extinction_method                     ? 
_refine.ls_goodness_of_fit_all                   ? 
_refine.ls_goodness_of_fit_all_esd               ? 
_refine.ls_goodness_of_fit_obs                   ? 
_refine.ls_goodness_of_fit_obs_esd               ? 
_refine.ls_hydrogen_treatment                    ? 
_refine.ls_matrix_type                           ? 
_refine.ls_number_constraints                    ? 
_refine.ls_number_parameters                     ? 
_refine.ls_number_reflns_all                     ? 
_refine.ls_number_reflns_obs                     5251 
_refine.ls_number_reflns_R_free                  218 
_refine.ls_number_reflns_R_work                  5033 
_refine.ls_number_restraints                     ? 
_refine.ls_percent_reflns_obs                    56.615 
_refine.ls_percent_reflns_R_free                 4.152 
_refine.ls_R_factor_all                          0.245 
_refine.ls_R_factor_obs                          ? 
_refine.ls_R_factor_R_free                       0.2724 
_refine.ls_R_factor_R_free_error                 ? 
_refine.ls_R_factor_R_free_error_details         ? 
_refine.ls_R_factor_R_work                       0.2433 
_refine.ls_R_Fsqd_factor_obs                     ? 
_refine.ls_R_I_factor_obs                        ? 
_refine.ls_redundancy_reflns_all                 ? 
_refine.ls_redundancy_reflns_obs                 ? 
_refine.ls_restrained_S_all                      ? 
_refine.ls_restrained_S_obs                      ? 
_refine.ls_shift_over_esd_max                    ? 
_refine.ls_shift_over_esd_mean                   ? 
_refine.ls_structure_factor_coef                 ? 
_refine.ls_weighting_details                     ? 
_refine.ls_weighting_scheme                      ? 
_refine.ls_wR_factor_all                         ? 
_refine.ls_wR_factor_obs                         ? 
_refine.ls_wR_factor_R_free                      0.281 
_refine.ls_wR_factor_R_work                      0.239 
_refine.occupancy_max                            ? 
_refine.occupancy_min                            ? 
_refine.solvent_model_details                    'MASK BULK SOLVENT' 
_refine.solvent_model_param_bsol                 ? 
_refine.solvent_model_param_ksol                 ? 
_refine.pdbx_R_complete                          ? 
_refine.ls_R_factor_gt                           ? 
_refine.ls_goodness_of_fit_gt                    ? 
_refine.ls_goodness_of_fit_ref                   ? 
_refine.ls_shift_over_su_max                     ? 
_refine.ls_shift_over_su_max_lt                  ? 
_refine.ls_shift_over_su_mean                    ? 
_refine.ls_shift_over_su_mean_lt                 ? 
_refine.pdbx_ls_sigma_I                          ? 
_refine.pdbx_ls_sigma_F                          ? 
_refine.pdbx_ls_sigma_Fsqd                       ? 
_refine.pdbx_data_cutoff_high_absF               ? 
_refine.pdbx_data_cutoff_high_rms_absF           ? 
_refine.pdbx_data_cutoff_low_absF                ? 
_refine.pdbx_isotropic_thermal_model             ? 
_refine.pdbx_ls_cross_valid_method               'FREE R-VALUE' 
_refine.pdbx_method_to_determine_struct          'MOLECULAR REPLACEMENT' 
_refine.pdbx_starting_model                      ? 
_refine.pdbx_stereochemistry_target_values       ? 
_refine.pdbx_R_Free_selection_details            ? 
_refine.pdbx_stereochem_target_val_spec_case     ? 
_refine.pdbx_overall_ESU_R                       0.324 
_refine.pdbx_overall_ESU_R_Free                  0.228 
_refine.pdbx_solvent_vdw_probe_radii             1.200 
_refine.pdbx_solvent_ion_probe_radii             0.800 
_refine.pdbx_solvent_shrinkage_radii             0.800 
_refine.pdbx_real_space_R                        ? 
_refine.pdbx_density_correlation                 ? 
_refine.pdbx_pd_number_of_powder_patterns        ? 
_refine.pdbx_pd_number_of_points                 ? 
_refine.pdbx_pd_meas_number_of_points            ? 
_refine.pdbx_pd_proc_ls_prof_R_factor            ? 
_refine.pdbx_pd_proc_ls_prof_wR_factor           ? 
_refine.pdbx_pd_Marquardt_correlation_coeff      ? 
_refine.pdbx_pd_Fsqrd_R_factor                   ? 
_refine.pdbx_pd_ls_matrix_band_width             ? 
_refine.pdbx_overall_phase_error                 ? 
_refine.pdbx_overall_SU_R_free_Cruickshank_DPI   ? 
_refine.pdbx_overall_SU_R_free_Blow_DPI          ? 
_refine.pdbx_overall_SU_R_Blow_DPI               ? 
_refine.pdbx_TLS_residual_ADP_flag               ? 
_refine.pdbx_diffrn_id                           1 
_refine.overall_SU_B                             5.670 
_refine.overall_SU_ML                            0.168 
_refine.overall_SU_R_Cruickshank_DPI             ? 
_refine.overall_SU_R_free                        ? 
_refine.overall_FOM_free_R_set                   ? 
_refine.overall_FOM_work_R_set                   ? 
_refine.pdbx_average_fsc_overall                 ? 
_refine.pdbx_average_fsc_work                    0.9463 
_refine.pdbx_average_fsc_free                    0.9336 
# 
_refine_hist.pdbx_refine_id                   'X-RAY DIFFRACTION' 
_refine_hist.cycle_id                         LAST 
_refine_hist.details                          ? 
_refine_hist.d_res_high                       1.761 
_refine_hist.d_res_low                        46.970 
_refine_hist.number_atoms_solvent             45 
_refine_hist.number_atoms_total               759 
_refine_hist.number_reflns_all                ? 
_refine_hist.number_reflns_obs                ? 
_refine_hist.number_reflns_R_free             ? 
_refine_hist.number_reflns_R_work             ? 
_refine_hist.R_factor_all                     ? 
_refine_hist.R_factor_obs                     ? 
_refine_hist.R_factor_R_free                  ? 
_refine_hist.R_factor_R_work                  ? 
_refine_hist.pdbx_number_residues_total       ? 
_refine_hist.pdbx_B_iso_mean_ligand           ? 
_refine_hist.pdbx_B_iso_mean_solvent          ? 
_refine_hist.pdbx_number_atoms_protein        619 
_refine_hist.pdbx_number_atoms_nucleic_acid   0 
_refine_hist.pdbx_number_atoms_ligand         95 
_refine_hist.pdbx_number_atoms_lipid          ? 
_refine_hist.pdbx_number_atoms_carb           ? 
_refine_hist.pdbx_pseudo_atom_details         ? 
# 
loop_
_refine_ls_restr.pdbx_refine_id 
_refine_ls_restr.criterion 
_refine_ls_restr.dev_ideal 
_refine_ls_restr.dev_ideal_target 
_refine_ls_restr.number 
_refine_ls_restr.rejects 
_refine_ls_restr.type 
_refine_ls_restr.weight 
_refine_ls_restr.pdbx_restraint_function 
'X-RAY DIFFRACTION' ? 0.003  0.012  733  ? r_bond_refined_d               ? ? 
'X-RAY DIFFRACTION' ? 0.042  0.016  633  ? r_bond_other_d                 ? ? 
'X-RAY DIFFRACTION' ? 1.112  1.681  1005 ? r_angle_refined_deg            ? ? 
'X-RAY DIFFRACTION' ? 0.947  1.566  1483 ? r_angle_other_deg              ? ? 
'X-RAY DIFFRACTION' ? 6.951  5.000  81   ? r_dihedral_angle_1_deg         ? ? 
'X-RAY DIFFRACTION' ? 14.408 10.000 3    ? r_dihedral_angle_2_deg         ? ? 
'X-RAY DIFFRACTION' ? 13.582 10.000 113  ? r_dihedral_angle_3_deg         ? ? 
'X-RAY DIFFRACTION' ? 13.063 10.000 25   ? r_dihedral_angle_6_deg         ? ? 
'X-RAY DIFFRACTION' ? 0.049  0.200  116  ? r_chiral_restr                 ? ? 
'X-RAY DIFFRACTION' ? 0.003  0.020  788  ? r_gen_planes_refined           ? ? 
'X-RAY DIFFRACTION' ? 0.001  0.020  132  ? r_gen_planes_other             ? ? 
'X-RAY DIFFRACTION' ? 0.194  0.200  140  ? r_nbd_refined                  ? ? 
'X-RAY DIFFRACTION' ? 0.197  0.200  534  ? r_symmetry_nbd_other           ? ? 
'X-RAY DIFFRACTION' ? 0.172  0.200  305  ? r_nbtor_refined                ? ? 
'X-RAY DIFFRACTION' ? 0.082  0.200  330  ? r_symmetry_nbtor_other         ? ? 
'X-RAY DIFFRACTION' ? 0.146  0.200  32   ? r_xyhbond_nbd_refined          ? ? 
'X-RAY DIFFRACTION' ? 0.111  0.200  32   ? r_symmetry_nbd_refined         ? ? 
'X-RAY DIFFRACTION' ? 0.139  0.200  59   ? r_nbd_other                    ? ? 
'X-RAY DIFFRACTION' ? 0.103  0.200  14   ? r_symmetry_xyhbond_nbd_refined ? ? 
'X-RAY DIFFRACTION' ? 2.550  4.844  329  ? r_mcbond_it                    ? ? 
'X-RAY DIFFRACTION' ? 2.546  4.844  330  ? r_mcbond_other                 ? ? 
'X-RAY DIFFRACTION' ? 4.312  7.259  407  ? r_mcangle_it                   ? ? 
'X-RAY DIFFRACTION' ? 4.307  7.259  408  ? r_mcangle_other                ? ? 
'X-RAY DIFFRACTION' ? 1.934  4.276  404  ? r_scbond_it                    ? ? 
'X-RAY DIFFRACTION' ? 1.932  4.278  405  ? r_scbond_other                 ? ? 
'X-RAY DIFFRACTION' ? 3.290  6.332  598  ? r_scangle_it                   ? ? 
'X-RAY DIFFRACTION' ? 3.287  6.334  599  ? r_scangle_other                ? ? 
'X-RAY DIFFRACTION' ? 6.512  64.376 812  ? r_lrange_it                    ? ? 
'X-RAY DIFFRACTION' ? 6.494  63.661 809  ? r_lrange_other                 ? ? 
# 
loop_
_refine_ls_shell.pdbx_refine_id 
_refine_ls_shell.d_res_high 
_refine_ls_shell.d_res_low 
_refine_ls_shell.number_reflns_all 
_refine_ls_shell.number_reflns_obs 
_refine_ls_shell.number_reflns_R_free 
_refine_ls_shell.number_reflns_R_work 
_refine_ls_shell.percent_reflns_obs 
_refine_ls_shell.percent_reflns_R_free 
_refine_ls_shell.R_factor_all 
_refine_ls_shell.R_factor_obs 
_refine_ls_shell.R_factor_R_free_error 
_refine_ls_shell.R_factor_R_work 
_refine_ls_shell.redundancy_reflns_all 
_refine_ls_shell.redundancy_reflns_obs 
_refine_ls_shell.wR_factor_all 
_refine_ls_shell.wR_factor_obs 
_refine_ls_shell.wR_factor_R_free 
_refine_ls_shell.wR_factor_R_work 
_refine_ls_shell.pdbx_R_complete 
_refine_ls_shell.pdbx_total_number_of_bins_used 
_refine_ls_shell.pdbx_phase_error 
_refine_ls_shell.pdbx_fsc_work 
_refine_ls_shell.pdbx_fsc_free 
_refine_ls_shell.R_factor_R_free 
'X-RAY DIFFRACTION' 1.761 1.806  665 . 1  35  5.4135   . 0.316 . . 0.325 . . . . . 0.322 . 20 . 0.884 .     0.029 
'X-RAY DIFFRACTION' 1.806 1.856  670 . 2  99  15.0746  . 0.379 . . 0.379 . . . . . 0.368 . 20 . 0.891 1.000 0.367 
'X-RAY DIFFRACTION' 1.856 1.909  646 . 4  134 21.3622  . 0.388 . . 0.385 . . . . . 0.385 . 20 . 0.899 0.740 0.517 
'X-RAY DIFFRACTION' 1.909 1.968  626 . 15 182 31.4696  . 0.328 . . 0.324 . . . . . 0.328 . 20 . 0.920 0.915 0.375 
'X-RAY DIFFRACTION' 1.968 2.032  603 . 9  227 39.1376  . 0.325 . . 0.321 . . . . . 0.299 . 20 . 0.929 0.889 0.430 
'X-RAY DIFFRACTION' 2.032 2.104  585 . 11 240 42.9060  . 0.268 . . 0.270 . . . . . 0.255 . 20 . 0.952 0.955 0.246 
'X-RAY DIFFRACTION' 2.104 2.183  573 . 15 264 48.6911  . 0.287 . . 0.291 . . . . . 0.266 . 20 . 0.937 0.974 0.208 
'X-RAY DIFFRACTION' 2.183 2.272  547 . 10 282 53.3821  . 0.268 . . 0.270 . . . . . 0.251 . 20 . 0.952 0.963 0.201 
'X-RAY DIFFRACTION' 2.272 2.373  530 . 23 296 60.1887  . 0.294 . . 0.297 . . . . . 0.261 . 20 . 0.942 0.955 0.270 
'X-RAY DIFFRACTION' 2.373 2.488  500 . 13 318 66.2000  . 0.277 . . 0.284 . . . . . 0.242 . 20 . 0.940 0.986 0.149 
'X-RAY DIFFRACTION' 2.488 2.622  484 . 7  349 73.5537  . 0.314 . . 0.312 . . . . . 0.299 . 20 . 0.931 0.857 0.403 
'X-RAY DIFFRACTION' 2.622 2.781  437 . 16 335 80.3204  . 0.317 . . 0.314 . . . . . 0.289 . 20 . 0.933 0.892 0.387 
'X-RAY DIFFRACTION' 2.781 2.972  431 . 10 384 91.4153  . 0.290 . . 0.287 . . . . . 0.267 . 20 . 0.942 0.904 0.430 
'X-RAY DIFFRACTION' 2.972 3.209  397 . 20 372 98.7406  . 0.294 . . 0.292 . . . . . 0.278 . 20 . 0.939 0.923 0.327 
'X-RAY DIFFRACTION' 3.209 3.514  372 . 14 358 100.0000 . 0.260 . . 0.260 . . . . . 0.241 . 20 . 0.961 0.946 0.264 
'X-RAY DIFFRACTION' 3.514 3.926  345 . 13 332 100.0000 . 0.225 . . 0.225 . . . . . 0.217 . 20 . 0.974 0.971 0.233 
'X-RAY DIFFRACTION' 3.926 4.528  286 . 17 268 99.6503  . 0.192 . . 0.189 . . . . . 0.193 . 20 . 0.977 0.976 0.233 
'X-RAY DIFFRACTION' 4.528 5.533  261 . 6  255 100.0000 . 0.186 . . 0.182 . . . . . 0.203 . 20 . 0.978 0.933 0.320 
'X-RAY DIFFRACTION' 5.533 7.771  199 . 8  190 99.4975  . 0.207 . . 0.202 . . . . . 0.234 . 20 . 0.978 0.943 0.324 
'X-RAY DIFFRACTION' 7.771 46.970 118 . 4  113 99.1525  . 0.201 . . 0.203 . . . . . 0.265 . 20 . 0.973 0.983 0.152 
# 
_struct.entry_id                     8QJK 
_struct.title                        
'Structure of the cytoplasmic domain of csx23 from Vibrio cholera in complex with cyclic tetra-adenylate (cA4)' 
_struct.pdbx_model_details           ? 
_struct.pdbx_formula_weight          ? 
_struct.pdbx_formula_weight_method   ? 
_struct.pdbx_model_type_details      ? 
_struct.pdbx_CASP_flag               N 
# 
_struct_keywords.entry_id        8QJK 
_struct_keywords.text            'DNA BINDING PROTEIN Type III CRISPR effector cA4 EPR, GENE REGULATION' 
_struct_keywords.pdbx_keywords   'GENE REGULATION' 
# 
loop_
_struct_asym.id 
_struct_asym.pdbx_blank_PDB_chainid_flag 
_struct_asym.pdbx_modified 
_struct_asym.entity_id 
_struct_asym.details 
A N N 1 ? 
B N N 2 ? 
C N N 3 ? 
D N N 3 ? 
E N N 4 ? 
F N N 5 ? 
G N N 5 ? 
# 
loop_
_struct_ref.id 
_struct_ref.db_name 
_struct_ref.db_code 
_struct_ref.pdbx_db_accession 
_struct_ref.pdbx_db_isoform 
_struct_ref.entity_id 
_struct_ref.pdbx_seq_one_letter_code 
_struct_ref.pdbx_align_begin 
1 PDB 8QJK 8QJK ? 1 ? 1 
2 PDB 8QJK 8QJK ? 2 ? 1 
# 
loop_
_struct_ref_seq.align_id 
_struct_ref_seq.ref_id 
_struct_ref_seq.pdbx_PDB_id_code 
_struct_ref_seq.pdbx_strand_id 
_struct_ref_seq.seq_align_beg 
_struct_ref_seq.pdbx_seq_align_beg_ins_code 
_struct_ref_seq.seq_align_end 
_struct_ref_seq.pdbx_seq_align_end_ins_code 
_struct_ref_seq.pdbx_db_accession 
_struct_ref_seq.db_align_beg 
_struct_ref_seq.pdbx_db_align_beg_ins_code 
_struct_ref_seq.db_align_end 
_struct_ref_seq.pdbx_db_align_end_ins_code 
_struct_ref_seq.pdbx_auth_seq_align_beg 
_struct_ref_seq.pdbx_auth_seq_align_end 
1 1 8QJK A 1 ? 96 ? 8QJK 64 ? 159 ? 64 159 
2 2 8QJK C 1 ? 4  ? 8QJK 1  ? 4   ? 1  4   
# 
_pdbx_struct_assembly.id                   1 
_pdbx_struct_assembly.details              author_defined_assembly 
_pdbx_struct_assembly.method_details       ? 
_pdbx_struct_assembly.oligomeric_details   octameric 
_pdbx_struct_assembly.oligomeric_count     8 
# 
loop_
_pdbx_struct_assembly_gen.assembly_id 
_pdbx_struct_assembly_gen.oper_expression 
_pdbx_struct_assembly_gen.asym_id_list 
1 1 A,B,C,D,E,F,G 
1 2 A,B,C,D,E,F,G 
1 3 A,B,C,D,E,F,G 
1 4 A,B,C,D,E,F,G 
# 
_pdbx_struct_assembly_auth_evidence.id                     1 
_pdbx_struct_assembly_auth_evidence.assembly_id            1 
_pdbx_struct_assembly_auth_evidence.experimental_support   'gel filtration' 
_pdbx_struct_assembly_auth_evidence.details                ? 
# 
loop_
_pdbx_struct_oper_list.id 
_pdbx_struct_oper_list.type 
_pdbx_struct_oper_list.name 
_pdbx_struct_oper_list.symmetry_operation 
_pdbx_struct_oper_list.matrix[1][1] 
_pdbx_struct_oper_list.matrix[1][2] 
_pdbx_struct_oper_list.matrix[1][3] 
_pdbx_struct_oper_list.vector[1] 
_pdbx_struct_oper_list.matrix[2][1] 
_pdbx_struct_oper_list.matrix[2][2] 
_pdbx_struct_oper_list.matrix[2][3] 
_pdbx_struct_oper_list.vector[2] 
_pdbx_struct_oper_list.matrix[3][1] 
_pdbx_struct_oper_list.matrix[3][2] 
_pdbx_struct_oper_list.matrix[3][3] 
_pdbx_struct_oper_list.vector[3] 
1 'identity operation'         1_555 x,y,z   1.0000000000  0.0000000000  0.0000000000  0.0000000000   0.0000000000  1.0000000000  0.0000000000  0.0000000000   0.0000000000  0.0000000000  1.0000000000 0.0000000000  
2 'crystal symmetry operation' 2_555 -x,-y,z -0.8866308218 -0.2565817324 0.3847747400  -31.4268205152 -0.2565817324 -0.4192937938 -0.8708378317 -4.7105820876  0.3847747400  -0.8708378317 0.3059246156 6.1183421347  
3 'crystal symmetry operation' 3_555 -y,x,z  0.0566845891  -0.9363516979 -0.3464568590 -15.9682120223 0.6797699655  0.2903531031  -0.6735041718 11.0704438449  0.7312315990  -0.1973336599 0.6529623078 12.0870115733 
4 'crystal symmetry operation' 4_555 y,-x,z  0.0566845891  0.6797699655  0.7312315990  -15.4586084929 -0.9363516979 0.2903531031  -0.1973336599 -15.7810259325 -0.3464568590 -0.6735041718 0.6529623078 -5.9686694386 
# 
loop_
_struct_conf.conf_type_id 
_struct_conf.id 
_struct_conf.pdbx_PDB_helix_id 
_struct_conf.beg_label_comp_id 
_struct_conf.beg_label_asym_id 
_struct_conf.beg_label_seq_id 
_struct_conf.pdbx_beg_PDB_ins_code 
_struct_conf.end_label_comp_id 
_struct_conf.end_label_asym_id 
_struct_conf.end_label_seq_id 
_struct_conf.pdbx_end_PDB_ins_code 
_struct_conf.beg_auth_comp_id 
_struct_conf.beg_auth_asym_id 
_struct_conf.beg_auth_seq_id 
_struct_conf.end_auth_comp_id 
_struct_conf.end_auth_asym_id 
_struct_conf.end_auth_seq_id 
_struct_conf.pdbx_PDB_helix_class 
_struct_conf.details 
_struct_conf.pdbx_PDB_helix_length 
HELX_P HELX_P1 AA1 PRO A 26 ? PHE A 30 ? PRO A 89  PHE A 93  5 ? 5  
HELX_P HELX_P2 AA2 SER A 31 ? GLY A 44 ? SER A 94  GLY A 107 1 ? 14 
HELX_P HELX_P3 AA3 ILE A 50 ? LYS A 54 ? ILE A 113 LYS A 117 5 ? 5  
HELX_P HELX_P4 AA4 THR A 55 ? LYS A 67 ? THR A 118 LYS A 130 1 ? 13 
HELX_P HELX_P5 AA5 GLU A 81 ? PHE A 86 ? GLU A 144 PHE A 149 5 ? 6  
# 
_struct_conf_type.id          HELX_P 
_struct_conf_type.criteria    ? 
_struct_conf_type.reference   ? 
# 
loop_
_struct_conn.id 
_struct_conn.conn_type_id 
_struct_conn.pdbx_leaving_atom_flag 
_struct_conn.pdbx_PDB_id 
_struct_conn.ptnr1_label_asym_id 
_struct_conn.ptnr1_label_comp_id 
_struct_conn.ptnr1_label_seq_id 
_struct_conn.ptnr1_label_atom_id 
_struct_conn.pdbx_ptnr1_label_alt_id 
_struct_conn.pdbx_ptnr1_PDB_ins_code 
_struct_conn.pdbx_ptnr1_standard_comp_id 
_struct_conn.ptnr1_symmetry 
_struct_conn.ptnr2_label_asym_id 
_struct_conn.ptnr2_label_comp_id 
_struct_conn.ptnr2_label_seq_id 
_struct_conn.ptnr2_label_atom_id 
_struct_conn.pdbx_ptnr2_label_alt_id 
_struct_conn.pdbx_ptnr2_PDB_ins_code 
_struct_conn.ptnr1_auth_asym_id 
_struct_conn.ptnr1_auth_comp_id 
_struct_conn.ptnr1_auth_seq_id 
_struct_conn.ptnr2_auth_asym_id 
_struct_conn.ptnr2_auth_comp_id 
_struct_conn.ptnr2_auth_seq_id 
_struct_conn.ptnr2_symmetry 
_struct_conn.pdbx_ptnr3_label_atom_id 
_struct_conn.pdbx_ptnr3_label_seq_id 
_struct_conn.pdbx_ptnr3_label_comp_id 
_struct_conn.pdbx_ptnr3_label_asym_id 
_struct_conn.pdbx_ptnr3_label_alt_id 
_struct_conn.pdbx_ptnr3_PDB_ins_code 
_struct_conn.details 
_struct_conn.pdbx_dist_value 
_struct_conn.pdbx_value_order 
_struct_conn.pdbx_role 
metalc1 metalc ? ? E NA . NA ? ? ? 1_555 G HOH . O ? ? C NA 101 C HOH 205 1_555 ? ? ? ? ? ? ? 2.555 ? ? 
metalc2 metalc ? ? E NA . NA ? ? ? 1_555 G HOH . O ? ? C NA 101 C HOH 205 2_555 ? ? ? ? ? ? ? 2.555 ? ? 
# 
_struct_conn_type.id          metalc 
_struct_conn_type.criteria    ? 
_struct_conn_type.reference   ? 
# 
_pdbx_struct_conn_angle.id                    1 
_pdbx_struct_conn_angle.ptnr1_label_atom_id   O 
_pdbx_struct_conn_angle.ptnr1_label_alt_id    ? 
_pdbx_struct_conn_angle.ptnr1_label_asym_id   G 
_pdbx_struct_conn_angle.ptnr1_label_comp_id   HOH 
_pdbx_struct_conn_angle.ptnr1_label_seq_id    . 
_pdbx_struct_conn_angle.ptnr1_auth_atom_id    ? 
_pdbx_struct_conn_angle.ptnr1_auth_asym_id    C 
_pdbx_struct_conn_angle.ptnr1_auth_comp_id    HOH 
_pdbx_struct_conn_angle.ptnr1_auth_seq_id     205 
_pdbx_struct_conn_angle.ptnr1_PDB_ins_code    ? 
_pdbx_struct_conn_angle.ptnr1_symmetry        1_555 
_pdbx_struct_conn_angle.ptnr2_label_atom_id   NA 
_pdbx_struct_conn_angle.ptnr2_label_alt_id    ? 
_pdbx_struct_conn_angle.ptnr2_label_asym_id   E 
_pdbx_struct_conn_angle.ptnr2_label_comp_id   NA 
_pdbx_struct_conn_angle.ptnr2_label_seq_id    . 
_pdbx_struct_conn_angle.ptnr2_auth_atom_id    ? 
_pdbx_struct_conn_angle.ptnr2_auth_asym_id    C 
_pdbx_struct_conn_angle.ptnr2_auth_comp_id    NA 
_pdbx_struct_conn_angle.ptnr2_auth_seq_id     101 
_pdbx_struct_conn_angle.ptnr2_PDB_ins_code    ? 
_pdbx_struct_conn_angle.ptnr2_symmetry        1_555 
_pdbx_struct_conn_angle.ptnr3_label_atom_id   O 
_pdbx_struct_conn_angle.ptnr3_label_alt_id    ? 
_pdbx_struct_conn_angle.ptnr3_label_asym_id   G 
_pdbx_struct_conn_angle.ptnr3_label_comp_id   HOH 
_pdbx_struct_conn_angle.ptnr3_label_seq_id    . 
_pdbx_struct_conn_angle.ptnr3_auth_atom_id    ? 
_pdbx_struct_conn_angle.ptnr3_auth_asym_id    C 
_pdbx_struct_conn_angle.ptnr3_auth_comp_id    HOH 
_pdbx_struct_conn_angle.ptnr3_auth_seq_id     205 
_pdbx_struct_conn_angle.ptnr3_PDB_ins_code    ? 
_pdbx_struct_conn_angle.ptnr3_symmetry        2_555 
_pdbx_struct_conn_angle.value                 0.0 
_pdbx_struct_conn_angle.value_esd             ? 
# 
_struct_sheet.id               AA1 
_struct_sheet.type             ? 
_struct_sheet.number_strands   3 
_struct_sheet.details          ? 
# 
loop_
_struct_sheet_order.sheet_id 
_struct_sheet_order.range_id_1 
_struct_sheet_order.range_id_2 
_struct_sheet_order.offset 
_struct_sheet_order.sense 
AA1 1 2 ? anti-parallel 
AA1 2 3 ? parallel      
# 
loop_
_struct_sheet_range.sheet_id 
_struct_sheet_range.id 
_struct_sheet_range.beg_label_comp_id 
_struct_sheet_range.beg_label_asym_id 
_struct_sheet_range.beg_label_seq_id 
_struct_sheet_range.pdbx_beg_PDB_ins_code 
_struct_sheet_range.end_label_comp_id 
_struct_sheet_range.end_label_asym_id 
_struct_sheet_range.end_label_seq_id 
_struct_sheet_range.pdbx_end_PDB_ins_code 
_struct_sheet_range.beg_auth_comp_id 
_struct_sheet_range.beg_auth_asym_id 
_struct_sheet_range.beg_auth_seq_id 
_struct_sheet_range.end_auth_comp_id 
_struct_sheet_range.end_auth_asym_id 
_struct_sheet_range.end_auth_seq_id 
AA1 1 ASN A 19 ? LYS A 21 ? ASN A 82  LYS A 84  
AA1 2 ILE A 8  ? LYS A 13 ? ILE A 71  LYS A 76  
AA1 3 GLN A 72 ? ASP A 77 ? GLN A 135 ASP A 140 
# 
loop_
_pdbx_struct_sheet_hbond.sheet_id 
_pdbx_struct_sheet_hbond.range_id_1 
_pdbx_struct_sheet_hbond.range_id_2 
_pdbx_struct_sheet_hbond.range_1_label_atom_id 
_pdbx_struct_sheet_hbond.range_1_label_comp_id 
_pdbx_struct_sheet_hbond.range_1_label_asym_id 
_pdbx_struct_sheet_hbond.range_1_label_seq_id 
_pdbx_struct_sheet_hbond.range_1_PDB_ins_code 
_pdbx_struct_sheet_hbond.range_1_auth_atom_id 
_pdbx_struct_sheet_hbond.range_1_auth_comp_id 
_pdbx_struct_sheet_hbond.range_1_auth_asym_id 
_pdbx_struct_sheet_hbond.range_1_auth_seq_id 
_pdbx_struct_sheet_hbond.range_2_label_atom_id 
_pdbx_struct_sheet_hbond.range_2_label_comp_id 
_pdbx_struct_sheet_hbond.range_2_label_asym_id 
_pdbx_struct_sheet_hbond.range_2_label_seq_id 
_pdbx_struct_sheet_hbond.range_2_PDB_ins_code 
_pdbx_struct_sheet_hbond.range_2_auth_atom_id 
_pdbx_struct_sheet_hbond.range_2_auth_comp_id 
_pdbx_struct_sheet_hbond.range_2_auth_asym_id 
_pdbx_struct_sheet_hbond.range_2_auth_seq_id 
AA1 1 2 O ILE A 20 ? O ILE A 83 N LEU A 12 ? N LEU A 75  
AA1 2 3 N VAL A 11 ? N VAL A 74 O PHE A 74 ? O PHE A 137 
# 
_pdbx_entry_details.entry_id                   8QJK 
_pdbx_entry_details.nonpolymer_details         ? 
_pdbx_entry_details.sequence_details           ? 
_pdbx_entry_details.compound_details           
;CRISPR-Cas systems provide bacteria with adaptive immunity against bacteriophages. Cyclic oligoadenylate signaling was found to be essential for the type III system against the jumbo phage.
;
_pdbx_entry_details.source_details             ? 
_pdbx_entry_details.has_ligand_of_interest     Y 
_pdbx_entry_details.has_protein_modification   N 
# 
_pdbx_validate_torsion.id              1 
_pdbx_validate_torsion.PDB_model_num   1 
_pdbx_validate_torsion.auth_comp_id    LYS 
_pdbx_validate_torsion.auth_asym_id    A 
_pdbx_validate_torsion.auth_seq_id     130 
_pdbx_validate_torsion.PDB_ins_code    ? 
_pdbx_validate_torsion.label_alt_id    ? 
_pdbx_validate_torsion.phi             -102.32 
_pdbx_validate_torsion.psi             74.58 
# 
_pdbx_validate_planes.id              1 
_pdbx_validate_planes.PDB_model_num   1 
_pdbx_validate_planes.auth_comp_id    ARG 
_pdbx_validate_planes.auth_asym_id    A 
_pdbx_validate_planes.auth_seq_id     95 
_pdbx_validate_planes.PDB_ins_code    ? 
_pdbx_validate_planes.label_alt_id    ? 
_pdbx_validate_planes.rmsd            0.086 
_pdbx_validate_planes.type            'SIDE CHAIN' 
# 
_pdbx_molecule_features.prd_id    PRD_002431 
_pdbx_molecule_features.name      'Cyclic tetraadenosine monophosphate (cA4)' 
_pdbx_molecule_features.type      Polycyclic 
_pdbx_molecule_features.class     Antiviral 
_pdbx_molecule_features.details   
;Cyclic oligoadenylates such as c-tetraAMP were found to be novel bacterial second messengers. Antiviral in context of signalling for Type III CRISPR-Cas systems.
;
# 
_pdbx_molecule.instance_id   1 
_pdbx_molecule.prd_id        PRD_002431 
_pdbx_molecule.asym_id       B 
# 
loop_
_pdbx_struct_special_symmetry.id 
_pdbx_struct_special_symmetry.PDB_model_num 
_pdbx_struct_special_symmetry.auth_asym_id 
_pdbx_struct_special_symmetry.auth_comp_id 
_pdbx_struct_special_symmetry.auth_seq_id 
_pdbx_struct_special_symmetry.PDB_ins_code 
_pdbx_struct_special_symmetry.label_asym_id 
_pdbx_struct_special_symmetry.label_comp_id 
_pdbx_struct_special_symmetry.label_seq_id 
1 1 A ACE 201 ? C ACE . 
2 1 A ACE 201 ? C ACE . 
3 1 C NA  101 ? E NA  . 
4 1 C HOH 205 ? G HOH . 
# 
loop_
_pdbx_unobs_or_zero_occ_residues.id 
_pdbx_unobs_or_zero_occ_residues.PDB_model_num 
_pdbx_unobs_or_zero_occ_residues.polymer_flag 
_pdbx_unobs_or_zero_occ_residues.occupancy_flag 
_pdbx_unobs_or_zero_occ_residues.auth_asym_id 
_pdbx_unobs_or_zero_occ_residues.auth_comp_id 
_pdbx_unobs_or_zero_occ_residues.auth_seq_id 
_pdbx_unobs_or_zero_occ_residues.PDB_ins_code 
_pdbx_unobs_or_zero_occ_residues.label_asym_id 
_pdbx_unobs_or_zero_occ_residues.label_comp_id 
_pdbx_unobs_or_zero_occ_residues.label_seq_id 
1  1 Y 1 A GLY 64  ? A GLY 1  
2  1 Y 1 A ALA 65  ? A ALA 2  
3  1 Y 1 A ASN 66  ? A ASN 3  
4  1 Y 1 A ALA 67  ? A ALA 4  
5  1 Y 1 A MET 68  ? A MET 5  
6  1 Y 1 A ALA 151 ? A ALA 88 
7  1 Y 1 A GLU 152 ? A GLU 89 
8  1 Y 1 A THR 153 ? A THR 90 
9  1 Y 1 A LYS 154 ? A LYS 91 
10 1 Y 1 A SER 155 ? A SER 92 
11 1 Y 1 A GLY 156 ? A GLY 93 
12 1 Y 1 A SER 157 ? A SER 94 
13 1 Y 1 A ASN 158 ? A ASN 95 
14 1 Y 1 A ALA 159 ? A ALA 96 
# 
loop_
_chem_comp_atom.comp_id 
_chem_comp_atom.atom_id 
_chem_comp_atom.type_symbol 
_chem_comp_atom.pdbx_aromatic_flag 
_chem_comp_atom.pdbx_stereo_config 
_chem_comp_atom.pdbx_ordinal 
A   OP3    O  N N 1   
A   P      P  N N 2   
A   OP1    O  N N 3   
A   OP2    O  N N 4   
A   "O5'"  O  N N 5   
A   "C5'"  C  N N 6   
A   "C4'"  C  N R 7   
A   "O4'"  O  N N 8   
A   "C3'"  C  N S 9   
A   "O3'"  O  N N 10  
A   "C2'"  C  N R 11  
A   "O2'"  O  N N 12  
A   "C1'"  C  N R 13  
A   N9     N  Y N 14  
A   C8     C  Y N 15  
A   N7     N  Y N 16  
A   C5     C  Y N 17  
A   C6     C  Y N 18  
A   N6     N  N N 19  
A   N1     N  Y N 20  
A   C2     C  Y N 21  
A   N3     N  Y N 22  
A   C4     C  Y N 23  
A   HOP3   H  N N 24  
A   HOP2   H  N N 25  
A   "H5'"  H  N N 26  
A   "H5''" H  N N 27  
A   "H4'"  H  N N 28  
A   "H3'"  H  N N 29  
A   "HO3'" H  N N 30  
A   "H2'"  H  N N 31  
A   "HO2'" H  N N 32  
A   "H1'"  H  N N 33  
A   H8     H  N N 34  
A   H61    H  N N 35  
A   H62    H  N N 36  
A   H2     H  N N 37  
ACE C      C  N N 38  
ACE O      O  N N 39  
ACE CH3    C  N N 40  
ACE H      H  N N 41  
ACE H1     H  N N 42  
ACE H2     H  N N 43  
ACE H3     H  N N 44  
ALA N      N  N N 45  
ALA CA     C  N S 46  
ALA C      C  N N 47  
ALA O      O  N N 48  
ALA CB     C  N N 49  
ALA OXT    O  N N 50  
ALA H      H  N N 51  
ALA H2     H  N N 52  
ALA HA     H  N N 53  
ALA HB1    H  N N 54  
ALA HB2    H  N N 55  
ALA HB3    H  N N 56  
ALA HXT    H  N N 57  
ARG N      N  N N 58  
ARG CA     C  N S 59  
ARG C      C  N N 60  
ARG O      O  N N 61  
ARG CB     C  N N 62  
ARG CG     C  N N 63  
ARG CD     C  N N 64  
ARG NE     N  N N 65  
ARG CZ     C  N N 66  
ARG NH1    N  N N 67  
ARG NH2    N  N N 68  
ARG OXT    O  N N 69  
ARG H      H  N N 70  
ARG H2     H  N N 71  
ARG HA     H  N N 72  
ARG HB2    H  N N 73  
ARG HB3    H  N N 74  
ARG HG2    H  N N 75  
ARG HG3    H  N N 76  
ARG HD2    H  N N 77  
ARG HD3    H  N N 78  
ARG HE     H  N N 79  
ARG HH11   H  N N 80  
ARG HH12   H  N N 81  
ARG HH21   H  N N 82  
ARG HH22   H  N N 83  
ARG HXT    H  N N 84  
ASN N      N  N N 85  
ASN CA     C  N S 86  
ASN C      C  N N 87  
ASN O      O  N N 88  
ASN CB     C  N N 89  
ASN CG     C  N N 90  
ASN OD1    O  N N 91  
ASN ND2    N  N N 92  
ASN OXT    O  N N 93  
ASN H      H  N N 94  
ASN H2     H  N N 95  
ASN HA     H  N N 96  
ASN HB2    H  N N 97  
ASN HB3    H  N N 98  
ASN HD21   H  N N 99  
ASN HD22   H  N N 100 
ASN HXT    H  N N 101 
ASP N      N  N N 102 
ASP CA     C  N S 103 
ASP C      C  N N 104 
ASP O      O  N N 105 
ASP CB     C  N N 106 
ASP CG     C  N N 107 
ASP OD1    O  N N 108 
ASP OD2    O  N N 109 
ASP OXT    O  N N 110 
ASP H      H  N N 111 
ASP H2     H  N N 112 
ASP HA     H  N N 113 
ASP HB2    H  N N 114 
ASP HB3    H  N N 115 
ASP HD2    H  N N 116 
ASP HXT    H  N N 117 
CYS N      N  N N 118 
CYS CA     C  N R 119 
CYS C      C  N N 120 
CYS O      O  N N 121 
CYS CB     C  N N 122 
CYS SG     S  N N 123 
CYS OXT    O  N N 124 
CYS H      H  N N 125 
CYS H2     H  N N 126 
CYS HA     H  N N 127 
CYS HB2    H  N N 128 
CYS HB3    H  N N 129 
CYS HG     H  N N 130 
CYS HXT    H  N N 131 
GLN N      N  N N 132 
GLN CA     C  N S 133 
GLN C      C  N N 134 
GLN O      O  N N 135 
GLN CB     C  N N 136 
GLN CG     C  N N 137 
GLN CD     C  N N 138 
GLN OE1    O  N N 139 
GLN NE2    N  N N 140 
GLN OXT    O  N N 141 
GLN H      H  N N 142 
GLN H2     H  N N 143 
GLN HA     H  N N 144 
GLN HB2    H  N N 145 
GLN HB3    H  N N 146 
GLN HG2    H  N N 147 
GLN HG3    H  N N 148 
GLN HE21   H  N N 149 
GLN HE22   H  N N 150 
GLN HXT    H  N N 151 
GLU N      N  N N 152 
GLU CA     C  N S 153 
GLU C      C  N N 154 
GLU O      O  N N 155 
GLU CB     C  N N 156 
GLU CG     C  N N 157 
GLU CD     C  N N 158 
GLU OE1    O  N N 159 
GLU OE2    O  N N 160 
GLU OXT    O  N N 161 
GLU H      H  N N 162 
GLU H2     H  N N 163 
GLU HA     H  N N 164 
GLU HB2    H  N N 165 
GLU HB3    H  N N 166 
GLU HG2    H  N N 167 
GLU HG3    H  N N 168 
GLU HE2    H  N N 169 
GLU HXT    H  N N 170 
GLY N      N  N N 171 
GLY CA     C  N N 172 
GLY C      C  N N 173 
GLY O      O  N N 174 
GLY OXT    O  N N 175 
GLY H      H  N N 176 
GLY H2     H  N N 177 
GLY HA2    H  N N 178 
GLY HA3    H  N N 179 
GLY HXT    H  N N 180 
HOH O      O  N N 181 
HOH H1     H  N N 182 
HOH H2     H  N N 183 
ILE N      N  N N 184 
ILE CA     C  N S 185 
ILE C      C  N N 186 
ILE O      O  N N 187 
ILE CB     C  N S 188 
ILE CG1    C  N N 189 
ILE CG2    C  N N 190 
ILE CD1    C  N N 191 
ILE OXT    O  N N 192 
ILE H      H  N N 193 
ILE H2     H  N N 194 
ILE HA     H  N N 195 
ILE HB     H  N N 196 
ILE HG12   H  N N 197 
ILE HG13   H  N N 198 
ILE HG21   H  N N 199 
ILE HG22   H  N N 200 
ILE HG23   H  N N 201 
ILE HD11   H  N N 202 
ILE HD12   H  N N 203 
ILE HD13   H  N N 204 
ILE HXT    H  N N 205 
LEU N      N  N N 206 
LEU CA     C  N S 207 
LEU C      C  N N 208 
LEU O      O  N N 209 
LEU CB     C  N N 210 
LEU CG     C  N N 211 
LEU CD1    C  N N 212 
LEU CD2    C  N N 213 
LEU OXT    O  N N 214 
LEU H      H  N N 215 
LEU H2     H  N N 216 
LEU HA     H  N N 217 
LEU HB2    H  N N 218 
LEU HB3    H  N N 219 
LEU HG     H  N N 220 
LEU HD11   H  N N 221 
LEU HD12   H  N N 222 
LEU HD13   H  N N 223 
LEU HD21   H  N N 224 
LEU HD22   H  N N 225 
LEU HD23   H  N N 226 
LEU HXT    H  N N 227 
LYS N      N  N N 228 
LYS CA     C  N S 229 
LYS C      C  N N 230 
LYS O      O  N N 231 
LYS CB     C  N N 232 
LYS CG     C  N N 233 
LYS CD     C  N N 234 
LYS CE     C  N N 235 
LYS NZ     N  N N 236 
LYS OXT    O  N N 237 
LYS H      H  N N 238 
LYS H2     H  N N 239 
LYS HA     H  N N 240 
LYS HB2    H  N N 241 
LYS HB3    H  N N 242 
LYS HG2    H  N N 243 
LYS HG3    H  N N 244 
LYS HD2    H  N N 245 
LYS HD3    H  N N 246 
LYS HE2    H  N N 247 
LYS HE3    H  N N 248 
LYS HZ1    H  N N 249 
LYS HZ2    H  N N 250 
LYS HZ3    H  N N 251 
LYS HXT    H  N N 252 
MET N      N  N N 253 
MET CA     C  N S 254 
MET C      C  N N 255 
MET O      O  N N 256 
MET CB     C  N N 257 
MET CG     C  N N 258 
MET SD     S  N N 259 
MET CE     C  N N 260 
MET OXT    O  N N 261 
MET H      H  N N 262 
MET H2     H  N N 263 
MET HA     H  N N 264 
MET HB2    H  N N 265 
MET HB3    H  N N 266 
MET HG2    H  N N 267 
MET HG3    H  N N 268 
MET HE1    H  N N 269 
MET HE2    H  N N 270 
MET HE3    H  N N 271 
MET HXT    H  N N 272 
NA  NA     NA N N 273 
PHE N      N  N N 274 
PHE CA     C  N S 275 
PHE C      C  N N 276 
PHE O      O  N N 277 
PHE CB     C  N N 278 
PHE CG     C  Y N 279 
PHE CD1    C  Y N 280 
PHE CD2    C  Y N 281 
PHE CE1    C  Y N 282 
PHE CE2    C  Y N 283 
PHE CZ     C  Y N 284 
PHE OXT    O  N N 285 
PHE H      H  N N 286 
PHE H2     H  N N 287 
PHE HA     H  N N 288 
PHE HB2    H  N N 289 
PHE HB3    H  N N 290 
PHE HD1    H  N N 291 
PHE HD2    H  N N 292 
PHE HE1    H  N N 293 
PHE HE2    H  N N 294 
PHE HZ     H  N N 295 
PHE HXT    H  N N 296 
PRO N      N  N N 297 
PRO CA     C  N S 298 
PRO C      C  N N 299 
PRO O      O  N N 300 
PRO CB     C  N N 301 
PRO CG     C  N N 302 
PRO CD     C  N N 303 
PRO OXT    O  N N 304 
PRO H      H  N N 305 
PRO HA     H  N N 306 
PRO HB2    H  N N 307 
PRO HB3    H  N N 308 
PRO HG2    H  N N 309 
PRO HG3    H  N N 310 
PRO HD2    H  N N 311 
PRO HD3    H  N N 312 
PRO HXT    H  N N 313 
SER N      N  N N 314 
SER CA     C  N S 315 
SER C      C  N N 316 
SER O      O  N N 317 
SER CB     C  N N 318 
SER OG     O  N N 319 
SER OXT    O  N N 320 
SER H      H  N N 321 
SER H2     H  N N 322 
SER HA     H  N N 323 
SER HB2    H  N N 324 
SER HB3    H  N N 325 
SER HG     H  N N 326 
SER HXT    H  N N 327 
THR N      N  N N 328 
THR CA     C  N S 329 
THR C      C  N N 330 
THR O      O  N N 331 
THR CB     C  N R 332 
THR OG1    O  N N 333 
THR CG2    C  N N 334 
THR OXT    O  N N 335 
THR H      H  N N 336 
THR H2     H  N N 337 
THR HA     H  N N 338 
THR HB     H  N N 339 
THR HG1    H  N N 340 
THR HG21   H  N N 341 
THR HG22   H  N N 342 
THR HG23   H  N N 343 
THR HXT    H  N N 344 
TYR N      N  N N 345 
TYR CA     C  N S 346 
TYR C      C  N N 347 
TYR O      O  N N 348 
TYR CB     C  N N 349 
TYR CG     C  Y N 350 
TYR CD1    C  Y N 351 
TYR CD2    C  Y N 352 
TYR CE1    C  Y N 353 
TYR CE2    C  Y N 354 
TYR CZ     C  Y N 355 
TYR OH     O  N N 356 
TYR OXT    O  N N 357 
TYR H      H  N N 358 
TYR H2     H  N N 359 
TYR HA     H  N N 360 
TYR HB2    H  N N 361 
TYR HB3    H  N N 362 
TYR HD1    H  N N 363 
TYR HD2    H  N N 364 
TYR HE1    H  N N 365 
TYR HE2    H  N N 366 
TYR HH     H  N N 367 
TYR HXT    H  N N 368 
VAL N      N  N N 369 
VAL CA     C  N S 370 
VAL C      C  N N 371 
VAL O      O  N N 372 
VAL CB     C  N N 373 
VAL CG1    C  N N 374 
VAL CG2    C  N N 375 
VAL OXT    O  N N 376 
VAL H      H  N N 377 
VAL H2     H  N N 378 
VAL HA     H  N N 379 
VAL HB     H  N N 380 
VAL HG11   H  N N 381 
VAL HG12   H  N N 382 
VAL HG13   H  N N 383 
VAL HG21   H  N N 384 
VAL HG22   H  N N 385 
VAL HG23   H  N N 386 
VAL HXT    H  N N 387 
# 
loop_
_chem_comp_bond.comp_id 
_chem_comp_bond.atom_id_1 
_chem_comp_bond.atom_id_2 
_chem_comp_bond.value_order 
_chem_comp_bond.pdbx_aromatic_flag 
_chem_comp_bond.pdbx_stereo_config 
_chem_comp_bond.pdbx_ordinal 
A   OP3   P      sing N N 1   
A   OP3   HOP3   sing N N 2   
A   P     OP1    doub N N 3   
A   P     OP2    sing N N 4   
A   P     "O5'"  sing N N 5   
A   OP2   HOP2   sing N N 6   
A   "O5'" "C5'"  sing N N 7   
A   "C5'" "C4'"  sing N N 8   
A   "C5'" "H5'"  sing N N 9   
A   "C5'" "H5''" sing N N 10  
A   "C4'" "O4'"  sing N N 11  
A   "C4'" "C3'"  sing N N 12  
A   "C4'" "H4'"  sing N N 13  
A   "O4'" "C1'"  sing N N 14  
A   "C3'" "O3'"  sing N N 15  
A   "C3'" "C2'"  sing N N 16  
A   "C3'" "H3'"  sing N N 17  
A   "O3'" "HO3'" sing N N 18  
A   "C2'" "O2'"  sing N N 19  
A   "C2'" "C1'"  sing N N 20  
A   "C2'" "H2'"  sing N N 21  
A   "O2'" "HO2'" sing N N 22  
A   "C1'" N9     sing N N 23  
A   "C1'" "H1'"  sing N N 24  
A   N9    C8     sing Y N 25  
A   N9    C4     sing Y N 26  
A   C8    N7     doub Y N 27  
A   C8    H8     sing N N 28  
A   N7    C5     sing Y N 29  
A   C5    C6     sing Y N 30  
A   C5    C4     doub Y N 31  
A   C6    N6     sing N N 32  
A   C6    N1     doub Y N 33  
A   N6    H61    sing N N 34  
A   N6    H62    sing N N 35  
A   N1    C2     sing Y N 36  
A   C2    N3     doub Y N 37  
A   C2    H2     sing N N 38  
A   N3    C4     sing Y N 39  
ACE C     O      doub N N 40  
ACE C     CH3    sing N N 41  
ACE C     H      sing N N 42  
ACE CH3   H1     sing N N 43  
ACE CH3   H2     sing N N 44  
ACE CH3   H3     sing N N 45  
ALA N     CA     sing N N 46  
ALA N     H      sing N N 47  
ALA N     H2     sing N N 48  
ALA CA    C      sing N N 49  
ALA CA    CB     sing N N 50  
ALA CA    HA     sing N N 51  
ALA C     O      doub N N 52  
ALA C     OXT    sing N N 53  
ALA CB    HB1    sing N N 54  
ALA CB    HB2    sing N N 55  
ALA CB    HB3    sing N N 56  
ALA OXT   HXT    sing N N 57  
ARG N     CA     sing N N 58  
ARG N     H      sing N N 59  
ARG N     H2     sing N N 60  
ARG CA    C      sing N N 61  
ARG CA    CB     sing N N 62  
ARG CA    HA     sing N N 63  
ARG C     O      doub N N 64  
ARG C     OXT    sing N N 65  
ARG CB    CG     sing N N 66  
ARG CB    HB2    sing N N 67  
ARG CB    HB3    sing N N 68  
ARG CG    CD     sing N N 69  
ARG CG    HG2    sing N N 70  
ARG CG    HG3    sing N N 71  
ARG CD    NE     sing N N 72  
ARG CD    HD2    sing N N 73  
ARG CD    HD3    sing N N 74  
ARG NE    CZ     sing N N 75  
ARG NE    HE     sing N N 76  
ARG CZ    NH1    sing N N 77  
ARG CZ    NH2    doub N N 78  
ARG NH1   HH11   sing N N 79  
ARG NH1   HH12   sing N N 80  
ARG NH2   HH21   sing N N 81  
ARG NH2   HH22   sing N N 82  
ARG OXT   HXT    sing N N 83  
ASN N     CA     sing N N 84  
ASN N     H      sing N N 85  
ASN N     H2     sing N N 86  
ASN CA    C      sing N N 87  
ASN CA    CB     sing N N 88  
ASN CA    HA     sing N N 89  
ASN C     O      doub N N 90  
ASN C     OXT    sing N N 91  
ASN CB    CG     sing N N 92  
ASN CB    HB2    sing N N 93  
ASN CB    HB3    sing N N 94  
ASN CG    OD1    doub N N 95  
ASN CG    ND2    sing N N 96  
ASN ND2   HD21   sing N N 97  
ASN ND2   HD22   sing N N 98  
ASN OXT   HXT    sing N N 99  
ASP N     CA     sing N N 100 
ASP N     H      sing N N 101 
ASP N     H2     sing N N 102 
ASP CA    C      sing N N 103 
ASP CA    CB     sing N N 104 
ASP CA    HA     sing N N 105 
ASP C     O      doub N N 106 
ASP C     OXT    sing N N 107 
ASP CB    CG     sing N N 108 
ASP CB    HB2    sing N N 109 
ASP CB    HB3    sing N N 110 
ASP CG    OD1    doub N N 111 
ASP CG    OD2    sing N N 112 
ASP OD2   HD2    sing N N 113 
ASP OXT   HXT    sing N N 114 
CYS N     CA     sing N N 115 
CYS N     H      sing N N 116 
CYS N     H2     sing N N 117 
CYS CA    C      sing N N 118 
CYS CA    CB     sing N N 119 
CYS CA    HA     sing N N 120 
CYS C     O      doub N N 121 
CYS C     OXT    sing N N 122 
CYS CB    SG     sing N N 123 
CYS CB    HB2    sing N N 124 
CYS CB    HB3    sing N N 125 
CYS SG    HG     sing N N 126 
CYS OXT   HXT    sing N N 127 
GLN N     CA     sing N N 128 
GLN N     H      sing N N 129 
GLN N     H2     sing N N 130 
GLN CA    C      sing N N 131 
GLN CA    CB     sing N N 132 
GLN CA    HA     sing N N 133 
GLN C     O      doub N N 134 
GLN C     OXT    sing N N 135 
GLN CB    CG     sing N N 136 
GLN CB    HB2    sing N N 137 
GLN CB    HB3    sing N N 138 
GLN CG    CD     sing N N 139 
GLN CG    HG2    sing N N 140 
GLN CG    HG3    sing N N 141 
GLN CD    OE1    doub N N 142 
GLN CD    NE2    sing N N 143 
GLN NE2   HE21   sing N N 144 
GLN NE2   HE22   sing N N 145 
GLN OXT   HXT    sing N N 146 
GLU N     CA     sing N N 147 
GLU N     H      sing N N 148 
GLU N     H2     sing N N 149 
GLU CA    C      sing N N 150 
GLU CA    CB     sing N N 151 
GLU CA    HA     sing N N 152 
GLU C     O      doub N N 153 
GLU C     OXT    sing N N 154 
GLU CB    CG     sing N N 155 
GLU CB    HB2    sing N N 156 
GLU CB    HB3    sing N N 157 
GLU CG    CD     sing N N 158 
GLU CG    HG2    sing N N 159 
GLU CG    HG3    sing N N 160 
GLU CD    OE1    doub N N 161 
GLU CD    OE2    sing N N 162 
GLU OE2   HE2    sing N N 163 
GLU OXT   HXT    sing N N 164 
GLY N     CA     sing N N 165 
GLY N     H      sing N N 166 
GLY N     H2     sing N N 167 
GLY CA    C      sing N N 168 
GLY CA    HA2    sing N N 169 
GLY CA    HA3    sing N N 170 
GLY C     O      doub N N 171 
GLY C     OXT    sing N N 172 
GLY OXT   HXT    sing N N 173 
HOH O     H1     sing N N 174 
HOH O     H2     sing N N 175 
ILE N     CA     sing N N 176 
ILE N     H      sing N N 177 
ILE N     H2     sing N N 178 
ILE CA    C      sing N N 179 
ILE CA    CB     sing N N 180 
ILE CA    HA     sing N N 181 
ILE C     O      doub N N 182 
ILE C     OXT    sing N N 183 
ILE CB    CG1    sing N N 184 
ILE CB    CG2    sing N N 185 
ILE CB    HB     sing N N 186 
ILE CG1   CD1    sing N N 187 
ILE CG1   HG12   sing N N 188 
ILE CG1   HG13   sing N N 189 
ILE CG2   HG21   sing N N 190 
ILE CG2   HG22   sing N N 191 
ILE CG2   HG23   sing N N 192 
ILE CD1   HD11   sing N N 193 
ILE CD1   HD12   sing N N 194 
ILE CD1   HD13   sing N N 195 
ILE OXT   HXT    sing N N 196 
LEU N     CA     sing N N 197 
LEU N     H      sing N N 198 
LEU N     H2     sing N N 199 
LEU CA    C      sing N N 200 
LEU CA    CB     sing N N 201 
LEU CA    HA     sing N N 202 
LEU C     O      doub N N 203 
LEU C     OXT    sing N N 204 
LEU CB    CG     sing N N 205 
LEU CB    HB2    sing N N 206 
LEU CB    HB3    sing N N 207 
LEU CG    CD1    sing N N 208 
LEU CG    CD2    sing N N 209 
LEU CG    HG     sing N N 210 
LEU CD1   HD11   sing N N 211 
LEU CD1   HD12   sing N N 212 
LEU CD1   HD13   sing N N 213 
LEU CD2   HD21   sing N N 214 
LEU CD2   HD22   sing N N 215 
LEU CD2   HD23   sing N N 216 
LEU OXT   HXT    sing N N 217 
LYS N     CA     sing N N 218 
LYS N     H      sing N N 219 
LYS N     H2     sing N N 220 
LYS CA    C      sing N N 221 
LYS CA    CB     sing N N 222 
LYS CA    HA     sing N N 223 
LYS C     O      doub N N 224 
LYS C     OXT    sing N N 225 
LYS CB    CG     sing N N 226 
LYS CB    HB2    sing N N 227 
LYS CB    HB3    sing N N 228 
LYS CG    CD     sing N N 229 
LYS CG    HG2    sing N N 230 
LYS CG    HG3    sing N N 231 
LYS CD    CE     sing N N 232 
LYS CD    HD2    sing N N 233 
LYS CD    HD3    sing N N 234 
LYS CE    NZ     sing N N 235 
LYS CE    HE2    sing N N 236 
LYS CE    HE3    sing N N 237 
LYS NZ    HZ1    sing N N 238 
LYS NZ    HZ2    sing N N 239 
LYS NZ    HZ3    sing N N 240 
LYS OXT   HXT    sing N N 241 
MET N     CA     sing N N 242 
MET N     H      sing N N 243 
MET N     H2     sing N N 244 
MET CA    C      sing N N 245 
MET CA    CB     sing N N 246 
MET CA    HA     sing N N 247 
MET C     O      doub N N 248 
MET C     OXT    sing N N 249 
MET CB    CG     sing N N 250 
MET CB    HB2    sing N N 251 
MET CB    HB3    sing N N 252 
MET CG    SD     sing N N 253 
MET CG    HG2    sing N N 254 
MET CG    HG3    sing N N 255 
MET SD    CE     sing N N 256 
MET CE    HE1    sing N N 257 
MET CE    HE2    sing N N 258 
MET CE    HE3    sing N N 259 
MET OXT   HXT    sing N N 260 
PHE N     CA     sing N N 261 
PHE N     H      sing N N 262 
PHE N     H2     sing N N 263 
PHE CA    C      sing N N 264 
PHE CA    CB     sing N N 265 
PHE CA    HA     sing N N 266 
PHE C     O      doub N N 267 
PHE C     OXT    sing N N 268 
PHE CB    CG     sing N N 269 
PHE CB    HB2    sing N N 270 
PHE CB    HB3    sing N N 271 
PHE CG    CD1    doub Y N 272 
PHE CG    CD2    sing Y N 273 
PHE CD1   CE1    sing Y N 274 
PHE CD1   HD1    sing N N 275 
PHE CD2   CE2    doub Y N 276 
PHE CD2   HD2    sing N N 277 
PHE CE1   CZ     doub Y N 278 
PHE CE1   HE1    sing N N 279 
PHE CE2   CZ     sing Y N 280 
PHE CE2   HE2    sing N N 281 
PHE CZ    HZ     sing N N 282 
PHE OXT   HXT    sing N N 283 
PRO N     CA     sing N N 284 
PRO N     CD     sing N N 285 
PRO N     H      sing N N 286 
PRO CA    C      sing N N 287 
PRO CA    CB     sing N N 288 
PRO CA    HA     sing N N 289 
PRO C     O      doub N N 290 
PRO C     OXT    sing N N 291 
PRO CB    CG     sing N N 292 
PRO CB    HB2    sing N N 293 
PRO CB    HB3    sing N N 294 
PRO CG    CD     sing N N 295 
PRO CG    HG2    sing N N 296 
PRO CG    HG3    sing N N 297 
PRO CD    HD2    sing N N 298 
PRO CD    HD3    sing N N 299 
PRO OXT   HXT    sing N N 300 
SER N     CA     sing N N 301 
SER N     H      sing N N 302 
SER N     H2     sing N N 303 
SER CA    C      sing N N 304 
SER CA    CB     sing N N 305 
SER CA    HA     sing N N 306 
SER C     O      doub N N 307 
SER C     OXT    sing N N 308 
SER CB    OG     sing N N 309 
SER CB    HB2    sing N N 310 
SER CB    HB3    sing N N 311 
SER OG    HG     sing N N 312 
SER OXT   HXT    sing N N 313 
THR N     CA     sing N N 314 
THR N     H      sing N N 315 
THR N     H2     sing N N 316 
THR CA    C      sing N N 317 
THR CA    CB     sing N N 318 
THR CA    HA     sing N N 319 
THR C     O      doub N N 320 
THR C     OXT    sing N N 321 
THR CB    OG1    sing N N 322 
THR CB    CG2    sing N N 323 
THR CB    HB     sing N N 324 
THR OG1   HG1    sing N N 325 
THR CG2   HG21   sing N N 326 
THR CG2   HG22   sing N N 327 
THR CG2   HG23   sing N N 328 
THR OXT   HXT    sing N N 329 
TYR N     CA     sing N N 330 
TYR N     H      sing N N 331 
TYR N     H2     sing N N 332 
TYR CA    C      sing N N 333 
TYR CA    CB     sing N N 334 
TYR CA    HA     sing N N 335 
TYR C     O      doub N N 336 
TYR C     OXT    sing N N 337 
TYR CB    CG     sing N N 338 
TYR CB    HB2    sing N N 339 
TYR CB    HB3    sing N N 340 
TYR CG    CD1    doub Y N 341 
TYR CG    CD2    sing Y N 342 
TYR CD1   CE1    sing Y N 343 
TYR CD1   HD1    sing N N 344 
TYR CD2   CE2    doub Y N 345 
TYR CD2   HD2    sing N N 346 
TYR CE1   CZ     doub Y N 347 
TYR CE1   HE1    sing N N 348 
TYR CE2   CZ     sing Y N 349 
TYR CE2   HE2    sing N N 350 
TYR CZ    OH     sing N N 351 
TYR OH    HH     sing N N 352 
TYR OXT   HXT    sing N N 353 
VAL N     CA     sing N N 354 
VAL N     H      sing N N 355 
VAL N     H2     sing N N 356 
VAL CA    C      sing N N 357 
VAL CA    CB     sing N N 358 
VAL CA    HA     sing N N 359 
VAL C     O      doub N N 360 
VAL C     OXT    sing N N 361 
VAL CB    CG1    sing N N 362 
VAL CB    CG2    sing N N 363 
VAL CB    HB     sing N N 364 
VAL CG1   HG11   sing N N 365 
VAL CG1   HG12   sing N N 366 
VAL CG1   HG13   sing N N 367 
VAL CG2   HG21   sing N N 368 
VAL CG2   HG22   sing N N 369 
VAL CG2   HG23   sing N N 370 
VAL OXT   HXT    sing N N 371 
# 
_pdbx_audit_support.funding_organization   'Biotechnology and Biological Sciences Research Council (BBSRC)' 
_pdbx_audit_support.country                'United Kingdom' 
_pdbx_audit_support.grant_number           BB/T004789/1 
_pdbx_audit_support.ordinal                1 
# 
_pdbx_initial_refinement_model.id               1 
_pdbx_initial_refinement_model.entity_id_list   ? 
_pdbx_initial_refinement_model.type             'in silico model' 
_pdbx_initial_refinement_model.source_name      AlphaFold 
_pdbx_initial_refinement_model.accession_code   ? 
_pdbx_initial_refinement_model.details          ? 
# 
_atom_sites.entry_id                    8QJK 
_atom_sites.Cartn_transf_matrix[1][1]   ? 
_atom_sites.Cartn_transf_matrix[1][2]   ? 
_atom_sites.Cartn_transf_matrix[1][3]   ? 
_atom_sites.Cartn_transf_matrix[2][1]   ? 
_atom_sites.Cartn_transf_matrix[2][2]   ? 
_atom_sites.Cartn_transf_matrix[2][3]   ? 
_atom_sites.Cartn_transf_matrix[3][1]   ? 
_atom_sites.Cartn_transf_matrix[3][2]   ? 
_atom_sites.Cartn_transf_matrix[3][3]   ? 
_atom_sites.Cartn_transf_vector[1]      ? 
_atom_sites.Cartn_transf_vector[2]      ? 
_atom_sites.Cartn_transf_vector[3]      ? 
_atom_sites.Cartn_transform_axes        ? 
_atom_sites.fract_transf_matrix[1][1]   -0.01416836 
_atom_sites.fract_transf_matrix[1][2]   0.00116915 
_atom_sites.fract_transf_matrix[1][3]   0.00495416 
_atom_sites.fract_transf_matrix[2][1]   -0.00361427 
_atom_sites.fract_transf_matrix[2][2]   -0.01262841 
_atom_sites.fract_transf_matrix[2][3]   -0.00735618 
_atom_sites.fract_transf_matrix[3][1]   0.00560477 
_atom_sites.fract_transf_matrix[3][2]   -0.01268493 
_atom_sites.fract_transf_matrix[3][3]   0.01902256 
_atom_sites.fract_transf_vector[1]      -0.235035 
_atom_sites.fract_transf_vector[2]      -0.064032 
_atom_sites.fract_transf_vector[3]      -0.173593 
_atom_sites.solution_primary            ? 
_atom_sites.solution_secondary          ? 
_atom_sites.solution_hydrogens          ? 
_atom_sites.special_details             ? 
# 
loop_
_atom_type.symbol 
_atom_type.pdbx_scat_Z 
_atom_type.pdbx_N_electrons 
_atom_type.scat_Cromer_Mann_a1 
_atom_type.scat_Cromer_Mann_b1 
_atom_type.scat_Cromer_Mann_a2 
_atom_type.scat_Cromer_Mann_b2 
_atom_type.scat_Cromer_Mann_a3 
_atom_type.scat_Cromer_Mann_b3 
_atom_type.scat_Cromer_Mann_a4 
_atom_type.scat_Cromer_Mann_b4 
_atom_type.scat_Cromer_Mann_c 
C   6  6  2.310  20.844 1.020 10.208 1.589 0.569  0.865   51.651  0.216   
H   1  1  0.493  10.511 0.323 26.126 0.140 3.142  0.041   57.800  0.003   
N   7  7  12.222 0.006  3.135 9.893  2.014 28.997 1.167   0.583   -11.538 
NA  11 11 4.766  3.285  3.176 8.842  1.268 0.314  1.114   129.424 0.730   
O   8  8  3.049  13.277 2.287 5.701  1.546 0.324  0.867   32.909  0.251   
O-1 8  9  4.195  12.857 1.641 4.172  1.528 47.018 -20.325 -0.014  21.960  
P   15 15 6.435  1.907  4.179 27.157 1.780 0.526  1.491   68.164  1.261   
S   16 16 6.905  1.468  5.203 22.215 1.438 0.254  1.586   56.172  1.042   
# 
loop_
_atom_site.group_PDB 
_atom_site.id 
_atom_site.type_symbol 
_atom_site.label_atom_id 
_atom_site.label_alt_id 
_atom_site.label_comp_id 
_atom_site.label_asym_id 
_atom_site.label_entity_id 
_atom_site.label_seq_id 
_atom_site.pdbx_PDB_ins_code 
_atom_site.Cartn_x 
_atom_site.Cartn_y 
_atom_site.Cartn_z 
_atom_site.occupancy 
_atom_site.B_iso_or_equiv 
_atom_site.pdbx_formal_charge 
_atom_site.auth_seq_id 
_atom_site.auth_comp_id 
_atom_site.auth_asym_id 
_atom_site.auth_atom_id 
_atom_site.pdbx_PDB_model_num 
_atom_site.calc_flag 
ATOM   1   N  N     . ASP A 1 6  ? -3.896  1.194   -16.746 1.000 72.205 0  69  ASP A N     1 ? 
ATOM   2   C  CA    . ASP A 1 6  ? -2.492  1.345   -16.269 1.000 74.817 0  69  ASP A CA    1 ? 
ATOM   3   C  C     . ASP A 1 6  ? -2.163  0.199   -15.310 1.000 76.024 0  69  ASP A C     1 ? 
ATOM   4   O  O     . ASP A 1 6  ? -2.795  -0.857  -15.365 1.000 81.701 0  69  ASP A O     1 ? 
ATOM   5   C  CB    . ASP A 1 6  ? -2.279  2.733   -15.651 1.000 75.067 0  69  ASP A CB    1 ? 
ATOM   6   C  CG    . ASP A 1 6  ? -2.264  3.866   -16.663 1.000 76.888 0  69  ASP A CG    1 ? 
ATOM   7   O  OD1   . ASP A 1 6  ? -2.422  3.582   -17.867 1.000 84.495 0  69  ASP A OD1   1 ? 
ATOM   8   O  OD2   . ASP A 1 6  ? -2.079  5.027   -16.243 1.000 72.104 0  69  ASP A OD2   1 ? 
ATOM   9   N  N     . GLU A 1 7  ? -1.133  0.391   -14.471 1.000 69.068 0  70  GLU A N     1 ? 
ATOM   10  C  CA    . GLU A 1 7  ? -0.918  -0.454  -13.306 1.000 66.729 0  70  GLU A CA    1 ? 
ATOM   11  C  C     . GLU A 1 7  ? -0.425  0.389   -12.133 1.000 64.264 0  70  GLU A C     1 ? 
ATOM   12  O  O     . GLU A 1 7  ? 0.369   1.311   -12.319 1.000 63.718 0  70  GLU A O     1 ? 
ATOM   13  C  CB    . GLU A 1 7  ? 0.121   -1.542  -13.575 1.000 65.038 0  70  GLU A CB    1 ? 
ATOM   14  C  CG    . GLU A 1 7  ? -0.448  -2.828  -14.145 1.000 65.033 0  70  GLU A CG    1 ? 
ATOM   15  C  CD    . GLU A 1 7  ? 0.493   -4.018  -14.025 1.000 64.622 0  70  GLU A CD    1 ? 
ATOM   16  O  OE1   . GLU A 1 7  ? 1.544   -3.886  -13.355 1.000 62.866 0  70  GLU A OE1   1 ? 
ATOM   17  O  OE2   . GLU A 1 7  ? 0.173   -5.080  -14.593 1.000 64.851 0  70  GLU A OE2   1 ? 
ATOM   18  N  N     . ILE A 1 8  ? -0.893  0.034   -10.926 1.000 58.683 0  71  ILE A N     1 ? 
ATOM   19  C  CA    . ILE A 1 8  ? -0.406  0.612   -9.682  1.000 52.497 0  71  ILE A CA    1 ? 
ATOM   20  C  C     . ILE A 1 8  ? -0.146  -0.525  -8.693  1.000 48.887 0  71  ILE A C     1 ? 
ATOM   21  O  O     . ILE A 1 8  ? -1.067  -1.257  -8.330  1.000 47.783 0  71  ILE A O     1 ? 
ATOM   22  C  CB    . ILE A 1 8  ? -1.400  1.661   -9.143  1.000 52.549 0  71  ILE A CB    1 ? 
ATOM   23  C  CG1   . ILE A 1 8  ? -1.570  2.825   -10.125 1.000 52.263 0  71  ILE A CG1   1 ? 
ATOM   24  C  CG2   . ILE A 1 8  ? -0.976  2.148   -7.767  1.000 52.399 0  71  ILE A CG2   1 ? 
ATOM   25  C  CD1   . ILE A 1 8  ? -2.797  3.657   -9.885  1.000 54.099 0  71  ILE A CD1   1 ? 
ATOM   26  N  N     . THR A 1 9  ? 1.125   -0.676  -8.294  1.000 44.145 0  72  THR A N     1 ? 
ATOM   27  C  CA    . THR A 1 9  ? 1.566   -1.747  -7.413  1.000 43.110 0  72  THR A CA    1 ? 
ATOM   28  C  C     . THR A 1 9  ? 1.692   -1.207  -5.989  1.000 42.748 0  72  THR A C     1 ? 
ATOM   29  O  O     . THR A 1 9  ? 2.569   -0.391  -5.708  1.000 40.195 0  72  THR A O     1 ? 
ATOM   30  C  CB    . THR A 1 9  ? 2.913   -2.328  -7.872  1.000 41.958 0  72  THR A CB    1 ? 
ATOM   31  O  OG1   . THR A 1 9  ? 2.794   -2.793  -9.217  1.000 46.113 0  72  THR A OG1   1 ? 
ATOM   32  C  CG2   . THR A 1 9  ? 3.401   -3.470  -7.008  1.000 40.953 0  72  THR A CG2   1 ? 
ATOM   33  N  N     . VAL A 1 10 ? 0.815   -1.669  -5.087  1.000 40.861 0  73  VAL A N     1 ? 
ATOM   34  C  CA    . VAL A 1 10 ? 0.931   -1.337  -3.677  1.000 36.408 0  73  VAL A CA    1 ? 
ATOM   35  C  C     . VAL A 1 10 ? 2.125   -2.104  -3.120  1.000 36.757 0  73  VAL A C     1 ? 
ATOM   36  O  O     . VAL A 1 10 ? 2.175   -3.327  -3.219  1.000 32.870 0  73  VAL A O     1 ? 
ATOM   37  C  CB    . VAL A 1 10 ? -0.359  -1.662  -2.900  1.000 34.118 0  73  VAL A CB    1 ? 
ATOM   38  C  CG1   . VAL A 1 10 ? -0.124  -1.698  -1.399  1.000 33.338 0  73  VAL A CG1   1 ? 
ATOM   39  C  CG2   . VAL A 1 10 ? -1.485  -0.702  -3.260  1.000 33.430 0  73  VAL A CG2   1 ? 
ATOM   40  N  N     . VAL A 1 11 ? 3.080   -1.368  -2.538  1.000 37.731 0  74  VAL A N     1 ? 
ATOM   41  C  CA    . VAL A 1 11 ? 4.269   -1.970  -1.959  1.000 39.079 0  74  VAL A CA    1 ? 
ATOM   42  C  C     . VAL A 1 11 ? 4.295   -1.704  -0.458  1.000 38.595 0  74  VAL A C     1 ? 
ATOM   43  O  O     . VAL A 1 11 ? 4.352   -0.555  -0.026  1.000 39.739 0  74  VAL A O     1 ? 
ATOM   44  C  CB    . VAL A 1 11 ? 5.550   -1.430  -2.615  1.000 40.073 0  74  VAL A CB    1 ? 
ATOM   45  C  CG1   . VAL A 1 11 ? 6.784   -2.146  -2.083  1.000 40.166 0  74  VAL A CG1   1 ? 
ATOM   46  C  CG2   . VAL A 1 11 ? 5.473   -1.515  -4.130  1.000 41.494 0  74  VAL A CG2   1 ? 
ATOM   47  N  N     . LEU A 1 12 ? 4.259   -2.788  0.318   1.000 38.122 0  75  LEU A N     1 ? 
ATOM   48  C  CA    . LEU A 1 12 ? 4.523   -2.727  1.741   1.000 38.512 0  75  LEU A CA    1 ? 
ATOM   49  C  C     . LEU A 1 12 ? 6.035   -2.700  1.916   1.000 41.699 0  75  LEU A C     1 ? 
ATOM   50  O  O     . LEU A 1 12 ? 6.733   -3.544  1.348   1.000 39.955 0  75  LEU A O     1 ? 
ATOM   51  C  CB    . LEU A 1 12 ? 3.901   -3.957  2.411   1.000 39.127 0  75  LEU A CB    1 ? 
ATOM   52  C  CG    . LEU A 1 12 ? 2.384   -4.095  2.261   1.000 39.859 0  75  LEU A CG    1 ? 
ATOM   53  C  CD1   . LEU A 1 12 ? 1.954   -5.538  2.460   1.000 38.973 0  75  LEU A CD1   1 ? 
ATOM   54  C  CD2   . LEU A 1 12 ? 1.652   -3.188  3.244   1.000 39.969 0  75  LEU A CD2   1 ? 
ATOM   55  N  N     . LYS A 1 13 ? 6.533   -1.711  2.669   1.000 43.078 0  76  LYS A N     1 ? 
ATOM   56  C  CA    . LYS A 1 13 ? 7.967   -1.547  2.852   1.000 45.319 0  76  LYS A CA    1 ? 
ATOM   57  C  C     . LYS A 1 13 ? 8.266   -1.127  4.289   1.000 43.855 0  76  LYS A C     1 ? 
ATOM   58  O  O     . LYS A 1 13 ? 7.714   -0.147  4.789   1.000 37.728 0  76  LYS A O     1 ? 
ATOM   59  C  CB    . LYS A 1 13 ? 8.521   -0.513  1.867   1.000 48.326 0  76  LYS A CB    1 ? 
ATOM   60  C  CG    . LYS A 1 13 ? 10.030  -0.560  1.676   1.000 52.931 0  76  LYS A CG    1 ? 
ATOM   61  C  CD    . LYS A 1 13 ? 10.581  0.611   0.888   1.000 57.338 0  76  LYS A CD    1 ? 
ATOM   62  C  CE    . LYS A 1 13 ? 10.127  0.648   -0.558  1.000 60.311 0  76  LYS A CE    1 ? 
ATOM   63  N  NZ    . LYS A 1 13 ? 10.736  -0.439  -1.361  1.000 62.566 0  76  LYS A NZ    1 ? 
ATOM   64  N  N     . SER A 1 14 ? 9.147   -1.897  4.937   1.000 44.097 0  77  SER A N     1 ? 
ATOM   65  C  CA    . SER A 1 14 ? 9.688   -1.534  6.233   1.000 44.520 0  77  SER A CA    1 ? 
ATOM   66  C  C     . SER A 1 14 ? 11.083  -0.937  6.046   1.000 49.756 0  77  SER A C     1 ? 
ATOM   67  O  O     . SER A 1 14 ? 11.727  -1.174  5.020   1.000 47.598 0  77  SER A O     1 ? 
ATOM   68  C  CB    . SER A 1 14 ? 9.689   -2.717  7.173   1.000 41.191 0  77  SER A CB    1 ? 
ATOM   69  O  OG    . SER A 1 14 ? 10.298  -3.852  6.577   1.000 38.313 0  77  SER A OG    1 ? 
ATOM   70  N  N     . PRO A 1 15 ? 11.579  -0.117  7.007   1.000 53.913 0  78  PRO A N     1 ? 
ATOM   71  C  CA    . PRO A 1 15 ? 12.927  0.461   6.911   1.000 53.082 0  78  PRO A CA    1 ? 
ATOM   72  C  C     . PRO A 1 15 ? 14.068  -0.554  6.765   1.000 52.732 0  78  PRO A C     1 ? 
ATOM   73  O  O     . PRO A 1 15 ? 15.160  -0.187  6.330   1.000 54.963 0  78  PRO A O     1 ? 
ATOM   74  C  CB    . PRO A 1 15 ? 13.063  1.277   8.210   1.000 53.487 0  78  PRO A CB    1 ? 
ATOM   75  C  CG    . PRO A 1 15 ? 11.638  1.573   8.624   1.000 53.125 0  78  PRO A CG    1 ? 
ATOM   76  C  CD    . PRO A 1 15 ? 10.850  0.350   8.202   1.000 52.758 0  78  PRO A CD    1 ? 
ATOM   77  N  N     . ASN A 1 16 ? 13.823  -1.826  7.112   1.000 51.309 0  79  ASN A N     1 ? 
ATOM   78  C  CA    . ASN A 1 16 ? 14.661  -2.927  6.651   1.000 54.325 0  79  ASN A CA    1 ? 
ATOM   79  C  C     . ASN A 1 16 ? 15.059  -2.736  5.189   1.000 58.028 0  79  ASN A C     1 ? 
ATOM   80  O  O     . ASN A 1 16 ? 16.224  -2.900  4.828   1.000 61.566 0  79  ASN A O     1 ? 
ATOM   81  C  CB    . ASN A 1 16 ? 13.957  -4.285  6.700   1.000 53.475 0  79  ASN A CB    1 ? 
ATOM   82  C  CG    . ASN A 1 16 ? 13.906  -4.894  8.081   1.000 55.037 0  79  ASN A CG    1 ? 
ATOM   83  O  OD1   . ASN A 1 16 ? 14.852  -4.761  8.857   1.000 56.360 0  79  ASN A OD1   1 ? 
ATOM   84  N  ND2   . ASN A 1 16 ? 12.808  -5.563  8.389   1.000 50.853 0  79  ASN A ND2   1 ? 
ATOM   85  N  N     . GLY A 1 17 ? 14.061  -2.407  4.359   1.000 58.213 0  80  GLY A N     1 ? 
ATOM   86  C  CA    . GLY A 1 17 ? 14.163  -2.517  2.915   1.000 56.902 0  80  GLY A CA    1 ? 
ATOM   87  C  C     . GLY A 1 17 ? 13.380  -3.724  2.401   1.000 54.302 0  80  GLY A C     1 ? 
ATOM   88  O  O     . GLY A 1 17 ? 13.408  -4.002  1.203   1.000 53.793 0  80  GLY A O     1 ? 
ATOM   89  N  N     . LYS A 1 18 ? 12.709  -4.441  3.319   1.000 51.860 0  81  LYS A N     1 ? 
ATOM   90  C  CA    . LYS A 1 18 ? 11.766  -5.495  2.968   1.000 51.370 0  81  LYS A CA    1 ? 
ATOM   91  C  C     . LYS A 1 18 ? 10.677  -4.937  2.053   1.000 57.224 0  81  LYS A C     1 ? 
ATOM   92  O  O     . LYS A 1 18 ? 10.071  -3.912  2.362   1.000 51.929 0  81  LYS A O     1 ? 
ATOM   93  C  CB    . LYS A 1 18 ? 11.110  -6.115  4.211   1.000 43.607 0  81  LYS A CB    1 ? 
ATOM   94  C  CG    . LYS A 1 18 ? 11.965  -7.133  4.956   1.000 40.335 0  81  LYS A CG    1 ? 
ATOM   95  C  CD    . LYS A 1 18 ? 11.249  -7.824  6.106   1.000 37.745 0  81  LYS A CD    1 ? 
ATOM   96  C  CE    . LYS A 1 18 ? 12.118  -8.879  6.770   0.500 36.715 0  81  LYS A CE    1 ? 
ATOM   97  N  NZ    . LYS A 1 18 ? 11.434  -9.536  7.910   0.500 35.962 0  81  LYS A NZ    1 ? 
ATOM   98  N  N     . ASN A 1 19 ? 10.475  -5.626  0.919   1.000 65.588 0  82  ASN A N     1 ? 
ATOM   99  C  CA    . ASN A 1 19 ? 9.389   -5.362  -0.012  1.000 70.253 0  82  ASN A CA    1 ? 
ATOM   100 C  C     . ASN A 1 19 ? 8.325   -6.442  0.142   1.000 72.280 0  82  ASN A C     1 ? 
ATOM   101 O  O     . ASN A 1 19 ? 8.644   -7.598  0.421   1.000 75.829 0  82  ASN A O     1 ? 
ATOM   102 C  CB    . ASN A 1 19 ? 9.841   -5.388  -1.478  1.000 74.010 0  82  ASN A CB    1 ? 
ATOM   103 C  CG    . ASN A 1 19 ? 10.152  -4.028  -2.068  1.000 77.086 0  82  ASN A CG    1 ? 
ATOM   104 O  OD1   . ASN A 1 19 ? 10.402  -3.066  -1.345  1.000 83.761 0  82  ASN A OD1   1 ? 
ATOM   105 N  ND2   . ASN A 1 19 ? 10.149  -3.944  -3.389  1.000 75.402 0  82  ASN A ND2   1 ? 
ATOM   106 N  N     . ILE A 1 20 ? 7.064   -6.042  -0.050  1.000 67.420 0  83  ILE A N     1 ? 
ATOM   107 C  CA    . ILE A 1 20 ? 5.989   -6.958  -0.396  1.000 63.820 0  83  ILE A CA    1 ? 
ATOM   108 C  C     . ILE A 1 20 ? 5.133   -6.253  -1.444  1.000 59.695 0  83  ILE A C     1 ? 
ATOM   109 O  O     . ILE A 1 20 ? 4.531   -5.220  -1.157  1.000 55.219 0  83  ILE A O     1 ? 
ATOM   110 C  CB    . ILE A 1 20 ? 5.187   -7.395  0.848   1.000 63.914 0  83  ILE A CB    1 ? 
ATOM   111 C  CG1   . ILE A 1 20 ? 6.104   -8.000  1.917   1.000 65.779 0  83  ILE A CG1   1 ? 
ATOM   112 C  CG2   . ILE A 1 20 ? 4.058   -8.344  0.465   1.000 62.642 0  83  ILE A CG2   1 ? 
ATOM   113 C  CD1   . ILE A 1 20 ? 5.407   -8.415  3.186   1.000 66.769 0  83  ILE A CD1   1 ? 
ATOM   114 N  N     . LYS A 1 21 ? 5.138   -6.792  -2.670  1.000 57.842 0  84  LYS A N     1 ? 
ATOM   115 C  CA    . LYS A 1 21 ? 4.417   -6.199  -3.788  1.000 60.687 0  84  LYS A CA    1 ? 
ATOM   116 C  C     . LYS A 1 21 ? 3.077   -6.908  -3.969  1.000 54.880 0  84  LYS A C     1 ? 
ATOM   117 O  O     . LYS A 1 21 ? 3.039   -8.071  -4.362  1.000 53.301 0  84  LYS A O     1 ? 
ATOM   118 C  CB    . LYS A 1 21 ? 5.230   -6.298  -5.084  1.000 66.665 0  84  LYS A CB    1 ? 
ATOM   119 C  CG    . LYS A 1 21 ? 6.275   -5.209  -5.288  1.000 70.248 0  84  LYS A CG    1 ? 
ATOM   120 C  CD    . LYS A 1 21 ? 7.015   -5.318  -6.609  1.000 73.106 0  84  LYS A CD    1 ? 
ATOM   121 C  CE    . LYS A 1 21 ? 7.922   -4.136  -6.886  1.000 74.342 0  84  LYS A CE    1 ? 
ATOM   122 N  NZ    . LYS A 1 21 ? 7.151   -2.879  -7.051  1.000 74.848 0  84  LYS A NZ    1 ? 
ATOM   123 N  N     . CYS A 1 22 ? 1.985   -6.192  -3.681  1.000 49.630 0  85  CYS A N     1 ? 
ATOM   124 C  CA    . CYS A 1 22 ? 0.647   -6.688  -3.966  1.000 46.737 0  85  CYS A CA    1 ? 
ATOM   125 C  C     . CYS A 1 22 ? 0.458   -6.726  -5.479  1.000 44.575 0  85  CYS A C     1 ? 
ATOM   126 O  O     . CYS A 1 22 ? 1.051   -5.921  -6.191  1.000 42.757 0  85  CYS A O     1 ? 
ATOM   127 C  CB    . CYS A 1 22 ? -0.421  -5.803  -3.332  1.000 44.514 0  85  CYS A CB    1 ? 
ATOM   128 S  SG    . CYS A 1 22 ? -0.215  -5.594  -1.544  1.000 43.159 0  85  CYS A SG    1 ? 
ATOM   129 N  N     . PRO A 1 23 ? -0.365  -7.644  -6.034  1.000 43.759 0  86  PRO A N     1 ? 
ATOM   130 C  CA    . PRO A 1 23 ? -0.651  -7.622  -7.467  1.000 42.557 0  86  PRO A CA    1 ? 
ATOM   131 C  C     . PRO A 1 23 ? -1.162  -6.245  -7.881  1.000 41.298 0  86  PRO A C     1 ? 
ATOM   132 O  O     . PRO A 1 23 ? -1.855  -5.577  -7.117  1.000 41.136 0  86  PRO A O     1 ? 
ATOM   133 C  CB    . PRO A 1 23 ? -1.721  -8.705  -7.651  1.000 41.584 0  86  PRO A CB    1 ? 
ATOM   134 C  CG    . PRO A 1 23 ? -1.495  -9.639  -6.481  1.000 42.883 0  86  PRO A CG    1 ? 
ATOM   135 C  CD    . PRO A 1 23 ? -1.062  -8.739  -5.340  1.000 43.772 0  86  PRO A CD    1 ? 
ATOM   136 N  N     . PRO A 1 24 ? -0.816  -5.774  -9.098  1.000 42.637 0  87  PRO A N     1 ? 
ATOM   137 C  CA    . PRO A 1 24 ? -1.141  -4.408  -9.520  1.000 43.607 0  87  PRO A CA    1 ? 
ATOM   138 C  C     . PRO A 1 24 ? -2.637  -4.140  -9.676  1.000 44.364 0  87  PRO A C     1 ? 
ATOM   139 O  O     . PRO A 1 24 ? -3.414  -5.070  -9.891  1.000 42.217 0  87  PRO A O     1 ? 
ATOM   140 C  CB    . PRO A 1 24 ? -0.417  -4.284  -10.872 1.000 44.105 0  87  PRO A CB    1 ? 
ATOM   141 C  CG    . PRO A 1 24 ? -0.292  -5.708  -11.369 1.000 42.867 0  87  PRO A CG    1 ? 
ATOM   142 C  CD    . PRO A 1 24 ? -0.079  -6.532  -10.122 1.000 42.187 0  87  PRO A CD    1 ? 
ATOM   143 N  N     . MET A 1 25 ? -3.024  -2.860  -9.558  1.000 43.751 0  88  MET A N     1 ? 
ATOM   144 C  CA    . MET A 1 25 ? -4.391  -2.442  -9.837  1.000 46.018 0  88  MET A CA    1 ? 
ATOM   145 C  C     . MET A 1 25 ? -4.382  -1.319  -10.871 1.000 46.685 0  88  MET A C     1 ? 
ATOM   146 O  O     . MET A 1 25 ? -3.465  -0.500  -10.894 1.000 44.547 0  88  MET A O     1 ? 
ATOM   147 C  CB    . MET A 1 25 ? -5.143  -1.952  -8.590  1.000 45.616 0  88  MET A CB    1 ? 
ATOM   148 C  CG    . MET A 1 25 ? -4.297  -1.197  -7.575  1.000 46.094 0  88  MET A CG    1 ? 
ATOM   149 S  SD    . MET A 1 25 ? -5.280  -0.414  -6.245  1.000 46.012 0  88  MET A SD    1 ? 
ATOM   150 C  CE    . MET A 1 25 ? -6.706  0.144   -7.170  1.000 45.473 0  88  MET A CE    1 ? 
ATOM   151 N  N     . PRO A 1 26 ? -5.411  -1.255  -11.749 1.000 50.569 0  89  PRO A N     1 ? 
ATOM   152 C  CA    . PRO A 1 26 ? -5.531  -0.174  -12.730 1.000 53.098 0  89  PRO A CA    1 ? 
ATOM   153 C  C     . PRO A 1 26 ? -5.862  1.173   -12.091 1.000 54.920 0  89  PRO A C     1 ? 
ATOM   154 O  O     . PRO A 1 26 ? -6.617  1.230   -11.128 1.000 55.908 0  89  PRO A O     1 ? 
ATOM   155 C  CB    . PRO A 1 26 ? -6.681  -0.632  -13.645 1.000 53.495 0  89  PRO A CB    1 ? 
ATOM   156 C  CG    . PRO A 1 26 ? -7.496  -1.584  -12.793 1.000 51.454 0  89  PRO A CG    1 ? 
ATOM   157 C  CD    . PRO A 1 26 ? -6.499  -2.241  -11.862 1.000 50.351 0  89  PRO A CD    1 ? 
ATOM   158 N  N     . ARG A 1 27 ? -5.305  2.250   -12.661 1.000 60.903 0  90  ARG A N     1 ? 
ATOM   159 C  CA    . ARG A 1 27 ? -5.453  3.597   -12.129 1.000 65.906 0  90  ARG A CA    1 ? 
ATOM   160 C  C     . ARG A 1 27 ? -6.932  3.959   -11.984 1.000 67.484 0  90  ARG A C     1 ? 
ATOM   161 O  O     . ARG A 1 27 ? -7.304  4.689   -11.064 1.000 66.546 0  90  ARG A O     1 ? 
ATOM   162 C  CB    . ARG A 1 27 ? -4.713  4.598   -13.026 1.000 71.128 0  90  ARG A CB    1 ? 
ATOM   163 C  CG    . ARG A 1 27 ? -4.759  6.042   -12.538 1.000 76.090 0  90  ARG A CG    1 ? 
ATOM   164 C  CD    . ARG A 1 27 ? -3.905  6.996   -13.360 1.000 78.910 0  90  ARG A CD    1 ? 
ATOM   165 N  NE    . ARG A 1 27 ? -2.480  6.681   -13.314 1.000 81.956 0  90  ARG A NE    1 ? 
ATOM   166 C  CZ    . ARG A 1 27 ? -1.714  6.800   -12.233 1.000 86.223 0  90  ARG A CZ    1 ? 
ATOM   167 N  NH1   . ARG A 1 27 ? -2.151  7.480   -11.189 1.000 89.827 0  90  ARG A NH1   1 ? 
ATOM   168 N  NH2   . ARG A 1 27 ? -0.510  6.246   -12.200 1.000 85.492 0  90  ARG A NH2   1 ? 
ATOM   169 N  N     . LYS A 1 28 ? -7.772  3.439   -12.892 1.000 66.712 0  91  LYS A N     1 ? 
ATOM   170 C  CA    . LYS A 1 28 ? -9.210  3.657   -12.848 1.000 65.350 0  91  LYS A CA    1 ? 
ATOM   171 C  C     . LYS A 1 28 ? -9.774  3.226   -11.493 1.000 64.631 0  91  LYS A C     1 ? 
ATOM   172 O  O     . LYS A 1 28 ? -10.774 3.780   -11.041 1.000 66.387 0  91  LYS A O     1 ? 
ATOM   173 C  CB    . LYS A 1 28 ? -9.901  2.893   -13.984 1.000 63.946 0  91  LYS A CB    1 ? 
ATOM   174 N  N     . ASP A 1 29 ? -9.123  2.244   -10.852 1.000 60.182 0  92  ASP A N     1 ? 
ATOM   175 C  CA    . ASP A 1 29 ? -9.629  1.643   -9.628  1.000 56.019 0  92  ASP A CA    1 ? 
ATOM   176 C  C     . ASP A 1 29 ? -8.938  2.196   -8.382  1.000 51.715 0  92  ASP A C     1 ? 
ATOM   177 O  O     . ASP A 1 29 ? -9.339  1.838   -7.278  1.000 51.453 0  92  ASP A O     1 ? 
ATOM   178 C  CB    . ASP A 1 29 ? -9.466  0.120   -9.666  1.000 55.871 0  92  ASP A CB    1 ? 
ATOM   179 C  CG    . ASP A 1 29 ? -10.484 -0.590  -10.539 1.000 57.651 0  92  ASP A CG    1 ? 
ATOM   180 O  OD1   . ASP A 1 29 ? -11.447 0.073   -10.983 1.000 57.510 0  92  ASP A OD1   1 ? 
ATOM   181 O  OD2   . ASP A 1 29 ? -10.308 -1.804  -10.762 1.000 58.096 0  92  ASP A OD2   1 ? 
ATOM   182 N  N     . PHE A 1 30 ? -7.924  3.060   -8.538  1.000 49.943 0  93  PHE A N     1 ? 
ATOM   183 C  CA    . PHE A 1 30 ? -7.082  3.447   -7.411  1.000 44.812 0  93  PHE A CA    1 ? 
ATOM   184 C  C     . PHE A 1 30 ? -7.852  4.313   -6.418  1.000 44.433 0  93  PHE A C     1 ? 
ATOM   185 O  O     . PHE A 1 30 ? -8.445  5.322   -6.791  1.000 48.388 0  93  PHE A O     1 ? 
ATOM   186 C  CB    . PHE A 1 30 ? -5.829  4.190   -7.868  1.000 43.038 0  93  PHE A CB    1 ? 
ATOM   187 C  CG    . PHE A 1 30 ? -4.774  4.329   -6.799  1.000 39.025 0  93  PHE A CG    1 ? 
ATOM   188 C  CD1   . PHE A 1 30 ? -4.093  3.215   -6.325  1.000 37.914 0  93  PHE A CD1   1 ? 
ATOM   189 C  CD2   . PHE A 1 30 ? -4.460  5.568   -6.265  1.000 38.139 0  93  PHE A CD2   1 ? 
ATOM   190 C  CE1   . PHE A 1 30 ? -3.118  3.339   -5.347  1.000 34.676 0  93  PHE A CE1   1 ? 
ATOM   191 C  CE2   . PHE A 1 30 ? -3.487  5.690   -5.286  1.000 37.148 0  93  PHE A CE2   1 ? 
ATOM   192 C  CZ    . PHE A 1 30 ? -2.819  4.575   -4.830  1.000 36.132 0  93  PHE A CZ    1 ? 
ATOM   193 N  N     . SER A 1 31 ? -7.828  3.892   -5.147  1.000 42.548 0  94  SER A N     1 ? 
ATOM   194 C  CA    . SER A 1 31 ? -8.432  4.633   -4.053  1.000 38.500 0  94  SER A CA    1 ? 
ATOM   195 C  C     . SER A 1 31 ? -7.836  4.150   -2.732  1.000 36.835 0  94  SER A C     1 ? 
ATOM   196 O  O     . SER A 1 31 ? -7.046  3.209   -2.711  1.000 37.477 0  94  SER A O     1 ? 
ATOM   197 C  CB    . SER A 1 31 ? -9.938  4.514   -4.060  1.000 38.251 0  94  SER A CB    1 ? 
ATOM   198 O  OG    . SER A 1 31 ? -10.357 3.201   -3.725  1.000 36.536 0  94  SER A OG    1 ? 
ATOM   199 N  N     . ARG A 1 32 ? -8.217  4.828   -1.646  1.000 32.939 0  95  ARG A N     1 ? 
ATOM   200 C  CA    . ARG A 1 32 ? -7.840  4.446   -0.296  1.000 30.520 0  95  ARG A CA    1 ? 
ATOM   201 C  C     . ARG A 1 32 ? -8.487  3.104   0.050   1.000 30.539 0  95  ARG A C     1 ? 
ATOM   202 O  O     . ARG A 1 32 ? -7.838  2.215   0.600   1.000 28.882 0  95  ARG A O     1 ? 
ATOM   203 C  CB    . ARG A 1 32 ? -8.295  5.536   0.679   1.000 29.511 0  95  ARG A CB    1 ? 
ATOM   204 C  CG    . ARG A 1 32 ? -7.957  5.267   2.139   1.000 27.977 0  95  ARG A CG    1 ? 
ATOM   205 C  CD    . ARG A 1 32 ? -8.823  6.068   3.091   1.000 27.422 0  95  ARG A CD    1 ? 
ATOM   206 N  NE    . ARG A 1 32 ? -10.220 5.672   3.052   1.000 25.747 0  95  ARG A NE    1 ? 
ATOM   207 C  CZ    . ARG A 1 32 ? -10.690 4.478   3.401   1.000 22.347 0  95  ARG A CZ    1 ? 
ATOM   208 N  NH1   . ARG A 1 32 ? -9.984  3.655   4.154   1.000 20.042 0  95  ARG A NH1   1 ? 
ATOM   209 N  NH2   . ARG A 1 32 ? -11.891 4.124   2.999   1.000 22.364 0  95  ARG A NH2   1 ? 
ATOM   210 N  N     . ALA A 1 33 ? -9.786  2.975   -0.249  1.000 30.596 0  96  ALA A N     1 ? 
ATOM   211 C  CA    . ALA A 1 33 ? -10.519 1.745   0.020   1.000 29.549 0  96  ALA A CA    1 ? 
ATOM   212 C  C     . ALA A 1 33 ? -9.867  0.552   -0.685  1.000 29.395 0  96  ALA A C     1 ? 
ATOM   213 O  O     . ALA A 1 33 ? -9.690  -0.503  -0.074  1.000 28.474 0  96  ALA A O     1 ? 
ATOM   214 C  CB    . ALA A 1 33 ? -11.961 1.914   -0.392  1.000 29.956 0  96  ALA A CB    1 ? 
ATOM   215 N  N     . GLU A 1 34 ? -9.521  0.723   -1.973  1.000 29.078 0  97  GLU A N     1 ? 
ATOM   216 C  CA    . GLU A 1 34 ? -8.916  -0.330  -2.773  1.000 28.734 0  97  GLU A CA    1 ? 
ATOM   217 C  C     . GLU A 1 34 ? -7.522  -0.691  -2.263  1.000 25.997 0  97  GLU A C     1 ? 
ATOM   218 O  O     . GLU A 1 34 ? -7.146  -1.858  -2.279  1.000 25.513 0  97  GLU A O     1 ? 
ATOM   219 C  CB    . GLU A 1 34 ? -8.875  0.054   -4.256  1.000 31.302 0  97  GLU A CB    1 ? 
ATOM   220 C  CG    . GLU A 1 34 ? -10.186 -0.197  -4.996  1.000 33.152 0  97  GLU A CG    1 ? 
ATOM   221 C  CD    . GLU A 1 34 ? -10.662 -1.641  -5.050  1.000 31.834 0  97  GLU A CD    1 ? 
ATOM   222 O  OE1   . GLU A 1 34 ? -10.021 -2.456  -5.743  1.000 29.196 0  97  GLU A OE1   1 ? 
ATOM   223 O  OE2   . GLU A 1 34 ? -11.690 -1.954  -4.388  1.000 33.436 0  97  GLU A OE2   1 ? 
ATOM   224 N  N     . VAL A 1 35 ? -6.748  0.301   -1.811  1.000 27.448 0  98  VAL A N     1 ? 
ATOM   225 C  CA    . VAL A 1 35 ? -5.408  0.039   -1.303  1.000 24.423 0  98  VAL A CA    1 ? 
ATOM   226 C  C     . VAL A 1 35 ? -5.485  -0.831  -0.047  1.000 22.788 0  98  VAL A C     1 ? 
ATOM   227 O  O     . VAL A 1 35 ? -4.757  -1.810  0.049   1.000 22.643 0  98  VAL A O     1 ? 
ATOM   228 C  CB    . VAL A 1 35 ? -4.614  1.337   -1.061  1.000 25.665 0  98  VAL A CB    1 ? 
ATOM   229 C  CG1   . VAL A 1 35 ? -3.354  1.077   -0.250  1.000 25.827 0  98  VAL A CG1   1 ? 
ATOM   230 C  CG2   . VAL A 1 35 ? -4.282  2.049   -2.367  1.000 24.255 0  98  VAL A CG2   1 ? 
ATOM   231 N  N     . LEU A 1 36 ? -6.392  -0.509  0.892   1.000 22.645 0  99  LEU A N     1 ? 
ATOM   232 C  CA    . LEU A 1 36 ? -6.505  -1.277  2.126   1.000 21.908 0  99  LEU A CA    1 ? 
ATOM   233 C  C     . LEU A 1 36 ? -7.151  -2.629  1.829   1.000 21.521 0  99  LEU A C     1 ? 
ATOM   234 O  O     . LEU A 1 36 ? -6.846  -3.612  2.510   1.000 20.075 0  99  LEU A O     1 ? 
ATOM   235 C  CB    . LEU A 1 36 ? -7.253  -0.458  3.189   1.000 22.811 0  99  LEU A CB    1 ? 
ATOM   236 C  CG    . LEU A 1 36 ? -6.579  0.856   3.616   1.000 23.466 0  99  LEU A CG    1 ? 
ATOM   237 C  CD1   . LEU A 1 36 ? -7.324  1.527   4.764   1.000 23.599 0  99  LEU A CD1   1 ? 
ATOM   238 C  CD2   . LEU A 1 36 ? -5.120  0.642   4.000   1.000 26.149 0  99  LEU A CD2   1 ? 
ATOM   239 N  N     . GLY A 1 37 ? -7.994  -2.662  0.775   1.000 20.753 0  100 GLY A N     1 ? 
ATOM   240 C  CA    . GLY A 1 37 ? -8.542  -3.874  0.195   1.000 22.154 0  100 GLY A CA    1 ? 
ATOM   241 C  C     . GLY A 1 37 ? -7.463  -4.833  -0.317  1.000 23.391 0  100 GLY A C     1 ? 
ATOM   242 O  O     . GLY A 1 37 ? -7.519  -6.028  -0.047  1.000 23.421 0  100 GLY A O     1 ? 
ATOM   243 N  N     . TYR A 1 38 ? -6.488  -4.319  -1.062  1.000 25.559 0  101 TYR A N     1 ? 
ATOM   244 C  CA    . TYR A 1 38 ? -5.408  -5.169  -1.555  1.000 26.890 0  101 TYR A CA    1 ? 
ATOM   245 C  C     . TYR A 1 38 ? -4.544  -5.692  -0.404  1.000 27.455 0  101 TYR A C     1 ? 
ATOM   246 O  O     . TYR A 1 38 ? -4.128  -6.853  -0.423  1.000 28.560 0  101 TYR A O     1 ? 
ATOM   247 C  CB    . TYR A 1 38 ? -4.574  -4.438  -2.609  1.000 28.858 0  101 TYR A CB    1 ? 
ATOM   248 C  CG    . TYR A 1 38 ? -5.125  -4.540  -4.010  1.000 30.827 0  101 TYR A CG    1 ? 
ATOM   249 C  CD1   . TYR A 1 38 ? -6.365  -4.011  -4.328  1.000 31.871 0  101 TYR A CD1   1 ? 
ATOM   250 C  CD2   . TYR A 1 38 ? -4.407  -5.164  -5.018  1.000 33.816 0  101 TYR A CD2   1 ? 
ATOM   251 C  CE1   . TYR A 1 38 ? -6.883  -4.092  -5.609  1.000 33.075 0  101 TYR A CE1   1 ? 
ATOM   252 C  CE2   . TYR A 1 38 ? -4.906  -5.253  -6.310  1.000 35.794 0  101 TYR A CE2   1 ? 
ATOM   253 C  CZ    . TYR A 1 38 ? -6.151  -4.719  -6.603  1.000 36.000 0  101 TYR A CZ    1 ? 
ATOM   254 O  OH    . TYR A 1 38 ? -6.663  -4.797  -7.875  1.000 39.336 0  101 TYR A OH    1 ? 
ATOM   255 N  N     . ILE A 1 39 ? -4.279  -4.835  0.593   1.000 28.096 0  102 ILE A N     1 ? 
ATOM   256 C  CA    . ILE A 1 39 ? -3.433  -5.194  1.721   1.000 28.863 0  102 ILE A CA    1 ? 
ATOM   257 C  C     . ILE A 1 39 ? -4.114  -6.288  2.546   1.000 30.825 0  102 ILE A C     1 ? 
ATOM   258 O  O     . ILE A 1 39 ? -3.500  -7.312  2.834   1.000 33.865 0  102 ILE A O     1 ? 
ATOM   259 C  CB    . ILE A 1 39 ? -3.082  -3.949  2.559   1.000 27.774 0  102 ILE A CB    1 ? 
ATOM   260 C  CG1   . ILE A 1 39 ? -2.351  -2.897  1.724   1.000 27.859 0  102 ILE A CG1   1 ? 
ATOM   261 C  CG2   . ILE A 1 39 ? -2.276  -4.329  3.789   1.000 28.735 0  102 ILE A CG2   1 ? 
ATOM   262 C  CD1   . ILE A 1 39 ? -2.034  -1.619  2.467   1.000 27.081 0  102 ILE A CD1   1 ? 
ATOM   263 N  N     . GLY A 1 40 ? -5.381  -6.078  2.916   1.000 32.149 0  103 GLY A N     1 ? 
ATOM   264 C  CA    . GLY A 1 40 ? -6.177  -7.102  3.581   1.000 30.899 0  103 GLY A CA    1 ? 
ATOM   265 C  C     . GLY A 1 40 ? -6.115  -8.472  2.897   1.000 30.783 0  103 GLY A C     1 ? 
ATOM   266 O  O     . GLY A 1 40 ? -6.150  -9.488  3.581   1.000 28.897 0  103 GLY A O     1 ? 
ATOM   267 N  N     . MET A 1 41 ? -6.067  -8.491  1.553   1.000 30.692 0  104 MET A N     1 ? 
ATOM   268 C  CA    . MET A 1 41 ? -5.996  -9.718  0.767   1.000 34.007 0  104 MET A CA    1 ? 
ATOM   269 C  C     . MET A 1 41 ? -4.633  -10.383 0.952   1.000 34.884 0  104 MET A C     1 ? 
ATOM   270 O  O     . MET A 1 41 ? -4.509  -11.608 0.880   1.000 34.238 0  104 MET A O     1 ? 
ATOM   271 C  CB    . MET A 1 41 ? -6.202  -9.429  -0.725  1.000 33.396 0  104 MET A CB    1 ? 
ATOM   272 C  CG    . MET A 1 41 ? -7.657  -9.223  -1.109  1.000 33.176 0  104 MET A CG    1 ? 
ATOM   273 S  SD    . MET A 1 41 ? -7.859  -8.481  -2.751  1.000 33.858 0  104 MET A SD    1 ? 
ATOM   274 C  CE    . MET A 1 41 ? -8.029  -9.957  -3.746  1.000 34.193 0  104 MET A CE    1 ? 
ATOM   275 N  N     . CYS A 1 42 ? -3.617  -9.539  1.159   1.000 36.634 0  105 CYS A N     1 ? 
ATOM   276 C  CA    . CYS A 1 42 ? -2.244  -9.958  1.395   1.000 40.865 0  105 CYS A CA    1 ? 
ATOM   277 C  C     . CYS A 1 42 ? -2.106  -10.542 2.803   1.000 40.263 0  105 CYS A C     1 ? 
ATOM   278 O  O     . CYS A 1 42 ? -1.413  -11.540 2.980   1.000 42.437 0  105 CYS A O     1 ? 
ATOM   279 C  CB    . CYS A 1 42 ? -1.298  -8.773  1.210   1.000 41.755 0  105 CYS A CB    1 ? 
ATOM   280 S  SG    . CYS A 1 42 ? 0.423   -9.233  0.893   1.000 48.507 0  105 CYS A SG    1 ? 
ATOM   281 N  N     . SER A 1 43 ? -2.789  -9.928  3.781   1.000 40.107 0  106 SER A N     1 ? 
ATOM   282 C  CA    . SER A 1 43 ? -2.694  -10.315 5.182   1.000 42.209 0  106 SER A CA    1 ? 
ATOM   283 C  C     . SER A 1 43 ? -3.637  -11.474 5.514   1.000 42.087 0  106 SER A C     1 ? 
ATOM   284 O  O     . SER A 1 43 ? -3.351  -12.249 6.421   1.000 42.973 0  106 SER A O     1 ? 
ATOM   285 C  CB    . SER A 1 43 ? -2.951  -9.132  6.093   1.000 44.034 0  106 SER A CB    1 ? 
ATOM   286 O  OG    . SER A 1 43 ? -4.342  -8.894  6.268   1.000 51.823 0  106 SER A OG    1 ? 
ATOM   287 N  N     . GLY A 1 44 ? -4.775  -11.562 4.811   1.000 42.704 0  107 GLY A N     1 ? 
ATOM   288 C  CA    . GLY A 1 44 ? -5.725  -12.648 4.993   1.000 41.277 0  107 GLY A CA    1 ? 
ATOM   289 C  C     . GLY A 1 44 ? -6.824  -12.323 6.006   1.000 40.537 0  107 GLY A C     1 ? 
ATOM   290 O  O     . GLY A 1 44 ? -7.311  -11.195 6.077   1.000 38.138 0  107 GLY A O     1 ? 
ATOM   291 N  N     . ALA A 1 45 ? -7.205  -13.336 6.793   1.000 40.383 0  108 ALA A N     1 ? 
ATOM   292 C  CA    . ALA A 1 45 ? -8.419  -13.300 7.593   1.000 41.925 0  108 ALA A CA    1 ? 
ATOM   293 C  C     . ALA A 1 45 ? -8.238  -12.444 8.842   1.000 43.652 0  108 ALA A C     1 ? 
ATOM   294 O  O     . ALA A 1 45 ? -9.220  -11.989 9.413   1.000 45.309 0  108 ALA A O     1 ? 
ATOM   295 C  CB    . ALA A 1 45 ? -8.820  -14.705 7.965   1.000 43.527 0  108 ALA A CB    1 ? 
ATOM   296 N  N     . GLN A 1 46 ? -6.987  -12.253 9.275   1.000 46.929 0  109 GLN A N     1 ? 
ATOM   297 C  CA    . GLN A 1 46 ? -6.675  -11.418 10.423  1.000 47.161 0  109 GLN A CA    1 ? 
ATOM   298 C  C     . GLN A 1 46 ? -6.602  -9.968  9.951   1.000 44.980 0  109 GLN A C     1 ? 
ATOM   299 O  O     . GLN A 1 46 ? -5.916  -9.662  8.973   1.000 46.615 0  109 GLN A O     1 ? 
ATOM   300 C  CB    . GLN A 1 46 ? -5.362  -11.893 11.058  1.000 52.387 0  109 GLN A CB    1 ? 
ATOM   301 C  CG    . GLN A 1 46 ? -4.923  -11.122 12.302  1.000 57.882 0  109 GLN A CG    1 ? 
ATOM   302 C  CD    . GLN A 1 46 ? -5.757  -11.384 13.538  1.000 60.829 0  109 GLN A CD    1 ? 
ATOM   303 O  OE1   . GLN A 1 46 ? -6.814  -12.013 13.488  1.000 66.331 0  109 GLN A OE1   1 ? 
ATOM   304 N  NE2   . GLN A 1 46 ? -5.285  -10.885 14.670  1.000 59.514 0  109 GLN A NE2   1 ? 
ATOM   305 N  N     . ARG A 1 47 ? -7.338  -9.081  10.630  1.000 40.113 0  110 ARG A N     1 ? 
ATOM   306 C  CA    . ARG A 1 47 ? -7.205  -7.659  10.371  1.000 37.295 0  110 ARG A CA    1 ? 
ATOM   307 C  C     . ARG A 1 47 ? -5.779  -7.234  10.718  1.000 35.863 0  110 ARG A C     1 ? 
ATOM   308 O  O     . ARG A 1 47 ? -5.239  -7.658  11.739  1.000 35.454 0  110 ARG A O     1 ? 
ATOM   309 C  CB    . ARG A 1 47 ? -8.247  -6.836  11.141  1.000 36.592 0  110 ARG A CB    1 ? 
ATOM   310 C  CG    . ARG A 1 47 ? -9.583  -6.678  10.423  1.000 35.070 0  110 ARG A CG    1 ? 
ATOM   311 C  CD    . ARG A 1 47 ? -10.541 -5.671  11.044  1.000 33.240 0  110 ARG A CD    1 ? 
ATOM   312 N  NE    . ARG A 1 47 ? -9.991  -4.348  11.298  1.000 32.247 0  110 ARG A NE    1 ? 
ATOM   313 C  CZ    . ARG A 1 47 ? -10.292 -3.246  10.616  1.000 30.982 0  110 ARG A CZ    1 ? 
ATOM   314 N  NH1   . ARG A 1 47 ? -10.935 -3.312  9.461   1.000 28.660 0  110 ARG A NH1   1 ? 
ATOM   315 N  NH2   . ARG A 1 47 ? -9.897  -2.071  11.076  1.000 32.300 0  110 ARG A NH2   1 ? 
ATOM   316 N  N     . PHE A 1 48 ? -5.202  -6.379  9.860   1.000 33.799 0  111 PHE A N     1 ? 
ATOM   317 C  CA    . PHE A 1 48 ? -3.830  -5.915  9.988   1.000 32.182 0  111 PHE A CA    1 ? 
ATOM   318 C  C     . PHE A 1 48 ? -3.753  -4.581  10.721  1.000 33.866 0  111 PHE A C     1 ? 
ATOM   319 O  O     . PHE A 1 48 ? -4.723  -3.828  10.780  1.000 33.796 0  111 PHE A O     1 ? 
ATOM   320 C  CB    . PHE A 1 48 ? -3.165  -5.766  8.617   1.000 29.743 0  111 PHE A CB    1 ? 
ATOM   321 C  CG    . PHE A 1 48 ? -3.812  -4.756  7.706   1.000 27.991 0  111 PHE A CG    1 ? 
ATOM   322 C  CD1   . PHE A 1 48 ? -3.649  -3.399  7.914   1.000 25.891 0  111 PHE A CD1   1 ? 
ATOM   323 C  CD2   . PHE A 1 48 ? -4.582  -5.167  6.624   1.000 25.889 0  111 PHE A CD2   1 ? 
ATOM   324 C  CE1   . PHE A 1 48 ? -4.249  -2.476  7.070   1.000 25.061 0  111 PHE A CE1   1 ? 
ATOM   325 C  CE2   . PHE A 1 48 ? -5.182  -4.237  5.787   1.000 25.105 0  111 PHE A CE2   1 ? 
ATOM   326 C  CZ    . PHE A 1 48 ? -5.022  -2.895  6.016   1.000 23.645 0  111 PHE A CZ    1 ? 
ATOM   327 N  N     . GLU A 1 49 ? -2.549  -4.313  11.245  1.000 38.009 0  112 GLU A N     1 ? 
ATOM   328 C  CA    . GLU A 1 49 ? -2.177  -3.053  11.866  1.000 38.289 0  112 GLU A CA    1 ? 
ATOM   329 C  C     . GLU A 1 49 ? -1.094  -2.400  11.014  1.000 36.724 0  112 GLU A C     1 ? 
ATOM   330 O  O     . GLU A 1 49 ? -0.097  -3.045  10.696  1.000 39.571 0  112 GLU A O     1 ? 
ATOM   331 C  CB    . GLU A 1 49 ? -1.690  -3.319  13.294  1.000 42.741 0  112 GLU A CB    1 ? 
ATOM   332 C  CG    . GLU A 1 49 ? -0.855  -2.196  13.893  1.000 47.260 0  112 GLU A CG    1 ? 
ATOM   333 C  CD    . GLU A 1 49 ? -1.568  -0.869  14.097  1.000 51.154 0  112 GLU A CD    1 ? 
ATOM   334 O  OE1   . GLU A 1 49 ? -2.817  -0.877  14.211  1.000 53.345 0  112 GLU A OE1   1 ? 
ATOM   335 O  OE2   . GLU A 1 49 ? -0.868  0.177   14.128  1.000 57.150 0  112 GLU A OE2   1 ? 
ATOM   336 N  N     . ILE A 1 50 ? -1.315  -1.138  10.624  1.000 33.702 0  113 ILE A N     1 ? 
ATOM   337 C  CA    . ILE A 1 50 ? -0.299  -0.327  9.967   1.000 32.681 0  113 ILE A CA    1 ? 
ATOM   338 C  C     . ILE A 1 50 ? -0.429  1.098   10.499  1.000 33.886 0  113 ILE A C     1 ? 
ATOM   339 O  O     . ILE A 1 50 ? -1.373  1.809   10.151  1.000 34.853 0  113 ILE A O     1 ? 
ATOM   340 C  CB    . ILE A 1 50 ? -0.424  -0.367  8.428   1.000 31.883 0  113 ILE A CB    1 ? 
ATOM   341 C  CG1   . ILE A 1 50 ? -0.285  -1.783  7.863   1.000 30.981 0  113 ILE A CG1   1 ? 
ATOM   342 C  CG2   . ILE A 1 50 ? 0.568   0.594   7.771   1.000 32.608 0  113 ILE A CG2   1 ? 
ATOM   343 C  CD1   . ILE A 1 50 ? -0.600  -1.883  6.391   1.000 30.783 0  113 ILE A CD1   1 ? 
ATOM   344 N  N     . ALA A 1 51 ? 0.538   1.509   11.329  1.000 35.372 0  114 ALA A N     1 ? 
ATOM   345 C  CA    . ALA A 1 51 ? 0.488   2.787   12.025  1.000 34.181 0  114 ALA A CA    1 ? 
ATOM   346 C  C     . ALA A 1 51 ? 0.456   3.956   11.044  1.000 31.199 0  114 ALA A C     1 ? 
ATOM   347 O  O     . ALA A 1 51 ? -0.167  4.973   11.322  1.000 31.204 0  114 ALA A O     1 ? 
ATOM   348 C  CB    . ALA A 1 51 ? 1.673   2.908   12.953  1.000 36.989 0  114 ALA A CB    1 ? 
ATOM   349 N  N     . SER A 1 52 ? 1.129   3.810   9.902   1.000 29.570 0  115 SER A N     1 ? 
ATOM   350 C  CA    . SER A 1 52 ? 1.316   4.914   8.973   1.000 31.055 0  115 SER A CA    1 ? 
ATOM   351 C  C     . SER A 1 52 ? 0.000   5.349   8.327   1.000 30.496 0  115 SER A C     1 ? 
ATOM   352 O  O     . SER A 1 52 ? -0.057  6.430   7.737   1.000 28.308 0  115 SER A O     1 ? 
ATOM   353 C  CB    . SER A 1 52 ? 2.336   4.560   7.920   1.000 31.849 0  115 SER A CB    1 ? 
ATOM   354 O  OG    . SER A 1 52 ? 1.876   3.476   7.123   1.000 32.441 0  115 SER A OG    1 ? 
ATOM   355 N  N     . LEU A 1 53 ? -1.046  4.505   8.413   1.000 30.834 0  116 LEU A N     1 ? 
ATOM   356 C  CA    . LEU A 1 53 ? -2.345  4.825   7.833   1.000 32.152 0  116 LEU A CA    1 ? 
ATOM   357 C  C     . LEU A 1 53 ? -2.966  6.042   8.519   1.000 34.367 0  116 LEU A C     1 ? 
ATOM   358 O  O     . LEU A 1 53 ? -3.769  6.752   7.910   1.000 35.301 0  116 LEU A O     1 ? 
ATOM   359 C  CB    . LEU A 1 53 ? -3.288  3.624   7.977   1.000 30.190 0  116 LEU A CB    1 ? 
ATOM   360 C  CG    . LEU A 1 53 ? -2.862  2.325   7.302   1.000 29.015 0  116 LEU A CG    1 ? 
ATOM   361 C  CD1   . LEU A 1 53 ? -4.061  1.403   7.122   1.000 28.812 0  116 LEU A CD1   1 ? 
ATOM   362 C  CD2   . LEU A 1 53 ? -2.182  2.583   5.966   1.000 29.907 0  116 LEU A CD2   1 ? 
ATOM   363 N  N     . LYS A 1 54 ? -2.619  6.249   9.799   1.000 37.149 0  117 LYS A N     1 ? 
ATOM   364 C  CA    . LYS A 1 54 ? -3.175  7.332   10.597  1.000 38.480 0  117 LYS A CA    1 ? 
ATOM   365 C  C     . LYS A 1 54 ? -2.602  8.684   10.159  1.000 40.728 0  117 LYS A C     1 ? 
ATOM   366 O  O     . LYS A 1 54 ? -3.249  9.718   10.332  1.000 40.822 0  117 LYS A O     1 ? 
ATOM   367 C  CB    . LYS A 1 54 ? -2.911  7.060   12.082  1.000 37.176 0  117 LYS A CB    1 ? 
ATOM   368 N  N     . THR A 1 55 ? -1.397  8.681   9.572   1.000 42.524 0  118 THR A N     1 ? 
ATOM   369 C  CA    . THR A 1 55 ? -0.659  9.910   9.307   1.000 42.380 0  118 THR A CA    1 ? 
ATOM   370 C  C     . THR A 1 55 ? -1.170  10.565  8.026   1.000 41.716 0  118 THR A C     1 ? 
ATOM   371 O  O     . THR A 1 55 ? -1.715  9.887   7.157   1.000 37.321 0  118 THR A O     1 ? 
ATOM   372 C  CB    . THR A 1 55 ? 0.852   9.654   9.222   1.000 43.169 0  118 THR A CB    1 ? 
ATOM   373 O  OG1   . THR A 1 55 ? 1.180   9.177   7.914   1.000 43.049 0  118 THR A OG1   1 ? 
ATOM   374 C  CG2   . THR A 1 55 ? 1.338   8.688   10.284  1.000 43.741 0  118 THR A CG2   1 ? 
ATOM   375 N  N     . PRO A 1 56 ? -0.997  11.899  7.866   1.000 42.847 0  119 PRO A N     1 ? 
ATOM   376 C  CA    . PRO A 1 56 ? -1.486  12.608  6.679   1.000 45.523 0  119 PRO A CA    1 ? 
ATOM   377 C  C     . PRO A 1 56 ? -0.660  12.348  5.417   1.000 46.430 0  119 PRO A C     1 ? 
ATOM   378 O  O     . PRO A 1 56 ? -1.138  12.578  4.306   1.000 47.552 0  119 PRO A O     1 ? 
ATOM   379 C  CB    . PRO A 1 56 ? -1.405  14.092  7.087   1.000 45.417 0  119 PRO A CB    1 ? 
ATOM   380 C  CG    . PRO A 1 56 ? -0.287  14.138  8.108   1.000 44.857 0  119 PRO A CG    1 ? 
ATOM   381 C  CD    . PRO A 1 56 ? -0.331  12.801  8.820   1.000 43.210 0  119 PRO A CD    1 ? 
ATOM   382 N  N     . LYS A 1 57 ? 0.577   11.868  5.602   1.000 48.328 0  120 LYS A N     1 ? 
ATOM   383 C  CA    . LYS A 1 57 ? 1.453   11.518  4.494   1.000 48.188 0  120 LYS A CA    1 ? 
ATOM   384 C  C     . LYS A 1 57 ? 0.711   10.586  3.542   1.000 48.031 0  120 LYS A C     1 ? 
ATOM   385 O  O     . LYS A 1 57 ? 0.638   10.854  2.341   1.000 45.387 0  120 LYS A O     1 ? 
ATOM   386 C  CB    . LYS A 1 57 ? 2.732   10.844  5.005   1.000 49.436 0  120 LYS A CB    1 ? 
ATOM   387 C  CG    . LYS A 1 57 ? 3.759   10.525  3.925   1.000 52.255 0  120 LYS A CG    1 ? 
ATOM   388 C  CD    . LYS A 1 57 ? 5.099   10.053  4.462   1.000 54.885 0  120 LYS A CD    1 ? 
ATOM   389 C  CE    . LYS A 1 57 ? 6.031   9.549   3.377   1.000 57.559 0  120 LYS A CE    1 ? 
ATOM   390 N  NZ    . LYS A 1 57 ? 7.258   8.931   3.936   1.000 57.929 0  120 LYS A NZ    1 ? 
ATOM   391 N  N     . PHE A 1 58 ? 0.155   9.508   4.116   1.000 45.575 0  121 PHE A N     1 ? 
ATOM   392 C  CA    . PHE A 1 58 ? -0.538  8.469   3.372   1.000 44.017 0  121 PHE A CA    1 ? 
ATOM   393 C  C     . PHE A 1 58 ? -1.538  9.101   2.405   1.000 42.886 0  121 PHE A C     1 ? 
ATOM   394 O  O     . PHE A 1 58 ? -1.533  8.784   1.218   1.000 44.102 0  121 PHE A O     1 ? 
ATOM   395 C  CB    . PHE A 1 58 ? -1.194  7.483   4.346   1.000 44.328 0  121 PHE A CB    1 ? 
ATOM   396 C  CG    . PHE A 1 58 ? -1.937  6.337   3.700   1.000 43.125 0  121 PHE A CG    1 ? 
ATOM   397 C  CD1   . PHE A 1 58 ? -3.213  6.521   3.187   1.000 42.891 0  121 PHE A CD1   1 ? 
ATOM   398 C  CD2   . PHE A 1 58 ? -1.356  5.080   3.589   1.000 41.234 0  121 PHE A CD2   1 ? 
ATOM   399 C  CE1   . PHE A 1 58 ? -3.895  5.474   2.584   1.000 41.687 0  121 PHE A CE1   1 ? 
ATOM   400 C  CE2   . PHE A 1 58 ? -2.041  4.035   2.988   1.000 41.733 0  121 PHE A CE2   1 ? 
ATOM   401 C  CZ    . PHE A 1 58 ? -3.308  4.233   2.488   1.000 40.203 0  121 PHE A CZ    1 ? 
ATOM   402 N  N     . GLY A 1 59 ? -2.379  10.002  2.923   1.000 42.813 0  122 GLY A N     1 ? 
ATOM   403 C  CA    . GLY A 1 59 ? -3.409  10.657  2.130   1.000 44.553 0  122 GLY A CA    1 ? 
ATOM   404 C  C     . GLY A 1 59 ? -2.837  11.552  1.033   1.000 45.711 0  122 GLY A C     1 ? 
ATOM   405 O  O     . GLY A 1 59 ? -3.426  11.655  -0.042  1.000 44.989 0  122 GLY A O     1 ? 
ATOM   406 N  N     . GLU A 1 60 ? -1.699  12.202  1.327   1.000 49.083 0  123 GLU A N     1 ? 
ATOM   407 C  CA    . GLU A 1 60 ? -0.986  13.028  0.363   1.000 48.950 0  123 GLU A CA    1 ? 
ATOM   408 C  C     . GLU A 1 60 ? -0.340  12.140  -0.699  1.000 47.168 0  123 GLU A C     1 ? 
ATOM   409 O  O     . GLU A 1 60 ? -0.521  12.382  -1.891  1.000 44.351 0  123 GLU A O     1 ? 
ATOM   410 C  CB    . GLU A 1 60 ? 0.062   13.896  1.068   1.000 51.185 0  123 GLU A CB    1 ? 
ATOM   411 C  CG    . GLU A 1 60 ? -0.537  14.863  2.072   1.000 52.408 0  123 GLU A CG    1 ? 
ATOM   412 C  CD    . GLU A 1 60 ? 0.442   15.817  2.734   1.000 52.809 0  123 GLU A CD    1 ? 
ATOM   413 O  OE1   . GLU A 1 60 ? 1.500   15.353  3.218   1.000 53.541 0  123 GLU A OE1   1 ? 
ATOM   414 O  OE2   . GLU A 1 60 ? 0.125   17.019  2.795   1.000 53.882 0  123 GLU A OE2   1 ? 
ATOM   415 N  N     . ASN A 1 61 ? 0.393   11.110  -0.249  1.000 44.696 0  124 ASN A N     1 ? 
ATOM   416 C  CA    . ASN A 1 61 ? 1.016   10.125  -1.126  1.000 47.888 0  124 ASN A CA    1 ? 
ATOM   417 C  C     . ASN A 1 61 ? -0.017  9.437   -2.026  1.000 48.801 0  124 ASN A C     1 ? 
ATOM   418 O  O     . ASN A 1 61 ? 0.333   8.909   -3.078  1.000 50.848 0  124 ASN A O     1 ? 
ATOM   419 C  CB    . ASN A 1 61 ? 1.768   9.051   -0.337  1.000 46.738 0  124 ASN A CB    1 ? 
ATOM   420 C  CG    . ASN A 1 61 ? 3.014   9.557   0.362   1.000 48.768 0  124 ASN A CG    1 ? 
ATOM   421 O  OD1   . ASN A 1 61 ? 3.684   8.796   1.055   1.000 50.368 0  124 ASN A OD1   1 ? 
ATOM   422 N  ND2   . ASN A 1 61 ? 3.339   10.829  0.187   1.000 47.154 0  124 ASN A ND2   1 ? 
ATOM   423 N  N     . LEU A 1 62 ? -1.279  9.403   -1.593  1.000 52.853 0  125 LEU A N     1 ? 
ATOM   424 C  CA    . LEU A 1 62 ? -2.345  8.783   -2.362  1.000 55.799 0  125 LEU A CA    1 ? 
ATOM   425 C  C     . LEU A 1 62 ? -2.861  9.755   -3.425  1.000 55.571 0  125 LEU A C     1 ? 
ATOM   426 O  O     . LEU A 1 62 ? -3.055  9.356   -4.570  1.000 53.817 0  125 LEU A O     1 ? 
ATOM   427 C  CB    . LEU A 1 62 ? -3.457  8.357   -1.393  1.000 59.605 0  125 LEU A CB    1 ? 
ATOM   428 C  CG    . LEU A 1 62 ? -4.490  7.378   -1.950  1.000 61.336 0  125 LEU A CG    1 ? 
ATOM   429 C  CD1   . LEU A 1 62 ? -3.935  5.962   -1.972  1.000 62.023 0  125 LEU A CD1   1 ? 
ATOM   430 C  CD2   . LEU A 1 62 ? -5.778  7.435   -1.142  1.000 63.203 0  125 LEU A CD2   1 ? 
ATOM   431 N  N     . LEU A 1 63 ? -3.098  11.020  -3.032  1.000 59.863 0  126 LEU A N     1 ? 
ATOM   432 C  CA    . LEU A 1 63 ? -3.546  12.065  -3.947  1.000 61.716 0  126 LEU A CA    1 ? 
ATOM   433 C  C     . LEU A 1 63 ? -2.474  12.326  -5.005  1.000 61.612 0  126 LEU A C     1 ? 
ATOM   434 O  O     . LEU A 1 63 ? -2.785  12.702  -6.135  1.000 59.046 0  126 LEU A O     1 ? 
ATOM   435 C  CB    . LEU A 1 63 ? -3.848  13.348  -3.160  1.000 65.695 0  126 LEU A CB    1 ? 
ATOM   436 C  CG    . LEU A 1 63 ? -5.178  13.386  -2.402  1.000 69.551 0  126 LEU A CG    1 ? 
ATOM   437 C  CD1   . LEU A 1 63 ? -5.228  14.582  -1.463  1.000 70.645 0  126 LEU A CD1   1 ? 
ATOM   438 C  CD2   . LEU A 1 63 ? -6.361  13.426  -3.363  1.000 69.763 0  126 LEU A CD2   1 ? 
ATOM   439 N  N     . LYS A 1 64 ? -1.213  12.124  -4.602  1.000 57.300 0  127 LYS A N     1 ? 
ATOM   440 C  CA    . LYS A 1 64 ? -0.052  12.273  -5.459  1.000 55.805 0  127 LYS A CA    1 ? 
ATOM   441 C  C     . LYS A 1 64 ? -0.145  11.315  -6.645  1.000 60.449 0  127 LYS A C     1 ? 
ATOM   442 O  O     . LYS A 1 64 ? -0.019  11.735  -7.793  1.000 63.600 0  127 LYS A O     1 ? 
ATOM   443 C  CB    . LYS A 1 64 ? 1.198   12.020  -4.614  1.000 52.589 0  127 LYS A CB    1 ? 
ATOM   444 C  CG    . LYS A 1 64 ? 2.530   12.182  -5.329  1.000 51.049 0  127 LYS A CG    1 ? 
ATOM   445 C  CD    . LYS A 1 64 ? 3.720   11.815  -4.468  0.500 50.352 0  127 LYS A CD    1 ? 
ATOM   446 C  CE    . LYS A 1 64 ? 3.809   12.617  -3.185  0.500 50.272 0  127 LYS A CE    1 ? 
ATOM   447 N  NZ    . LYS A 1 64 ? 5.077   12.348  -2.464  0.500 50.077 0  127 LYS A NZ    1 ? 
ATOM   448 N  N     . ILE A 1 65 ? -0.372  10.028  -6.357  1.000 64.278 0  128 ILE A N     1 ? 
ATOM   449 C  CA    . ILE A 1 65 ? -0.442  9.006   -7.390  1.000 63.006 0  128 ILE A CA    1 ? 
ATOM   450 C  C     . ILE A 1 65 ? -1.729  9.166   -8.200  1.000 65.698 0  128 ILE A C     1 ? 
ATOM   451 O  O     . ILE A 1 65 ? -1.736  8.893   -9.398  1.000 68.221 0  128 ILE A O     1 ? 
ATOM   452 C  CB    . ILE A 1 65 ? -0.284  7.600   -6.774  1.000 60.650 0  128 ILE A CB    1 ? 
ATOM   453 C  CG1   . ILE A 1 65 ? 1.131   7.432   -6.205  1.000 61.226 0  128 ILE A CG1   1 ? 
ATOM   454 C  CG2   . ILE A 1 65 ? -0.644  6.512   -7.780  1.000 60.786 0  128 ILE A CG2   1 ? 
ATOM   455 C  CD1   . ILE A 1 65 ? 1.580   5.992   -6.033  1.000 60.885 0  128 ILE A CD1   1 ? 
ATOM   456 N  N     . ILE A 1 66 ? -2.811  9.616   -7.555  1.000 71.920 0  129 ILE A N     1 ? 
ATOM   457 C  CA    . ILE A 1 66 ? -4.052  9.909   -8.258  1.000 74.498 0  129 ILE A CA    1 ? 
ATOM   458 C  C     . ILE A 1 66 ? -3.764  10.871  -9.411  1.000 73.828 0  129 ILE A C     1 ? 
ATOM   459 O  O     . ILE A 1 66 ? -4.302  10.702  -10.504 1.000 71.990 0  129 ILE A O     1 ? 
ATOM   460 C  CB    . ILE A 1 66 ? -5.124  10.445  -7.284  1.000 76.357 0  129 ILE A CB    1 ? 
ATOM   461 C  CG1   . ILE A 1 66 ? -5.728  9.306   -6.453  1.000 77.346 0  129 ILE A CG1   1 ? 
ATOM   462 C  CG2   . ILE A 1 66 ? -6.199  11.233  -8.025  1.000 77.188 0  129 ILE A CG2   1 ? 
ATOM   463 C  CD1   . ILE A 1 66 ? -6.667  9.758   -5.356  1.000 77.074 0  129 ILE A CD1   1 ? 
ATOM   464 N  N     . LYS A 1 67 ? -2.905  11.865  -9.151  1.000 76.738 0  130 LYS A N     1 ? 
ATOM   465 C  CA    . LYS A 1 67 ? -2.482  12.834  -10.153 1.000 80.582 0  130 LYS A CA    1 ? 
ATOM   466 C  C     . LYS A 1 67 ? -1.081  12.477  -10.651 1.000 81.840 0  130 LYS A C     1 ? 
ATOM   467 O  O     . LYS A 1 67 ? -0.099  13.121  -10.287 1.000 84.579 0  130 LYS A O     1 ? 
ATOM   468 C  CB    . LYS A 1 67 ? -2.527  14.248  -9.561  1.000 80.374 0  130 LYS A CB    1 ? 
ATOM   469 C  CG    . LYS A 1 67 ? -3.921  14.842  -9.398  1.000 80.402 0  130 LYS A CG    1 ? 
ATOM   470 C  CD    . LYS A 1 67 ? -4.065  15.739  -8.184  1.000 80.294 0  130 LYS A CD    1 ? 
ATOM   471 C  CE    . LYS A 1 67 ? -3.046  16.859  -8.127  1.000 81.985 0  130 LYS A CE    1 ? 
ATOM   472 N  NZ    . LYS A 1 67 ? -3.131  17.601  -6.848  1.000 81.979 0  130 LYS A NZ    1 ? 
ATOM   473 N  N     . SER A 1 68 ? -1.007  11.428  -11.478 1.000 80.368 0  131 SER A N     1 ? 
ATOM   474 C  CA    . SER A 1 68 ? 0.222   11.063  -12.163 1.000 80.260 0  131 SER A CA    1 ? 
ATOM   475 C  C     . SER A 1 68 ? -0.117  10.425  -13.508 1.000 84.672 0  131 SER A C     1 ? 
ATOM   476 O  O     . SER A 1 68 ? -1.275  10.092  -13.766 1.000 84.140 0  131 SER A O     1 ? 
ATOM   477 C  CB    . SER A 1 68 ? 1.081   10.152  -11.318 1.000 79.211 0  131 SER A CB    1 ? 
ATOM   478 O  OG    . SER A 1 68 ? 0.586   8.820   -11.323 1.000 80.263 0  131 SER A OG    1 ? 
ATOM   479 N  N     . LYS A 1 69 ? 0.909   10.277  -14.357 1.000 85.824 0  132 LYS A N     1 ? 
ATOM   480 C  CA    . LYS A 1 69 ? 0.776   9.662   -15.669 1.000 83.046 0  132 LYS A CA    1 ? 
ATOM   481 C  C     . LYS A 1 69 ? 1.562   8.352   -15.683 1.000 81.083 0  132 LYS A C     1 ? 
ATOM   482 O  O     . LYS A 1 69 ? 2.573   8.219   -14.995 1.000 79.711 0  132 LYS A O     1 ? 
ATOM   483 C  CB    . LYS A 1 69 ? 1.267   10.626  -16.755 1.000 82.146 0  132 LYS A CB    1 ? 
ATOM   484 N  N     . GLY A 1 70 ? 1.074   7.385   -16.466 1.000 82.584 0  133 GLY A N     1 ? 
ATOM   485 C  CA    . GLY A 1 70 ? 1.731   6.095   -16.610 1.000 83.020 0  133 GLY A CA    1 ? 
ATOM   486 C  C     . GLY A 1 70 ? 1.425   5.166   -15.438 1.000 81.041 0  133 GLY A C     1 ? 
ATOM   487 O  O     . GLY A 1 70 ? 0.493   5.411   -14.677 1.000 84.520 0  133 GLY A O     1 ? 
ATOM   488 N  N     . SER A 1 71 ? 2.220   4.094   -15.323 1.000 76.648 0  134 SER A N     1 ? 
ATOM   489 C  CA    . SER A 1 71 ? 2.109   3.149   -14.224 1.000 74.712 0  134 SER A CA    1 ? 
ATOM   490 C  C     . SER A 1 71 ? 3.011   3.592   -13.072 1.000 70.565 0  134 SER A C     1 ? 
ATOM   491 O  O     . SER A 1 71 ? 4.177   3.909   -13.287 1.000 71.445 0  134 SER A O     1 ? 
ATOM   492 C  CB    . SER A 1 71 ? 2.441   1.750   -14.678 1.000 75.869 0  134 SER A CB    1 ? 
ATOM   493 O  OG    . SER A 1 71 ? 1.450   1.263   -15.574 1.000 78.982 0  134 SER A OG    1 ? 
ATOM   494 N  N     . GLN A 1 72 ? 2.452   3.603   -11.855 1.000 67.394 0  135 GLN A N     1 ? 
ATOM   495 C  CA    . GLN A 1 72 ? 3.161   4.062   -10.669 1.000 62.829 0  135 GLN A CA    1 ? 
ATOM   496 C  C     . GLN A 1 72 ? 3.245   2.926   -9.645  1.000 58.763 0  135 GLN A C     1 ? 
ATOM   497 O  O     . GLN A 1 72 ? 2.704   1.843   -9.859  1.000 57.821 0  135 GLN A O     1 ? 
ATOM   498 C  CB    . GLN A 1 72 ? 2.456   5.297   -10.106 1.000 61.389 0  135 GLN A CB    1 ? 
ATOM   499 N  N     . SER A 1 73 ? 3.956   3.187   -8.542  1.000 53.739 0  136 SER A N     1 ? 
ATOM   500 C  CA    . SER A 1 73 ? 4.077   2.257   -7.427  1.000 52.977 0  136 SER A CA    1 ? 
ATOM   501 C  C     . SER A 1 73 ? 3.729   2.991   -6.128  1.000 50.609 0  136 SER A C     1 ? 
ATOM   502 O  O     . SER A 1 73 ? 4.304   4.035   -5.843  1.000 53.752 0  136 SER A O     1 ? 
ATOM   503 C  CB    . SER A 1 73 ? 5.472   1.663   -7.400  1.000 52.260 0  136 SER A CB    1 ? 
ATOM   504 O  OG    . SER A 1 73 ? 5.692   0.867   -6.244  1.000 51.639 0  136 SER A OG    1 ? 
ATOM   505 N  N     . PHE A 1 74 ? 2.766   2.469   -5.352  1.000 48.397 0  137 PHE A N     1 ? 
ATOM   506 C  CA    . PHE A 1 74 ? 2.323   3.139   -4.133  1.000 45.438 0  137 PHE A CA    1 ? 
ATOM   507 C  C     . PHE A 1 74 ? 2.970   2.488   -2.911  1.000 42.490 0  137 PHE A C     1 ? 
ATOM   508 O  O     . PHE A 1 74 ? 2.692   1.327   -2.616  1.000 39.985 0  137 PHE A O     1 ? 
ATOM   509 C  CB    . PHE A 1 74 ? 0.796   3.123   -4.008  1.000 46.511 0  137 PHE A CB    1 ? 
ATOM   510 C  CG    . PHE A 1 74 ? 0.257   3.916   -2.840  1.000 46.633 0  137 PHE A CG    1 ? 
ATOM   511 C  CD1   . PHE A 1 74 ? 0.583   5.254   -2.679  1.000 48.028 0  137 PHE A CD1   1 ? 
ATOM   512 C  CD2   . PHE A 1 74 ? -0.568  3.326   -1.894  1.000 46.509 0  137 PHE A CD2   1 ? 
ATOM   513 C  CE1   . PHE A 1 74 ? 0.099   5.981   -1.600  1.000 49.719 0  137 PHE A CE1   1 ? 
ATOM   514 C  CE2   . PHE A 1 74 ? -1.059  4.058   -0.822  1.000 47.227 0  137 PHE A CE2   1 ? 
ATOM   515 C  CZ    . PHE A 1 74 ? -0.722  5.382   -0.672  1.000 47.473 0  137 PHE A CZ    1 ? 
ATOM   516 N  N     . ILE A 1 75 ? 3.809   3.260   -2.196  1.000 39.247 0  138 ILE A N     1 ? 
ATOM   517 C  CA    . ILE A 1 75 ? 4.541   2.747   -1.045  1.000 40.910 0  138 ILE A CA    1 ? 
ATOM   518 C  C     . ILE A 1 75 ? 3.748   3.008   0.236   1.000 39.948 0  138 ILE A C     1 ? 
ATOM   519 O  O     . ILE A 1 75 ? 3.297   4.131   0.484   1.000 40.217 0  138 ILE A O     1 ? 
ATOM   520 C  CB    . ILE A 1 75 ? 5.958   3.352   -0.937  1.000 40.143 0  138 ILE A CB    1 ? 
ATOM   521 C  CG1   . ILE A 1 75 ? 6.700   3.339   -2.277  1.000 41.851 0  138 ILE A CG1   1 ? 
ATOM   522 C  CG2   . ILE A 1 75 ? 6.747   2.636   0.149   1.000 39.237 0  138 ILE A CG2   1 ? 
ATOM   523 C  CD1   . ILE A 1 75 ? 6.781   1.973   -2.919  1.000 42.153 0  138 ILE A CD1   1 ? 
ATOM   524 N  N     . VAL A 1 76 ? 3.635   1.952   1.053   1.000 38.688 0  139 VAL A N     1 ? 
ATOM   525 C  CA    . VAL A 1 76 ? 2.952   2.000   2.334   1.000 37.857 0  139 VAL A CA    1 ? 
ATOM   526 C  C     . VAL A 1 76 ? 3.957   1.552   3.390   1.000 38.196 0  139 VAL A C     1 ? 
ATOM   527 O  O     . VAL A 1 76 ? 4.481   0.440   3.306   1.000 37.160 0  139 VAL A O     1 ? 
ATOM   528 C  CB    . VAL A 1 76 ? 1.688   1.116   2.331   1.000 36.732 0  139 VAL A CB    1 ? 
ATOM   529 C  CG1   . VAL A 1 76 ? 1.027   1.062   3.701   1.000 37.127 0  139 VAL A CG1   1 ? 
ATOM   530 C  CG2   . VAL A 1 76 ? 0.689   1.558   1.273   1.000 35.831 0  139 VAL A CG2   1 ? 
ATOM   531 N  N     . ASP A 1 77 ? 4.224   2.433   4.364   1.000 38.277 0  140 ASP A N     1 ? 
ATOM   532 C  CA    . ASP A 1 77 ? 5.321   2.245   5.298   1.000 38.411 0  140 ASP A CA    1 ? 
ATOM   533 C  C     . ASP A 1 77 ? 4.865   1.440   6.509   1.000 37.283 0  140 ASP A C     1 ? 
ATOM   534 O  O     . ASP A 1 77 ? 3.946   1.832   7.233   1.000 35.939 0  140 ASP A O     1 ? 
ATOM   535 C  CB    . ASP A 1 77 ? 5.930   3.585   5.705   1.000 42.622 0  140 ASP A CB    1 ? 
ATOM   536 C  CG    . ASP A 1 77 ? 6.848   4.128   4.628   1.000 46.618 0  140 ASP A CG    1 ? 
ATOM   537 O  OD1   . ASP A 1 77 ? 7.902   3.490   4.391   1.000 49.030 0  140 ASP A OD1   1 ? 
ATOM   538 O  OD2   . ASP A 1 77 ? 6.481   5.155   4.011   1.000 52.880 0  140 ASP A OD2   1 ? 
ATOM   539 N  N     . CYS A 1 78 ? 5.525   0.293   6.688   1.000 36.729 0  141 CYS A N     1 ? 
ATOM   540 C  CA    . CYS A 1 78 ? 5.297   -0.582  7.821   1.000 38.627 0  141 CYS A CA    1 ? 
ATOM   541 C  C     . CYS A 1 78 ? 6.533   -0.537  8.718   1.000 41.435 0  141 CYS A C     1 ? 
ATOM   542 O  O     . CYS A 1 78 ? 7.652   -0.380  8.239   1.000 37.326 0  141 CYS A O     1 ? 
ATOM   543 C  CB    . CYS A 1 78 ? 5.027   -2.014  7.360   1.000 40.797 0  141 CYS A CB    1 ? 
ATOM   544 S  SG    . CYS A 1 78 ? 3.758   -2.187  6.066   1.000 38.277 0  141 CYS A SG    1 ? 
ATOM   545 N  N     . THR A 1 79 ? 6.329   -0.668  10.030  1.000 45.411 0  142 THR A N     1 ? 
ATOM   546 C  CA    . THR A 1 79 ? 7.431   -0.973  10.922  1.000 49.692 0  142 THR A CA    1 ? 
ATOM   547 C  C     . THR A 1 79 ? 8.052   -2.287  10.450  1.000 54.227 0  142 THR A C     1 ? 
ATOM   548 O  O     . THR A 1 79 ? 7.472   -2.973  9.611   1.000 57.561 0  142 THR A O     1 ? 
ATOM   549 C  CB    . THR A 1 79 ? 6.965   -1.034  12.385  1.000 49.437 0  142 THR A CB    1 ? 
ATOM   550 O  OG1   . THR A 1 79 ? 6.117   -2.172  12.560  1.000 45.553 0  142 THR A OG1   1 ? 
ATOM   551 C  CG2   . THR A 1 79 ? 6.248   0.221   12.838  1.000 48.219 0  142 THR A CG2   1 ? 
ATOM   552 N  N     . ASP A 1 80 ? 9.226   -2.632  10.993  1.000 58.141 0  143 ASP A N     1 ? 
ATOM   553 C  CA    . ASP A 1 80 ? 9.847   -3.924  10.733  1.000 60.623 0  143 ASP A CA    1 ? 
ATOM   554 C  C     . ASP A 1 80 ? 8.994   -5.053  11.315  1.000 61.029 0  143 ASP A C     1 ? 
ATOM   555 O  O     . ASP A 1 80 ? 9.110   -6.195  10.872  1.000 62.474 0  143 ASP A O     1 ? 
ATOM   556 C  CB    . ASP A 1 80 ? 11.263  -4.008  11.316  1.000 61.879 0  143 ASP A CB    1 ? 
ATOM   557 C  CG    . ASP A 1 80 ? 12.302  -3.121  10.646  1.000 63.157 0  143 ASP A CG    1 ? 
ATOM   558 O  OD1   . ASP A 1 80 ? 12.013  -2.566  9.560   1.000 60.324 0  143 ASP A OD1   1 ? 
ATOM   559 O  OD2   . ASP A 1 80 ? 13.397  -2.987  11.227  1.000 66.575 0  143 ASP A OD2   1 ? 
ATOM   560 N  N     . GLU A 1 81 ? 8.159   -4.734  12.318  1.000 59.000 0  144 GLU A N     1 ? 
ATOM   561 C  CA    . GLU A 1 81 ? 7.325   -5.726  12.981  1.000 62.074 0  144 GLU A CA    1 ? 
ATOM   562 C  C     . GLU A 1 81 ? 5.994   -5.879  12.242  1.000 59.994 0  144 GLU A C     1 ? 
ATOM   563 O  O     . GLU A 1 81 ? 5.434   -6.974  12.199  1.000 59.539 0  144 GLU A O     1 ? 
ATOM   564 C  CB    . GLU A 1 81 ? 7.068   -5.356  14.446  1.000 62.703 0  144 GLU A CB    1 ? 
ATOM   565 C  CG    . GLU A 1 81 ? 8.329   -5.058  15.245  1.000 64.383 0  144 GLU A CG    1 ? 
ATOM   566 C  CD    . GLU A 1 81 ? 8.757   -3.600  15.269  1.000 65.862 0  144 GLU A CD    1 ? 
ATOM   567 O  OE1   . GLU A 1 81 ? 7.894   -2.728  15.050  1.000 65.857 0  144 GLU A OE1   1 ? 
ATOM   568 O  OE2   . GLU A 1 81 ? 9.959   -3.338  15.488  1.000 69.334 0  144 GLU A OE2   1 ? 
ATOM   569 N  N     . GLU A 1 82 ? 5.487   -4.775  11.678  1.000 56.850 0  145 GLU A N     1 ? 
ATOM   570 C  CA    . GLU A 1 82 ? 4.215   -4.771  10.971  1.000 54.508 0  145 GLU A CA    1 ? 
ATOM   571 C  C     . GLU A 1 82 ? 4.303   -5.575  9.673   1.000 55.963 0  145 GLU A C     1 ? 
ATOM   572 O  O     . GLU A 1 82 ? 3.320   -6.210  9.285   1.000 55.596 0  145 GLU A O     1 ? 
ATOM   573 C  CB    . GLU A 1 82 ? 3.768   -3.339  10.661  1.000 52.296 0  145 GLU A CB    1 ? 
ATOM   574 C  CG    . GLU A 1 82 ? 3.095   -2.648  11.831  1.000 48.441 0  145 GLU A CG    1 ? 
ATOM   575 C  CD    . GLU A 1 82 ? 2.884   -1.151  11.673  1.000 47.232 0  145 GLU A CD    1 ? 
ATOM   576 O  OE1   . GLU A 1 82 ? 3.334   -0.583  10.657  1.000 43.224 0  145 GLU A OE1   1 ? 
ATOM   577 O  OE2   . GLU A 1 82 ? 2.262   -0.554  12.576  1.000 47.865 0  145 GLU A OE2   1 ? 
ATOM   578 N  N     . ILE A 1 83 ? 5.467   -5.553  9.002   1.000 51.918 0  146 ILE A N     1 ? 
ATOM   579 C  CA    . ILE A 1 83 ? 5.559   -6.116  7.663   1.000 51.423 0  146 ILE A CA    1 ? 
ATOM   580 C  C     . ILE A 1 83 ? 5.556   -7.646  7.711   1.000 52.315 0  146 ILE A C     1 ? 
ATOM   581 O  O     . ILE A 1 83 ? 5.387   -8.285  6.674   1.000 50.573 0  146 ILE A O     1 ? 
ATOM   582 C  CB    . ILE A 1 83 ? 6.764   -5.555  6.884   1.000 49.681 0  146 ILE A CB    1 ? 
ATOM   583 C  CG1   . ILE A 1 83 ? 6.594   -5.797  5.379   1.000 48.621 0  146 ILE A CG1   1 ? 
ATOM   584 C  CG2   . ILE A 1 83 ? 8.081   -6.109  7.417   1.000 48.815 0  146 ILE A CG2   1 ? 
ATOM   585 C  CD1   . ILE A 1 83 ? 7.217   -4.745  4.492   1.000 47.960 0  146 ILE A CD1   1 ? 
ATOM   586 N  N     . ASP A 1 84 ? 5.686   -8.227  8.916   1.000 53.727 0  147 ASP A N     1 ? 
ATOM   587 C  CA    . ASP A 1 84 ? 5.666   -9.672  9.100   1.000 54.498 0  147 ASP A CA    1 ? 
ATOM   588 C  C     . ASP A 1 84 ? 4.238   -10.215 9.051   1.000 55.226 0  147 ASP A C     1 ? 
ATOM   589 O  O     . ASP A 1 84 ? 4.044   -11.426 9.126   1.000 60.120 0  147 ASP A O     1 ? 
ATOM   590 C  CB    . ASP A 1 84 ? 6.349   -10.064 10.413  1.000 55.248 0  147 ASP A CB    1 ? 
ATOM   591 C  CG    . ASP A 1 84 ? 7.809   -9.640  10.492  1.000 58.307 0  147 ASP A CG    1 ? 
ATOM   592 O  OD1   . ASP A 1 84 ? 8.594   -10.065 9.610   1.000 56.017 0  147 ASP A OD1   1 ? 
ATOM   593 O  OD2   . ASP A 1 84 ? 8.151   -8.877  11.429  1.000 58.442 0  147 ASP A OD2   1 ? 
ATOM   594 N  N     . GLN A 1 85 ? 3.245   -9.323  8.922   1.000 56.339 0  148 GLN A N     1 ? 
ATOM   595 C  CA    . GLN A 1 85 ? 1.847   -9.708  8.782   1.000 55.491 0  148 GLN A CA    1 ? 
ATOM   596 C  C     . GLN A 1 85 ? 1.536   -10.182 7.362   1.000 56.294 0  148 GLN A C     1 ? 
ATOM   597 O  O     . GLN A 1 85 ? 0.544   -10.874 7.141   1.000 52.963 0  148 GLN A O     1 ? 
ATOM   598 C  CB    . GLN A 1 85 ? 0.936   -8.517  9.081   1.000 53.422 0  148 GLN A CB    1 ? 
ATOM   599 C  CG    . GLN A 1 85 ? 1.020   -8.028  10.516  1.000 51.219 0  148 GLN A CG    1 ? 
ATOM   600 C  CD    . GLN A 1 85 ? 0.247   -6.749  10.697  1.000 48.012 0  148 GLN A CD    1 ? 
ATOM   601 O  OE1   . GLN A 1 85 ? -0.815  -6.735  11.313  1.000 48.273 0  148 GLN A OE1   1 ? 
ATOM   602 N  NE2   . GLN A 1 85 ? 0.768   -5.666  10.145  1.000 46.687 0  148 GLN A NE2   1 ? 
ATOM   603 N  N     . PHE A 1 86 ? 2.377   -9.778  6.404   1.000 57.137 0  149 PHE A N     1 ? 
ATOM   604 C  CA    . PHE A 1 86 ? 2.106   -9.992  4.994   1.000 59.809 0  149 PHE A CA    1 ? 
ATOM   605 C  C     . PHE A 1 86 ? 3.189   -10.877 4.379   1.000 64.525 0  149 PHE A C     1 ? 
ATOM   606 O  O     . PHE A 1 86 ? 3.262   -10.994 3.156   1.000 66.377 0  149 PHE A O     1 ? 
ATOM   607 C  CB    . PHE A 1 86 ? 2.039   -8.632  4.292   1.000 59.595 0  149 PHE A CB    1 ? 
ATOM   608 C  CG    . PHE A 1 86 ? 1.339   -7.547  5.073   1.000 57.611 0  149 PHE A CG    1 ? 
ATOM   609 C  CD1   . PHE A 1 86 ? -0.043  -7.427  5.052   1.000 56.091 0  149 PHE A CD1   1 ? 
ATOM   610 C  CD2   . PHE A 1 86 ? 2.067   -6.655  5.847   1.000 55.278 0  149 PHE A CD2   1 ? 
ATOM   611 C  CE1   . PHE A 1 86 ? -0.676  -6.429  5.775   1.000 55.187 0  149 PHE A CE1   1 ? 
ATOM   612 C  CE2   . PHE A 1 86 ? 1.432   -5.658  6.569   1.000 54.340 0  149 PHE A CE2   1 ? 
ATOM   613 C  CZ    . PHE A 1 86 ? 0.061   -5.548  6.532   1.000 55.492 0  149 PHE A CZ    1 ? 
ATOM   614 N  N     . SER A 1 87 ? 4.015   -11.496 5.239   1.000 69.777 0  150 SER A N     1 ? 
ATOM   615 C  CA    . SER A 1 87 ? 5.184   -12.257 4.821   1.000 68.981 0  150 SER A CA    1 ? 
ATOM   616 C  C     . SER A 1 87 ? 4.820   -13.735 4.652   1.000 67.220 0  150 SER A C     1 ? 
ATOM   617 O  O     . SER A 1 87 ? 4.049   -14.027 3.720   1.000 69.332 0  150 SER A O     1 ? 
ATOM   618 C  CB    . SER A 1 87 ? 6.314   -12.090 5.807   1.000 70.843 0  150 SER A CB    1 ? 
ATOM   619 O  OG    . SER A 1 87 ? 6.838   -10.769 5.767   1.000 72.011 0  150 SER A OG    1 ? 
ATOM   620 P  P     . A   B 2 1  ? -18.902 -0.138  6.086   0.250 23.880 0  1   A   C P     1 ? 
ATOM   621 O  OP1   . A   B 2 1  ? -19.466 0.602   7.267   0.250 23.744 0  1   A   C OP1   1 ? 
ATOM   622 O  OP2   . A   B 2 1  ? -19.381 0.242   4.712   0.250 23.694 -1 1   A   C OP2   1 ? 
ATOM   623 O  "O5'" . A   B 2 1  ? -17.297 -0.072  6.115   0.250 23.591 0  1   A   C "O5'" 1 ? 
ATOM   624 C  "C5'" . A   B 2 1  ? -16.614 0.976   5.383   0.250 23.547 0  1   A   C "C5'" 1 ? 
ATOM   625 C  "C4'" . A   B 2 1  ? -15.255 1.197   6.000   0.250 23.779 0  1   A   C "C4'" 1 ? 
ATOM   626 O  "O4'" . A   B 2 1  ? -15.412 1.398   7.429   0.250 23.723 0  1   A   C "O4'" 1 ? 
ATOM   627 C  "C3'" . A   B 2 1  ? -14.284 0.028   5.864   0.250 24.045 0  1   A   C "C3'" 1 ? 
ATOM   628 O  "O3'" . A   B 2 1  ? -12.933 0.462   5.899   0.250 24.357 0  1   A   C "O3'" 1 ? 
ATOM   629 C  "C2'" . A   B 2 1  ? -14.543 -0.750  7.149   0.250 24.108 0  1   A   C "C2'" 1 ? 
ATOM   630 O  "O2'" . A   B 2 1  ? -13.464 -1.591  7.495   0.250 24.462 0  1   A   C "O2'" 1 ? 
ATOM   631 C  "C1'" . A   B 2 1  ? -14.688 0.411   8.125   0.250 24.171 0  1   A   C "C1'" 1 ? 
ATOM   632 N  N9    . A   B 2 1  ? -15.398 0.102   9.358   0.250 24.182 0  1   A   C N9    1 ? 
ATOM   633 C  C8    . A   B 2 1  ? -16.754 0.073   9.574   0.250 24.340 0  1   A   C C8    1 ? 
ATOM   634 N  N7    . A   B 2 1  ? -17.059 -0.231  10.814  0.250 24.473 0  1   A   C N7    1 ? 
ATOM   635 C  C5    . A   B 2 1  ? -15.833 -0.409  11.446  0.250 24.755 0  1   A   C C5    1 ? 
ATOM   636 C  C6    . A   B 2 1  ? -15.479 -0.744  12.767  0.250 25.018 0  1   A   C C6    1 ? 
ATOM   637 N  N6    . A   B 2 1  ? -16.359 -0.962  13.739  0.250 25.769 0  1   A   C N6    1 ? 
ATOM   638 N  N1    . A   B 2 1  ? -14.158 -0.843  13.048  0.250 25.643 0  1   A   C N1    1 ? 
ATOM   639 C  C2    . A   B 2 1  ? -13.271 -0.616  12.070  0.250 25.027 0  1   A   C C2    1 ? 
ATOM   640 N  N3    . A   B 2 1  ? -13.487 -0.290  10.798  0.250 24.854 0  1   A   C N3    1 ? 
ATOM   641 C  C4    . A   B 2 1  ? -14.805 -0.207  10.551  0.250 24.617 0  1   A   C C4    1 ? 
ATOM   642 P  P     . A   B 2 2  ? -12.226 0.708   4.478   0.250 24.683 0  2   A   C P     1 ? 
ATOM   643 O  OP1   . A   B 2 2  ? -10.775 0.960   4.773   0.250 25.473 0  2   A   C OP1   1 ? 
ATOM   644 O  OP2   . A   B 2 2  ? -12.977 1.763   3.712   0.250 24.598 -1 2   A   C OP2   1 ? 
ATOM   645 O  "O5'" . A   B 2 2  ? -12.377 -0.713  3.744   0.250 24.292 0  2   A   C "O5'" 1 ? 
ATOM   646 C  "C5'" . A   B 2 2  ? -11.694 -0.898  2.477   0.250 23.977 0  2   A   C "C5'" 1 ? 
ATOM   647 C  "C4'" . A   B 2 2  ? -11.093 -2.281  2.421   0.250 24.087 0  2   A   C "C4'" 1 ? 
ATOM   648 O  "O4'" . A   B 2 2  ? -9.945  -2.344  3.308   0.250 24.040 0  2   A   C "O4'" 1 ? 
ATOM   649 C  "C3'" . A   B 2 2  ? -12.007 -3.412  2.880   0.250 24.262 0  2   A   C "C3'" 1 ? 
ATOM   650 O  "O3'" . A   B 2 2  ? -11.643 -4.645  2.276   0.250 24.031 0  2   A   C "O3'" 1 ? 
ATOM   651 C  "C2'" . A   B 2 2  ? -11.648 -3.515  4.359   0.250 24.407 0  2   A   C "C2'" 1 ? 
ATOM   652 O  "O2'" . A   B 2 2  ? -12.038 -4.741  4.938   0.250 25.091 0  2   A   C "O2'" 1 ? 
ATOM   653 C  "C1'" . A   B 2 2  ? -10.135 -3.390  4.230   0.250 24.520 0  2   A   C "C1'" 1 ? 
ATOM   654 N  N9    . A   B 2 2  ? -9.411  -3.072  5.453   0.250 24.546 0  2   A   C N9    1 ? 
ATOM   655 C  C8    . A   B 2 2  ? -9.249  -1.847  6.050   0.250 24.775 0  2   A   C C8    1 ? 
ATOM   656 N  N7    . A   B 2 2  ? -8.519  -1.914  7.141   0.250 24.958 0  2   A   C N7    1 ? 
ATOM   657 C  C5    . A   B 2 2  ? -8.182  -3.256  7.260   0.250 25.107 0  2   A   C C5    1 ? 
ATOM   658 C  C6    . A   B 2 2  ? -7.423  -3.970  8.206   0.250 25.296 0  2   A   C C6    1 ? 
ATOM   659 N  N6    . A   B 2 2  ? -6.827  -3.409  9.253   0.250 25.903 0  2   A   C N6    1 ? 
ATOM   660 N  N1    . A   B 2 2  ? -7.294  -5.305  8.020   0.250 26.003 0  2   A   C N1    1 ? 
ATOM   661 C  C2    . A   B 2 2  ? -7.888  -5.867  6.957   0.250 25.448 0  2   A   C C2    1 ? 
ATOM   662 N  N3    . A   B 2 2  ? -8.621  -5.297  6.005   0.250 25.309 0  2   A   C N3    1 ? 
ATOM   663 C  C4    . A   B 2 2  ? -8.731  -3.976  6.222   0.250 24.986 0  2   A   C C4    1 ? 
ATOM   664 P  P     . A   B 2 3  ? -12.328 -5.009  0.869   0.250 24.321 0  3   A   C P     1 ? 
ATOM   665 O  OP1   . A   B 2 3  ? -11.556 -6.177  0.319   0.250 24.089 -1 3   A   C OP1   1 ? 
ATOM   666 O  OP2   . A   B 2 3  ? -12.476 -3.792  -0.001  0.250 24.378 0  3   A   C OP2   1 ? 
ATOM   667 O  "O5'" . A   B 2 3  ? -13.779 -5.494  1.354   0.250 23.797 0  3   A   C "O5'" 1 ? 
ATOM   668 C  "C5'" . A   B 2 3  ? -14.815 -5.768  0.379   0.250 23.509 0  3   A   C "C5'" 1 ? 
ATOM   669 C  "C4'" . A   B 2 3  ? -15.867 -6.640  1.019   0.250 23.594 0  3   A   C "C4'" 1 ? 
ATOM   670 O  "O4'" . A   B 2 3  ? -15.293 -7.940  1.317   0.250 23.542 0  3   A   C "O4'" 1 ? 
ATOM   671 C  "C3'" . A   B 2 3  ? -16.387 -6.145  2.359   0.250 23.788 0  3   A   C "C3'" 1 ? 
ATOM   672 O  "O3'" . A   B 2 3  ? -17.633 -6.746  2.677   0.250 23.653 0  3   A   C "O3'" 1 ? 
ATOM   673 C  "C2'" . A   B 2 3  ? -15.330 -6.707  3.304   0.250 23.910 0  3   A   C "C2'" 1 ? 
ATOM   674 O  "O2'" . A   B 2 3  ? -15.751 -6.723  4.650   0.250 24.572 0  3   A   C "O2'" 1 ? 
ATOM   675 C  "C1'" . A   B 2 3  ? -15.202 -8.109  2.715   0.250 24.005 0  3   A   C "C1'" 1 ? 
ATOM   676 N  N9    . A   B 2 3  ? -13.957 -8.810  2.999   0.250 23.994 0  3   A   C N9    1 ? 
ATOM   677 C  C8    . A   B 2 3  ? -12.717 -8.565  2.463   0.250 24.066 0  3   A   C C8    1 ? 
ATOM   678 N  N7    . A   B 2 3  ? -11.804 -9.393  2.914   0.250 24.308 0  3   A   C N7    1 ? 
ATOM   679 C  C5    . A   B 2 3  ? -12.486 -10.228 3.791   0.250 24.491 0  3   A   C C5    1 ? 
ATOM   680 C  C6    . A   B 2 3  ? -12.072 -11.314 4.586   0.250 24.814 0  3   A   C C6    1 ? 
ATOM   681 N  N6    . A   B 2 3  ? -10.822 -11.766 4.627   0.250 25.250 0  3   A   C N6    1 ? 
ATOM   682 N  N1    . A   B 2 3  ? -13.015 -11.920 5.346   0.250 24.969 0  3   A   C N1    1 ? 
ATOM   683 C  C2    . A   B 2 3  ? -14.273 -11.458 5.299   0.250 24.947 0  3   A   C C2    1 ? 
ATOM   684 N  N3    . A   B 2 3  ? -14.776 -10.451 4.588   0.250 24.737 0  3   A   C N3    1 ? 
ATOM   685 C  C4    . A   B 2 3  ? -13.816 -9.873  3.848   0.250 24.322 0  3   A   C C4    1 ? 
ATOM   686 P  P     . A   B 2 4  ? -18.951 -5.927  2.261   0.250 23.974 0  4   A   C P     1 ? 
ATOM   687 O  OP1   . A   B 2 4  ? -20.107 -6.860  2.487   0.250 23.762 -1 4   A   C OP1   1 ? 
ATOM   688 O  OP2   . A   B 2 4  ? -18.802 -5.310  0.898   0.250 23.950 0  4   A   C OP2   1 ? 
ATOM   689 O  "O5'" . A   B 2 4  ? -18.954 -4.770  3.374   0.250 23.558 0  4   A   C "O5'" 1 ? 
ATOM   690 C  "C5'" . A   B 2 4  ? -19.846 -3.636  3.234   0.250 23.411 0  4   A   C "C5'" 1 ? 
ATOM   691 C  "C4'" . A   B 2 4  ? -20.087 -3.032  4.595   0.250 23.564 0  4   A   C "C4'" 1 ? 
ATOM   692 O  "O4'" . A   B 2 4  ? -20.722 -4.019  5.449   0.250 23.548 0  4   A   C "O4'" 1 ? 
ATOM   693 C  "C3'" . A   B 2 4  ? -18.836 -2.622  5.357   0.250 23.782 0  4   A   C "C3'" 1 ? 
ATOM   694 O  "O3'" . A   B 2 4  ? -19.151 -1.697  6.386   0.250 23.651 0  4   A   C "O3'" 1 ? 
ATOM   695 C  "C2'" . A   B 2 4  ? -18.461 -3.942  6.022   0.250 23.936 0  4   A   C "C2'" 1 ? 
ATOM   696 O  "O2'" . A   B 2 4  ? -17.545 -3.782  7.083   0.250 24.620 0  4   A   C "O2'" 1 ? 
ATOM   697 C  "C1'" . A   B 2 4  ? -19.847 -4.361  6.501   0.250 24.044 0  4   A   C "C1'" 1 ? 
ATOM   698 N  N9    . A   B 2 4  ? -20.024 -5.777  6.791   0.250 24.097 0  4   A   C N9    1 ? 
ATOM   699 C  C8    . A   B 2 4  ? -20.138 -6.811  5.895   0.250 24.136 0  4   A   C C8    1 ? 
ATOM   700 N  N7    . A   B 2 4  ? -20.307 -7.971  6.486   0.250 24.358 0  4   A   C N7    1 ? 
ATOM   701 C  C5    . A   B 2 4  ? -20.310 -7.678  7.845   0.250 24.724 0  4   A   C C5    1 ? 
ATOM   702 C  C6    . A   B 2 4  ? -20.449 -8.482  8.991   0.250 25.107 0  4   A   C C6    1 ? 
ATOM   703 N  N6    . A   B 2 4  ? -20.630 -9.800  8.954   0.250 25.871 0  4   A   C N6    1 ? 
ATOM   704 N  N1    . A   B 2 4  ? -20.399 -7.862  10.194  0.250 25.574 0  4   A   C N1    1 ? 
ATOM   705 C  C2    . A   B 2 4  ? -20.218 -6.533  10.225  0.250 25.203 0  4   A   C C2    1 ? 
ATOM   706 N  N3    . A   B 2 4  ? -20.081 -5.679  9.216   0.250 24.988 0  4   A   C N3    1 ? 
ATOM   707 C  C4    . A   B 2 4  ? -20.133 -6.326  8.040   0.250 24.504 0  4   A   C C4    1 ? 
HETATM 708 C  C     . ACE C 3 .  ? -13.848 -6.691  9.446   0.250 21.169 0  201 ACE A C     1 ? 
HETATM 709 O  O     . ACE C 3 .  ? -14.003 -5.513  9.380   0.250 20.610 0  201 ACE A O     1 ? 
HETATM 710 C  CH3   . ACE C 3 .  ? -13.381 -7.346  10.737  0.250 21.458 0  201 ACE A CH3   1 ? 
HETATM 711 C  C     . ACE D 3 .  ? -6.215  8.479   2.711   1.000 47.956 0  202 ACE A C     1 ? 
HETATM 712 O  O     . ACE D 3 .  ? -7.137  8.730   1.999   1.000 48.342 0  202 ACE A O     1 ? 
HETATM 713 C  CH3   . ACE D 3 .  ? -6.187  8.952   4.155   1.000 48.802 0  202 ACE A CH3   1 ? 
HETATM 714 NA NA    . NA  E 4 .  ? -15.848 -2.051  2.603   0.250 28.319 0  101 NA  C NA    1 ? 
HETATM 715 O  O     . HOH F 5 .  ? -14.220 -3.669  9.186   0.250 4.075  0  301 HOH A O     1 ? 
HETATM 716 O  O     . HOH F 5 .  ? 3.232   1.959   9.553   1.000 32.824 0  302 HOH A O     1 ? 
HETATM 717 O  O     . HOH F 5 .  ? -5.437  -13.920 1.157   1.000 33.657 0  303 HOH A O     1 ? 
HETATM 718 O  O     . HOH F 5 .  ? -13.540 -0.462  -3.549  1.000 32.882 0  304 HOH A O     1 ? 
HETATM 719 O  O     . HOH F 5 .  ? 1.984   5.916   1.768   1.000 37.562 0  305 HOH A O     1 ? 
HETATM 720 O  O     . HOH F 5 .  ? -4.322  -7.487  -9.587  1.000 52.895 0  306 HOH A O     1 ? 
HETATM 721 O  O     . HOH F 5 .  ? -9.150  -3.233  -8.881  1.000 54.293 0  307 HOH A O     1 ? 
HETATM 722 O  O     . HOH F 5 .  ? 3.840   -3.498  -12.106 1.000 49.568 0  308 HOH A O     1 ? 
HETATM 723 O  O     . HOH F 5 .  ? -3.726  10.360  5.506   1.000 44.165 0  309 HOH A O     1 ? 
HETATM 724 O  O     . HOH F 5 .  ? 7.848   5.902   1.852   1.000 54.076 0  310 HOH A O     1 ? 
HETATM 725 O  O     . HOH F 5 .  ? -13.264 -3.132  -6.186  1.000 34.116 0  311 HOH A O     1 ? 
HETATM 726 O  O     . HOH F 5 .  ? 3.578   7.675   -12.575 1.000 64.811 0  312 HOH A O     1 ? 
HETATM 727 O  O     . HOH F 5 .  ? -5.541  8.657   7.283   1.000 38.823 0  313 HOH A O     1 ? 
HETATM 728 O  O     . HOH F 5 .  ? 2.399   -0.551  -11.034 1.000 33.282 0  314 HOH A O     1 ? 
HETATM 729 O  O     . HOH F 5 .  ? -11.880 2.655   -6.992  1.000 52.456 0  315 HOH A O     1 ? 
HETATM 730 O  O     . HOH F 5 .  ? -1.540  -2.893  -6.217  1.000 42.110 0  316 HOH A O     1 ? 
HETATM 731 O  O     . HOH F 5 .  ? -9.440  7.747   -7.526  1.000 60.186 0  317 HOH A O     1 ? 
HETATM 732 O  O     . HOH F 5 .  ? -3.690  13.561  4.594   1.000 42.060 0  318 HOH A O     1 ? 
HETATM 733 O  O     . HOH F 5 .  ? -2.498  -8.926  11.429  1.000 45.377 0  319 HOH A O     1 ? 
HETATM 734 O  O     . HOH F 5 .  ? 2.007   -9.946  -2.573  1.000 56.514 0  320 HOH A O     1 ? 
HETATM 735 O  O     . HOH F 5 .  ? 5.101   -2.461  15.251  1.000 45.926 0  321 HOH A O     1 ? 
HETATM 736 O  O     . HOH F 5 .  ? 2.290   5.009   4.714   1.000 40.946 0  322 HOH A O     1 ? 
HETATM 737 O  O     . HOH F 5 .  ? 12.998  -2.367  -2.420  1.000 60.386 0  323 HOH A O     1 ? 
HETATM 738 O  O     . HOH F 5 .  ? -2.405  2.743   14.203  1.000 51.700 0  324 HOH A O     1 ? 
HETATM 739 O  O     . HOH F 5 .  ? -5.699  -5.556  -11.845 1.000 67.781 0  325 HOH A O     1 ? 
HETATM 740 O  O     . HOH F 5 .  ? 4.862   0.940   -12.789 1.000 69.206 0  326 HOH A O     1 ? 
HETATM 741 O  O     . HOH F 5 .  ? -9.623  7.572   -1.451  1.000 61.630 0  327 HOH A O     1 ? 
HETATM 742 O  O     . HOH F 5 .  ? -3.902  12.326  11.867  1.000 60.311 0  328 HOH A O     1 ? 
HETATM 743 O  O     . HOH F 5 .  ? -9.477  -9.802  12.791  1.000 38.867 0  329 HOH A O     1 ? 
HETATM 744 O  O     . HOH F 5 .  ? 3.207   -6.542  -8.415  1.000 32.847 0  330 HOH A O     1 ? 
HETATM 745 O  O     . HOH F 5 .  ? -1.039  -14.293 5.398   1.000 49.466 0  331 HOH A O     1 ? 
HETATM 746 O  O     . HOH F 5 .  ? 3.206   -14.267 6.887   1.000 57.029 0  332 HOH A O     1 ? 
HETATM 747 O  O     . HOH F 5 .  ? 12.764  -4.412  -5.420  1.000 60.191 0  333 HOH A O     1 ? 
HETATM 748 O  O     . HOH F 5 .  ? -1.751  -9.083  -2.092  1.000 45.808 0  334 HOH A O     1 ? 
HETATM 749 O  O     . HOH F 5 .  ? 4.874   3.652   11.043  1.000 38.279 0  335 HOH A O     1 ? 
HETATM 750 O  O     . HOH F 5 .  ? -13.821 5.027   -3.056  1.000 72.845 0  336 HOH A O     1 ? 
HETATM 751 O  O     . HOH F 5 .  ? 10.695  -5.674  -6.990  1.000 59.900 0  337 HOH A O     1 ? 
HETATM 752 O  O     . HOH F 5 .  ? 2.233   -8.892  -9.582  1.000 48.607 0  338 HOH A O     1 ? 
HETATM 753 O  O     . HOH F 5 .  ? 3.834   5.109   14.072  1.000 50.352 0  339 HOH A O     1 ? 
HETATM 754 O  O     . HOH G 5 .  ? -13.924 -1.698  -0.141  1.000 24.283 0  201 HOH C O     1 ? 
HETATM 755 O  O     . HOH G 5 .  ? -11.486 -0.715  9.068   1.000 23.526 0  202 HOH C O     1 ? 
HETATM 756 O  O     . HOH G 5 .  ? -20.628 -0.931  9.168   1.000 24.610 0  203 HOH C O     1 ? 
HETATM 757 O  O     . HOH G 5 .  ? -9.180  -10.557 2.393   1.000 20.176 0  204 HOH C O     1 ? 
HETATM 758 O  O     . HOH G 5 .  ? -15.239 -3.428  4.668   0.250 29.449 0  205 HOH C O     1 ? 
HETATM 759 O  O     . HOH G 5 .  ? -15.435 -0.433  -1.749  1.000 39.889 0  206 HOH C O     1 ? 
# 
